data_7HOB
# 
_entry.id   7HOB 
# 
_audit_conform.dict_name       mmcif_pdbx.dic 
_audit_conform.dict_version    5.399 
_audit_conform.dict_location   http://mmcif.pdb.org/dictionaries/ascii/mmcif_pdbx.dic 
# 
loop_
_database_2.database_id 
_database_2.database_code 
_database_2.pdbx_database_accession 
_database_2.pdbx_DOI 
PDB   7HOB         pdb_00007hob 10.2210/pdb7hob/pdb 
WWPDB D_1001407725 ?            ?                   
# 
_pdbx_audit_revision_history.ordinal             1 
_pdbx_audit_revision_history.data_content_type   'Structure model' 
_pdbx_audit_revision_history.major_revision      1 
_pdbx_audit_revision_history.minor_revision      0 
_pdbx_audit_revision_history.revision_date       2024-11-27 
# 
_pdbx_audit_revision_details.ordinal             1 
_pdbx_audit_revision_details.revision_ordinal    1 
_pdbx_audit_revision_details.data_content_type   'Structure model' 
_pdbx_audit_revision_details.provider            repository 
_pdbx_audit_revision_details.type                'Initial release' 
_pdbx_audit_revision_details.description         ? 
_pdbx_audit_revision_details.details             ? 
# 
_pdbx_database_status.entry_id                        7HOB 
_pdbx_database_status.status_code                     REL 
_pdbx_database_status.status_code_sf                  REL 
_pdbx_database_status.status_code_mr                  ? 
_pdbx_database_status.status_code_cs                  ? 
_pdbx_database_status.recvd_initial_deposition_date   2024-11-05 
_pdbx_database_status.status_code_nmr_data            ? 
_pdbx_database_status.deposit_site                    RCSB 
_pdbx_database_status.process_site                    RCSB 
_pdbx_database_status.SG_entry                        ? 
_pdbx_database_status.pdb_format_compatible           Y 
_pdbx_database_status.methods_development_category    ? 
# 
_pdbx_contact_author.id                 1 
_pdbx_contact_author.email              knapp@pharmchem.uni-frankfurt.de 
_pdbx_contact_author.name_first         Stefan 
_pdbx_contact_author.name_last          Knapp 
_pdbx_contact_author.role               'principal investigator/group leader' 
_pdbx_contact_author.identifier_ORCID   0000-0001-5995-6494 
_pdbx_contact_author.name_mi            ? 
# 
loop_
_audit_author.name 
_audit_author.pdbx_ordinal 
_audit_author.identifier_ORCID 
'Kim, Y.'                              1 ? 
'Marples, P.'                          2 ? 
'Fearon, D.'                           3 ? 
'von Delft, F.'                        4 ? 
'Knapp, S.'                            5 ? 
'Kraemer, A.'                          6 ? 
'Structural Genomics Consortium (SGC)' 7 ? 
# 
_citation.id                        primary 
_citation.title                     'PanDDA analysis group deposition of ground-state model' 
_citation.journal_abbrev            'To Be Published' 
_citation.journal_volume            ? 
_citation.page_first                ? 
_citation.page_last                 ? 
_citation.year                      ? 
_citation.journal_id_ASTM           ? 
_citation.country                   ? 
_citation.journal_id_ISSN           ? 
_citation.journal_id_CSD            0353 
_citation.book_publisher            ? 
_citation.pdbx_database_id_PubMed   ? 
_citation.pdbx_database_id_DOI      ? 
# 
loop_
_citation_author.citation_id 
_citation_author.name 
_citation_author.identifier_ORCID 
_citation_author.ordinal 
primary 'Kim, Y.'                              ? 1 
primary 'Marples, P.'                          ? 2 
primary 'Fearon, D.'                           ? 3 
primary 'von Delft, F.'                        ? 4 
primary 'Knapp, S.'                            ? 5 
primary 'Kraemer, A.'                          ? 6 
primary 'Structural Genomics Consortium (SGC)' ? 7 
# 
loop_
_entity.id 
_entity.type 
_entity.src_method 
_entity.pdbx_description 
_entity.formula_weight 
_entity.pdbx_number_of_molecules 
_entity.pdbx_ec 
_entity.pdbx_mutation 
_entity.pdbx_fragment 
_entity.details 
1 polymer     man 'E3 ubiquitin-protein ligase TRIM21' 21596.361 1   2.3.2.27 ? ? ? 
2 non-polymer syn 1,2-ETHANEDIOL                       62.068    2   ?        ? ? ? 
3 non-polymer syn 'SULFATE ION'                        96.063    1   ?        ? ? ? 
4 water       nat water                                18.015    149 ?        ? ? ? 
# 
_entity_name_com.entity_id   1 
_entity_name_com.name        
;52 kDa Ro protein,52 kDa ribonucleoprotein autoantigen Ro/SS-A,Ro(SS-A),Sjoegren syndrome type A antigen,SS-A,Tripartite motif-containing protein 21
;
# 
_entity_poly.entity_id                      1 
_entity_poly.type                           'polypeptide(L)' 
_entity_poly.nstd_linkage                   no 
_entity_poly.nstd_monomer                   no 
_entity_poly.pdbx_seq_one_letter_code       
;MHHHHHHMVHITLDRNTANSWLIISKDRRQVRMGDTHQNVSDNKERFSNYPMVLGAQRFSSGKMYWEVDVTQKEAWDLGV
CRDSVQRKGQFSLSPENGFWTIWLWQDSYEAGTSPQTTLHIQVPPCQIGIFVDYEAGVVSFYNITDHGSLIYTFSECVFA
GPLRPFFNVGFNYSGGNAAPLKLCPLKM
;
_entity_poly.pdbx_seq_one_letter_code_can   
;MHHHHHHMVHITLDRNTANSWLIISKDRRQVRMGDTHQNVSDNKERFSNYPMVLGAQRFSSGKMYWEVDVTQKEAWDLGV
CRDSVQRKGQFSLSPENGFWTIWLWQDSYEAGTSPQTTLHIQVPPCQIGIFVDYEAGVVSFYNITDHGSLIYTFSECVFA
GPLRPFFNVGFNYSGGNAAPLKLCPLKM
;
_entity_poly.pdbx_strand_id                 B 
_entity_poly.pdbx_target_identifier         ? 
# 
loop_
_pdbx_entity_nonpoly.entity_id 
_pdbx_entity_nonpoly.name 
_pdbx_entity_nonpoly.comp_id 
2 1,2-ETHANEDIOL EDO 
3 'SULFATE ION'  SO4 
4 water          HOH 
# 
loop_
_entity_poly_seq.entity_id 
_entity_poly_seq.num 
_entity_poly_seq.mon_id 
_entity_poly_seq.hetero 
1 1   MET n 
1 2   HIS n 
1 3   HIS n 
1 4   HIS n 
1 5   HIS n 
1 6   HIS n 
1 7   HIS n 
1 8   MET n 
1 9   VAL n 
1 10  HIS n 
1 11  ILE n 
1 12  THR n 
1 13  LEU n 
1 14  ASP n 
1 15  ARG n 
1 16  ASN n 
1 17  THR n 
1 18  ALA n 
1 19  ASN n 
1 20  SER n 
1 21  TRP n 
1 22  LEU n 
1 23  ILE n 
1 24  ILE n 
1 25  SER n 
1 26  LYS n 
1 27  ASP n 
1 28  ARG n 
1 29  ARG n 
1 30  GLN n 
1 31  VAL n 
1 32  ARG n 
1 33  MET n 
1 34  GLY n 
1 35  ASP n 
1 36  THR n 
1 37  HIS n 
1 38  GLN n 
1 39  ASN n 
1 40  VAL n 
1 41  SER n 
1 42  ASP n 
1 43  ASN n 
1 44  LYS n 
1 45  GLU n 
1 46  ARG n 
1 47  PHE n 
1 48  SER n 
1 49  ASN n 
1 50  TYR n 
1 51  PRO n 
1 52  MET n 
1 53  VAL n 
1 54  LEU n 
1 55  GLY n 
1 56  ALA n 
1 57  GLN n 
1 58  ARG n 
1 59  PHE n 
1 60  SER n 
1 61  SER n 
1 62  GLY n 
1 63  LYS n 
1 64  MET n 
1 65  TYR n 
1 66  TRP n 
1 67  GLU n 
1 68  VAL n 
1 69  ASP n 
1 70  VAL n 
1 71  THR n 
1 72  GLN n 
1 73  LYS n 
1 74  GLU n 
1 75  ALA n 
1 76  TRP n 
1 77  ASP n 
1 78  LEU n 
1 79  GLY n 
1 80  VAL n 
1 81  CYS n 
1 82  ARG n 
1 83  ASP n 
1 84  SER n 
1 85  VAL n 
1 86  GLN n 
1 87  ARG n 
1 88  LYS n 
1 89  GLY n 
1 90  GLN n 
1 91  PHE n 
1 92  SER n 
1 93  LEU n 
1 94  SER n 
1 95  PRO n 
1 96  GLU n 
1 97  ASN n 
1 98  GLY n 
1 99  PHE n 
1 100 TRP n 
1 101 THR n 
1 102 ILE n 
1 103 TRP n 
1 104 LEU n 
1 105 TRP n 
1 106 GLN n 
1 107 ASP n 
1 108 SER n 
1 109 TYR n 
1 110 GLU n 
1 111 ALA n 
1 112 GLY n 
1 113 THR n 
1 114 SER n 
1 115 PRO n 
1 116 GLN n 
1 117 THR n 
1 118 THR n 
1 119 LEU n 
1 120 HIS n 
1 121 ILE n 
1 122 GLN n 
1 123 VAL n 
1 124 PRO n 
1 125 PRO n 
1 126 CYS n 
1 127 GLN n 
1 128 ILE n 
1 129 GLY n 
1 130 ILE n 
1 131 PHE n 
1 132 VAL n 
1 133 ASP n 
1 134 TYR n 
1 135 GLU n 
1 136 ALA n 
1 137 GLY n 
1 138 VAL n 
1 139 VAL n 
1 140 SER n 
1 141 PHE n 
1 142 TYR n 
1 143 ASN n 
1 144 ILE n 
1 145 THR n 
1 146 ASP n 
1 147 HIS n 
1 148 GLY n 
1 149 SER n 
1 150 LEU n 
1 151 ILE n 
1 152 TYR n 
1 153 THR n 
1 154 PHE n 
1 155 SER n 
1 156 GLU n 
1 157 CYS n 
1 158 VAL n 
1 159 PHE n 
1 160 ALA n 
1 161 GLY n 
1 162 PRO n 
1 163 LEU n 
1 164 ARG n 
1 165 PRO n 
1 166 PHE n 
1 167 PHE n 
1 168 ASN n 
1 169 VAL n 
1 170 GLY n 
1 171 PHE n 
1 172 ASN n 
1 173 TYR n 
1 174 SER n 
1 175 GLY n 
1 176 GLY n 
1 177 ASN n 
1 178 ALA n 
1 179 ALA n 
1 180 PRO n 
1 181 LEU n 
1 182 LYS n 
1 183 LEU n 
1 184 CYS n 
1 185 PRO n 
1 186 LEU n 
1 187 LYS n 
1 188 MET n 
# 
_entity_src_gen.entity_id                          1 
_entity_src_gen.pdbx_src_id                        1 
_entity_src_gen.pdbx_alt_source_flag               sample 
_entity_src_gen.pdbx_seq_type                      'Biological sequence' 
_entity_src_gen.pdbx_beg_seq_num                   1 
_entity_src_gen.pdbx_end_seq_num                   188 
_entity_src_gen.gene_src_common_name               'house mouse' 
_entity_src_gen.gene_src_genus                     ? 
_entity_src_gen.pdbx_gene_src_gene                 'Trim21, Ro52, Ssa1' 
_entity_src_gen.gene_src_species                   ? 
_entity_src_gen.gene_src_strain                    ? 
_entity_src_gen.gene_src_tissue                    ? 
_entity_src_gen.gene_src_tissue_fraction           ? 
_entity_src_gen.gene_src_details                   ? 
_entity_src_gen.pdbx_gene_src_fragment             ? 
_entity_src_gen.pdbx_gene_src_scientific_name      'Mus musculus' 
_entity_src_gen.pdbx_gene_src_ncbi_taxonomy_id     10090 
_entity_src_gen.pdbx_gene_src_variant              ? 
_entity_src_gen.pdbx_gene_src_cell_line            ? 
_entity_src_gen.pdbx_gene_src_atcc                 ? 
_entity_src_gen.pdbx_gene_src_organ                ? 
_entity_src_gen.pdbx_gene_src_organelle            ? 
_entity_src_gen.pdbx_gene_src_cell                 ? 
_entity_src_gen.pdbx_gene_src_cellular_location    ? 
_entity_src_gen.host_org_common_name               ? 
_entity_src_gen.pdbx_host_org_scientific_name      'Escherichia coli' 
_entity_src_gen.pdbx_host_org_ncbi_taxonomy_id     562 
_entity_src_gen.host_org_genus                     ? 
_entity_src_gen.pdbx_host_org_gene                 ? 
_entity_src_gen.pdbx_host_org_organ                ? 
_entity_src_gen.host_org_species                   ? 
_entity_src_gen.pdbx_host_org_tissue               ? 
_entity_src_gen.pdbx_host_org_tissue_fraction      ? 
_entity_src_gen.pdbx_host_org_strain               ? 
_entity_src_gen.pdbx_host_org_variant              ? 
_entity_src_gen.pdbx_host_org_cell_line            ? 
_entity_src_gen.pdbx_host_org_atcc                 ? 
_entity_src_gen.pdbx_host_org_culture_collection   ? 
_entity_src_gen.pdbx_host_org_cell                 ? 
_entity_src_gen.pdbx_host_org_organelle            ? 
_entity_src_gen.pdbx_host_org_cellular_location    ? 
_entity_src_gen.pdbx_host_org_vector_type          ? 
_entity_src_gen.pdbx_host_org_vector               ? 
_entity_src_gen.host_org_details                   ? 
_entity_src_gen.expression_system_id               ? 
_entity_src_gen.plasmid_name                       ? 
_entity_src_gen.plasmid_details                    ? 
_entity_src_gen.pdbx_description                   ? 
# 
loop_
_chem_comp.id 
_chem_comp.type 
_chem_comp.mon_nstd_flag 
_chem_comp.name 
_chem_comp.pdbx_synonyms 
_chem_comp.formula 
_chem_comp.formula_weight 
ALA 'L-peptide linking' y ALANINE         ?                 'C3 H7 N O2'     89.093  
ARG 'L-peptide linking' y ARGININE        ?                 'C6 H15 N4 O2 1' 175.209 
ASN 'L-peptide linking' y ASPARAGINE      ?                 'C4 H8 N2 O3'    132.118 
ASP 'L-peptide linking' y 'ASPARTIC ACID' ?                 'C4 H7 N O4'     133.103 
CYS 'L-peptide linking' y CYSTEINE        ?                 'C3 H7 N O2 S'   121.158 
EDO non-polymer         . 1,2-ETHANEDIOL  'ETHYLENE GLYCOL' 'C2 H6 O2'       62.068  
GLN 'L-peptide linking' y GLUTAMINE       ?                 'C5 H10 N2 O3'   146.144 
GLU 'L-peptide linking' y 'GLUTAMIC ACID' ?                 'C5 H9 N O4'     147.129 
GLY 'peptide linking'   y GLYCINE         ?                 'C2 H5 N O2'     75.067  
HIS 'L-peptide linking' y HISTIDINE       ?                 'C6 H10 N3 O2 1' 156.162 
HOH non-polymer         . WATER           ?                 'H2 O'           18.015  
ILE 'L-peptide linking' y ISOLEUCINE      ?                 'C6 H13 N O2'    131.173 
LEU 'L-peptide linking' y LEUCINE         ?                 'C6 H13 N O2'    131.173 
LYS 'L-peptide linking' y LYSINE          ?                 'C6 H15 N2 O2 1' 147.195 
MET 'L-peptide linking' y METHIONINE      ?                 'C5 H11 N O2 S'  149.211 
PHE 'L-peptide linking' y PHENYLALANINE   ?                 'C9 H11 N O2'    165.189 
PRO 'L-peptide linking' y PROLINE         ?                 'C5 H9 N O2'     115.130 
SER 'L-peptide linking' y SERINE          ?                 'C3 H7 N O3'     105.093 
SO4 non-polymer         . 'SULFATE ION'   ?                 'O4 S -2'        96.063  
THR 'L-peptide linking' y THREONINE       ?                 'C4 H9 N O3'     119.119 
TRP 'L-peptide linking' y TRYPTOPHAN      ?                 'C11 H12 N2 O2'  204.225 
TYR 'L-peptide linking' y TYROSINE        ?                 'C9 H11 N O3'    181.189 
VAL 'L-peptide linking' y VALINE          ?                 'C5 H11 N O2'    117.146 
# 
loop_
_pdbx_poly_seq_scheme.asym_id 
_pdbx_poly_seq_scheme.entity_id 
_pdbx_poly_seq_scheme.seq_id 
_pdbx_poly_seq_scheme.mon_id 
_pdbx_poly_seq_scheme.ndb_seq_num 
_pdbx_poly_seq_scheme.pdb_seq_num 
_pdbx_poly_seq_scheme.auth_seq_num 
_pdbx_poly_seq_scheme.pdb_mon_id 
_pdbx_poly_seq_scheme.auth_mon_id 
_pdbx_poly_seq_scheme.pdb_strand_id 
_pdbx_poly_seq_scheme.pdb_ins_code 
_pdbx_poly_seq_scheme.hetero 
A 1 1   MET 1   7   ?   ?   ?   B . n 
A 1 2   HIS 2   8   8   HIS HIS B . n 
A 1 3   HIS 3   9   9   HIS HIS B . n 
A 1 4   HIS 4   10  10  HIS HIS B . n 
A 1 5   HIS 5   11  11  HIS HIS B . n 
A 1 6   HIS 6   12  12  HIS HIS B . n 
A 1 7   HIS 7   13  13  HIS HIS B . n 
A 1 8   MET 8   14  14  MET MET B . n 
A 1 9   VAL 9   15  15  VAL VAL B . n 
A 1 10  HIS 10  16  16  HIS HIS B . n 
A 1 11  ILE 11  17  17  ILE ILE B . n 
A 1 12  THR 12  18  18  THR THR B . n 
A 1 13  LEU 13  19  19  LEU LEU B . n 
A 1 14  ASP 14  20  20  ASP ASP B . n 
A 1 15  ARG 15  21  21  ARG ARG B . n 
A 1 16  ASN 16  22  22  ASN ASN B . n 
A 1 17  THR 17  23  23  THR THR B . n 
A 1 18  ALA 18  24  24  ALA ALA B . n 
A 1 19  ASN 19  25  25  ASN ASN B . n 
A 1 20  SER 20  26  26  SER SER B . n 
A 1 21  TRP 21  27  27  TRP TRP B . n 
A 1 22  LEU 22  28  28  LEU LEU B . n 
A 1 23  ILE 23  29  29  ILE ILE B . n 
A 1 24  ILE 24  30  30  ILE ILE B . n 
A 1 25  SER 25  31  31  SER SER B . n 
A 1 26  LYS 26  32  32  LYS LYS B . n 
A 1 27  ASP 27  33  33  ASP ASP B . n 
A 1 28  ARG 28  34  34  ARG ARG B . n 
A 1 29  ARG 29  35  35  ARG ARG B . n 
A 1 30  GLN 30  36  36  GLN GLN B . n 
A 1 31  VAL 31  37  37  VAL VAL B . n 
A 1 32  ARG 32  38  38  ARG ARG B . n 
A 1 33  MET 33  39  39  MET MET B . n 
A 1 34  GLY 34  40  40  GLY GLY B . n 
A 1 35  ASP 35  41  41  ASP ASP B . n 
A 1 36  THR 36  42  42  THR THR B . n 
A 1 37  HIS 37  43  43  HIS HIS B . n 
A 1 38  GLN 38  44  44  GLN GLN B . n 
A 1 39  ASN 39  45  45  ASN ASN B . n 
A 1 40  VAL 40  46  46  VAL VAL B . n 
A 1 41  SER 41  47  47  SER SER B . n 
A 1 42  ASP 42  48  48  ASP ASP B . n 
A 1 43  ASN 43  49  49  ASN ASN B . n 
A 1 44  LYS 44  50  50  LYS LYS B . n 
A 1 45  GLU 45  51  51  GLU GLU B . n 
A 1 46  ARG 46  52  52  ARG ARG B . n 
A 1 47  PHE 47  53  53  PHE PHE B . n 
A 1 48  SER 48  54  54  SER SER B . n 
A 1 49  ASN 49  55  55  ASN ASN B . n 
A 1 50  TYR 50  56  56  TYR TYR B . n 
A 1 51  PRO 51  57  57  PRO PRO B . n 
A 1 52  MET 52  58  58  MET MET B . n 
A 1 53  VAL 53  59  59  VAL VAL B . n 
A 1 54  LEU 54  60  60  LEU LEU B . n 
A 1 55  GLY 55  61  61  GLY GLY B . n 
A 1 56  ALA 56  62  62  ALA ALA B . n 
A 1 57  GLN 57  63  63  GLN GLN B . n 
A 1 58  ARG 58  64  64  ARG ARG B . n 
A 1 59  PHE 59  65  65  PHE PHE B . n 
A 1 60  SER 60  66  66  SER SER B . n 
A 1 61  SER 61  67  67  SER SER B . n 
A 1 62  GLY 62  68  68  GLY GLY B . n 
A 1 63  LYS 63  69  69  LYS LYS B . n 
A 1 64  MET 64  70  70  MET MET B . n 
A 1 65  TYR 65  71  71  TYR TYR B . n 
A 1 66  TRP 66  72  72  TRP TRP B . n 
A 1 67  GLU 67  73  73  GLU GLU B . n 
A 1 68  VAL 68  74  74  VAL VAL B . n 
A 1 69  ASP 69  75  75  ASP ASP B . n 
A 1 70  VAL 70  76  76  VAL VAL B . n 
A 1 71  THR 71  77  77  THR THR B . n 
A 1 72  GLN 72  78  78  GLN GLN B . n 
A 1 73  LYS 73  79  79  LYS LYS B . n 
A 1 74  GLU 74  80  80  GLU GLU B . n 
A 1 75  ALA 75  81  81  ALA ALA B . n 
A 1 76  TRP 76  82  82  TRP TRP B . n 
A 1 77  ASP 77  83  83  ASP ASP B . n 
A 1 78  LEU 78  84  84  LEU LEU B . n 
A 1 79  GLY 79  85  85  GLY GLY B . n 
A 1 80  VAL 80  86  86  VAL VAL B . n 
A 1 81  CYS 81  87  87  CYS CYS B . n 
A 1 82  ARG 82  88  88  ARG ARG B . n 
A 1 83  ASP 83  89  89  ASP ASP B . n 
A 1 84  SER 84  90  90  SER SER B . n 
A 1 85  VAL 85  91  91  VAL VAL B . n 
A 1 86  GLN 86  92  92  GLN GLN B . n 
A 1 87  ARG 87  93  93  ARG ARG B . n 
A 1 88  LYS 88  94  94  LYS LYS B . n 
A 1 89  GLY 89  95  95  GLY GLY B . n 
A 1 90  GLN 90  96  96  GLN GLN B . n 
A 1 91  PHE 91  97  97  PHE PHE B . n 
A 1 92  SER 92  98  98  SER SER B . n 
A 1 93  LEU 93  99  99  LEU LEU B . n 
A 1 94  SER 94  100 100 SER SER B . n 
A 1 95  PRO 95  101 101 PRO PRO B . n 
A 1 96  GLU 96  102 102 GLU GLU B . n 
A 1 97  ASN 97  103 103 ASN ASN B . n 
A 1 98  GLY 98  104 104 GLY GLY B . n 
A 1 99  PHE 99  105 105 PHE PHE B . n 
A 1 100 TRP 100 106 106 TRP TRP B . n 
A 1 101 THR 101 107 107 THR THR B . n 
A 1 102 ILE 102 108 108 ILE ILE B . n 
A 1 103 TRP 103 109 109 TRP TRP B . n 
A 1 104 LEU 104 110 110 LEU LEU B . n 
A 1 105 TRP 105 111 111 TRP TRP B . n 
A 1 106 GLN 106 112 112 GLN GLN B . n 
A 1 107 ASP 107 113 113 ASP ASP B . n 
A 1 108 SER 108 114 114 SER SER B . n 
A 1 109 TYR 109 115 115 TYR TYR B . n 
A 1 110 GLU 110 116 116 GLU GLU B . n 
A 1 111 ALA 111 117 117 ALA ALA B . n 
A 1 112 GLY 112 118 118 GLY GLY B . n 
A 1 113 THR 113 119 119 THR THR B . n 
A 1 114 SER 114 120 120 SER SER B . n 
A 1 115 PRO 115 121 121 PRO PRO B . n 
A 1 116 GLN 116 122 122 GLN GLN B . n 
A 1 117 THR 117 123 123 THR THR B . n 
A 1 118 THR 118 124 124 THR THR B . n 
A 1 119 LEU 119 125 125 LEU LEU B . n 
A 1 120 HIS 120 126 126 HIS HIS B . n 
A 1 121 ILE 121 127 127 ILE ILE B . n 
A 1 122 GLN 122 128 128 GLN GLN B . n 
A 1 123 VAL 123 129 129 VAL VAL B . n 
A 1 124 PRO 124 130 130 PRO PRO B . n 
A 1 125 PRO 125 131 131 PRO PRO B . n 
A 1 126 CYS 126 132 132 CYS CYS B . n 
A 1 127 GLN 127 133 133 GLN GLN B . n 
A 1 128 ILE 128 134 134 ILE ILE B . n 
A 1 129 GLY 129 135 135 GLY GLY B . n 
A 1 130 ILE 130 136 136 ILE ILE B . n 
A 1 131 PHE 131 137 137 PHE PHE B . n 
A 1 132 VAL 132 138 138 VAL VAL B . n 
A 1 133 ASP 133 139 139 ASP ASP B . n 
A 1 134 TYR 134 140 140 TYR TYR B . n 
A 1 135 GLU 135 141 141 GLU GLU B . n 
A 1 136 ALA 136 142 142 ALA ALA B . n 
A 1 137 GLY 137 143 143 GLY GLY B . n 
A 1 138 VAL 138 144 144 VAL VAL B . n 
A 1 139 VAL 139 145 145 VAL VAL B . n 
A 1 140 SER 140 146 146 SER SER B . n 
A 1 141 PHE 141 147 147 PHE PHE B . n 
A 1 142 TYR 142 148 148 TYR TYR B . n 
A 1 143 ASN 143 149 149 ASN ASN B . n 
A 1 144 ILE 144 150 150 ILE ILE B . n 
A 1 145 THR 145 151 151 THR THR B . n 
A 1 146 ASP 146 152 152 ASP ASP B . n 
A 1 147 HIS 147 153 153 HIS HIS B . n 
A 1 148 GLY 148 154 154 GLY GLY B . n 
A 1 149 SER 149 155 155 SER SER B . n 
A 1 150 LEU 150 156 156 LEU LEU B . n 
A 1 151 ILE 151 157 157 ILE ILE B . n 
A 1 152 TYR 152 158 158 TYR TYR B . n 
A 1 153 THR 153 159 159 THR THR B . n 
A 1 154 PHE 154 160 160 PHE PHE B . n 
A 1 155 SER 155 161 161 SER SER B . n 
A 1 156 GLU 156 162 162 GLU GLU B . n 
A 1 157 CYS 157 163 163 CYS CYS B . n 
A 1 158 VAL 158 164 164 VAL VAL B . n 
A 1 159 PHE 159 165 165 PHE PHE B . n 
A 1 160 ALA 160 166 166 ALA ALA B . n 
A 1 161 GLY 161 167 167 GLY GLY B . n 
A 1 162 PRO 162 168 168 PRO PRO B . n 
A 1 163 LEU 163 169 169 LEU LEU B . n 
A 1 164 ARG 164 170 170 ARG ARG B . n 
A 1 165 PRO 165 171 171 PRO PRO B . n 
A 1 166 PHE 166 172 172 PHE PHE B . n 
A 1 167 PHE 167 173 173 PHE PHE B . n 
A 1 168 ASN 168 174 174 ASN ASN B . n 
A 1 169 VAL 169 175 175 VAL VAL B . n 
A 1 170 GLY 170 176 176 GLY GLY B . n 
A 1 171 PHE 171 177 177 PHE PHE B . n 
A 1 172 ASN 172 178 178 ASN ASN B . n 
A 1 173 TYR 173 179 179 TYR TYR B . n 
A 1 174 SER 174 180 180 SER SER B . n 
A 1 175 GLY 175 181 181 GLY GLY B . n 
A 1 176 GLY 176 182 182 GLY GLY B . n 
A 1 177 ASN 177 183 183 ASN ASN B . n 
A 1 178 ALA 178 184 184 ALA ALA B . n 
A 1 179 ALA 179 185 185 ALA ALA B . n 
A 1 180 PRO 180 186 186 PRO PRO B . n 
A 1 181 LEU 181 187 187 LEU LEU B . n 
A 1 182 LYS 182 188 188 LYS LYS B . n 
A 1 183 LEU 183 189 189 LEU LEU B . n 
A 1 184 CYS 184 190 190 CYS CYS B . n 
A 1 185 PRO 185 191 191 PRO PRO B . n 
A 1 186 LEU 186 192 192 LEU LEU B . n 
A 1 187 LYS 187 193 ?   ?   ?   B . n 
A 1 188 MET 188 194 ?   ?   ?   B . n 
# 
loop_
_pdbx_nonpoly_scheme.asym_id 
_pdbx_nonpoly_scheme.entity_id 
_pdbx_nonpoly_scheme.mon_id 
_pdbx_nonpoly_scheme.ndb_seq_num 
_pdbx_nonpoly_scheme.pdb_seq_num 
_pdbx_nonpoly_scheme.auth_seq_num 
_pdbx_nonpoly_scheme.pdb_mon_id 
_pdbx_nonpoly_scheme.auth_mon_id 
_pdbx_nonpoly_scheme.pdb_strand_id 
_pdbx_nonpoly_scheme.pdb_ins_code 
B 2 EDO 1   201 202 EDO EDO B . 
C 2 EDO 1   202 305 EDO EDO B . 
D 3 SO4 1   203 1   SO4 SO4 B . 
E 4 HOH 1   301 75  HOH HOH B . 
E 4 HOH 2   302 4   HOH HOH B . 
E 4 HOH 3   303 12  HOH HOH B . 
E 4 HOH 4   304 11  HOH HOH B . 
E 4 HOH 5   305 29  HOH HOH B . 
E 4 HOH 6   306 26  HOH HOH B . 
E 4 HOH 7   307 2   HOH HOH B . 
E 4 HOH 8   308 21  HOH HOH B . 
E 4 HOH 9   309 107 HOH HOH B . 
E 4 HOH 10  310 40  HOH HOH B . 
E 4 HOH 11  311 99  HOH HOH B . 
E 4 HOH 12  312 1   HOH HOH B . 
E 4 HOH 13  313 33  HOH HOH B . 
E 4 HOH 14  314 34  HOH HOH B . 
E 4 HOH 15  315 95  HOH HOH B . 
E 4 HOH 16  316 5   HOH HOH B . 
E 4 HOH 17  317 27  HOH HOH B . 
E 4 HOH 18  318 102 HOH HOH B . 
E 4 HOH 19  319 25  HOH HOH B . 
E 4 HOH 20  320 90  HOH HOH B . 
E 4 HOH 21  321 16  HOH HOH B . 
E 4 HOH 22  322 63  HOH HOH B . 
E 4 HOH 23  323 9   HOH HOH B . 
E 4 HOH 24  324 68  HOH HOH B . 
E 4 HOH 25  325 10  HOH HOH B . 
E 4 HOH 26  326 11  HOH HOH B . 
E 4 HOH 27  327 36  HOH HOH B . 
E 4 HOH 28  328 51  HOH HOH B . 
E 4 HOH 29  329 100 HOH HOH B . 
E 4 HOH 30  330 28  HOH HOH B . 
E 4 HOH 31  331 80  HOH HOH B . 
E 4 HOH 32  332 39  HOH HOH B . 
E 4 HOH 33  333 81  HOH HOH B . 
E 4 HOH 34  334 27  HOH HOH B . 
E 4 HOH 35  335 157 HOH HOH B . 
E 4 HOH 36  336 2   HOH HOH B . 
E 4 HOH 37  337 70  HOH HOH B . 
E 4 HOH 38  338 18  HOH HOH B . 
E 4 HOH 39  339 26  HOH HOH B . 
E 4 HOH 40  340 31  HOH HOH B . 
E 4 HOH 41  341 72  HOH HOH B . 
E 4 HOH 42  342 20  HOH HOH B . 
E 4 HOH 43  343 86  HOH HOH B . 
E 4 HOH 44  344 10  HOH HOH B . 
E 4 HOH 45  345 214 HOH HOH B . 
E 4 HOH 46  346 22  HOH HOH B . 
E 4 HOH 47  347 50  HOH HOH B . 
E 4 HOH 48  348 129 HOH HOH B . 
E 4 HOH 49  349 7   HOH HOH B . 
E 4 HOH 50  350 267 HOH HOH B . 
E 4 HOH 51  351 184 HOH HOH B . 
E 4 HOH 52  352 58  HOH HOH B . 
E 4 HOH 53  353 16  HOH HOH B . 
E 4 HOH 54  354 126 HOH HOH B . 
E 4 HOH 55  355 15  HOH HOH B . 
E 4 HOH 56  356 62  HOH HOH B . 
E 4 HOH 57  357 55  HOH HOH B . 
E 4 HOH 58  358 19  HOH HOH B . 
E 4 HOH 59  359 29  HOH HOH B . 
E 4 HOH 60  360 6   HOH HOH B . 
E 4 HOH 61  361 1   HOH HOH B . 
E 4 HOH 62  362 89  HOH HOH B . 
E 4 HOH 63  363 17  HOH HOH B . 
E 4 HOH 64  364 47  HOH HOH B . 
E 4 HOH 65  365 85  HOH HOH B . 
E 4 HOH 66  366 61  HOH HOH B . 
E 4 HOH 67  367 3   HOH HOH B . 
E 4 HOH 68  368 304 HOH HOH B . 
E 4 HOH 69  369 4   HOH HOH B . 
E 4 HOH 70  370 59  HOH HOH B . 
E 4 HOH 71  371 73  HOH HOH B . 
E 4 HOH 72  372 25  HOH HOH B . 
E 4 HOH 73  373 93  HOH HOH B . 
E 4 HOH 74  374 8   HOH HOH B . 
E 4 HOH 75  375 66  HOH HOH B . 
E 4 HOH 76  376 211 HOH HOH B . 
E 4 HOH 77  377 82  HOH HOH B . 
E 4 HOH 78  378 71  HOH HOH B . 
E 4 HOH 79  379 3   HOH HOH B . 
E 4 HOH 80  380 14  HOH HOH B . 
E 4 HOH 81  381 76  HOH HOH B . 
E 4 HOH 82  382 172 HOH HOH B . 
E 4 HOH 83  383 48  HOH HOH B . 
E 4 HOH 84  384 13  HOH HOH B . 
E 4 HOH 85  385 9   HOH HOH B . 
E 4 HOH 86  386 116 HOH HOH B . 
E 4 HOH 87  387 264 HOH HOH B . 
E 4 HOH 88  388 43  HOH HOH B . 
E 4 HOH 89  389 60  HOH HOH B . 
E 4 HOH 90  390 45  HOH HOH B . 
E 4 HOH 91  391 33  HOH HOH B . 
E 4 HOH 92  392 137 HOH HOH B . 
E 4 HOH 93  393 32  HOH HOH B . 
E 4 HOH 94  394 46  HOH HOH B . 
E 4 HOH 95  395 303 HOH HOH B . 
E 4 HOH 96  396 24  HOH HOH B . 
E 4 HOH 97  397 281 HOH HOH B . 
E 4 HOH 98  398 56  HOH HOH B . 
E 4 HOH 99  399 97  HOH HOH B . 
E 4 HOH 100 400 18  HOH HOH B . 
E 4 HOH 101 401 12  HOH HOH B . 
E 4 HOH 102 402 22  HOH HOH B . 
E 4 HOH 103 403 49  HOH HOH B . 
E 4 HOH 104 404 7   HOH HOH B . 
E 4 HOH 105 405 32  HOH HOH B . 
E 4 HOH 106 406 64  HOH HOH B . 
E 4 HOH 107 407 125 HOH HOH B . 
E 4 HOH 108 408 23  HOH HOH B . 
E 4 HOH 109 409 57  HOH HOH B . 
E 4 HOH 110 410 8   HOH HOH B . 
E 4 HOH 111 411 133 HOH HOH B . 
E 4 HOH 112 412 140 HOH HOH B . 
E 4 HOH 113 413 30  HOH HOH B . 
E 4 HOH 114 414 54  HOH HOH B . 
E 4 HOH 115 415 38  HOH HOH B . 
E 4 HOH 116 416 257 HOH HOH B . 
E 4 HOH 117 417 120 HOH HOH B . 
E 4 HOH 118 418 42  HOH HOH B . 
E 4 HOH 119 419 112 HOH HOH B . 
E 4 HOH 120 420 20  HOH HOH B . 
E 4 HOH 121 421 15  HOH HOH B . 
E 4 HOH 122 422 154 HOH HOH B . 
E 4 HOH 123 423 41  HOH HOH B . 
E 4 HOH 124 424 69  HOH HOH B . 
E 4 HOH 125 425 44  HOH HOH B . 
E 4 HOH 126 426 5   HOH HOH B . 
E 4 HOH 127 427 53  HOH HOH B . 
E 4 HOH 128 428 263 HOH HOH B . 
E 4 HOH 129 429 103 HOH HOH B . 
E 4 HOH 130 430 156 HOH HOH B . 
E 4 HOH 131 431 19  HOH HOH B . 
E 4 HOH 132 432 197 HOH HOH B . 
E 4 HOH 133 433 30  HOH HOH B . 
E 4 HOH 134 434 266 HOH HOH B . 
E 4 HOH 135 435 114 HOH HOH B . 
E 4 HOH 136 436 23  HOH HOH B . 
E 4 HOH 137 437 115 HOH HOH B . 
E 4 HOH 138 438 21  HOH HOH B . 
E 4 HOH 139 439 13  HOH HOH B . 
E 4 HOH 140 440 31  HOH HOH B . 
E 4 HOH 141 441 98  HOH HOH B . 
E 4 HOH 142 442 104 HOH HOH B . 
E 4 HOH 143 443 127 HOH HOH B . 
E 4 HOH 144 444 205 HOH HOH B . 
E 4 HOH 145 445 166 HOH HOH B . 
E 4 HOH 146 446 14  HOH HOH B . 
E 4 HOH 147 447 131 HOH HOH B . 
E 4 HOH 148 448 270 HOH HOH B . 
E 4 HOH 149 449 259 HOH HOH B . 
# 
loop_
_pdbx_unobs_or_zero_occ_atoms.id 
_pdbx_unobs_or_zero_occ_atoms.PDB_model_num 
_pdbx_unobs_or_zero_occ_atoms.polymer_flag 
_pdbx_unobs_or_zero_occ_atoms.occupancy_flag 
_pdbx_unobs_or_zero_occ_atoms.auth_asym_id 
_pdbx_unobs_or_zero_occ_atoms.auth_comp_id 
_pdbx_unobs_or_zero_occ_atoms.auth_seq_id 
_pdbx_unobs_or_zero_occ_atoms.PDB_ins_code 
_pdbx_unobs_or_zero_occ_atoms.auth_atom_id 
_pdbx_unobs_or_zero_occ_atoms.label_alt_id 
_pdbx_unobs_or_zero_occ_atoms.label_asym_id 
_pdbx_unobs_or_zero_occ_atoms.label_comp_id 
_pdbx_unobs_or_zero_occ_atoms.label_seq_id 
_pdbx_unobs_or_zero_occ_atoms.label_atom_id 
1 1 Y 1 B LEU 192 ? CG  ? A LEU 186 CG  
2 1 Y 1 B LEU 192 ? CD1 ? A LEU 186 CD1 
3 1 Y 1 B LEU 192 ? CD2 ? A LEU 186 CD2 
# 
loop_
_software.pdbx_ordinal 
_software.name 
_software.version 
_software.date 
_software.type 
_software.contact_author 
_software.contact_author_email 
_software.classification 
_software.location 
_software.language 
_software.citation_id 
1 REFMAC      5.8.0267 ?               program 'Garib N. Murshudov' garib@ysbl.york.ac.uk    refinement        
http://www.ccp4.ac.uk/dist/html/refmac5.html        Fortran_77 ? 
2 Aimless     .        ?               program 'Phil Evans'         ?                        'data scaling'    
http://www.mrc-lmb.cam.ac.uk/harry/pre/aimless.html ?          ? 
3 PDB_EXTRACT 3.23     'SEP. 23, 2016' package PDB                  deposit@deposit.rcsb.org 'data extraction' 
http://sw-tools.pdb.org/apps/PDB_EXTRACT/           C++        ? 
4 XDS         .        ?               program ?                    ?                        'data reduction'  ? ?          ? 
5 REFMAC      .        ?               program ?                    ?                        phasing           ? ?          ? 
# 
_cell.entry_id           7HOB 
_cell.length_a           95.338 
_cell.length_b           95.338 
_cell.length_c           45.752 
_cell.angle_alpha        90.000 
_cell.angle_beta         90.000 
_cell.angle_gamma        90.000 
_cell.Z_PDB              8 
_cell.pdbx_unique_axis   ? 
# 
_symmetry.entry_id                         7HOB 
_symmetry.space_group_name_H-M             'I 4' 
_symmetry.pdbx_full_space_group_name_H-M   ? 
_symmetry.cell_setting                     ? 
_symmetry.Int_Tables_number                79 
# 
_exptl.crystals_number   1 
_exptl.entry_id          7HOB 
_exptl.method            'X-RAY DIFFRACTION' 
# 
_exptl_crystal.id                    1 
_exptl_crystal.density_meas          ? 
_exptl_crystal.density_Matthews      2.41 
_exptl_crystal.density_percent_sol   48.90 
_exptl_crystal.description           ? 
# 
_exptl_crystal_grow.crystal_id      1 
_exptl_crystal_grow.method          'VAPOR DIFFUSION, SITTING DROP' 
_exptl_crystal_grow.pH              8 
_exptl_crystal_grow.temp            293 
_exptl_crystal_grow.pdbx_details    '4 % PEG 400, 2 M AmmSO4, 0.1 M HEPES pH 8' 
_exptl_crystal_grow.temp_details    ? 
_exptl_crystal_grow.pdbx_pH_range   ? 
# 
_diffrn.id                     1 
_diffrn.ambient_temp           100 
_diffrn.crystal_id             1 
_diffrn.ambient_temp_details   ? 
# 
_diffrn_detector.detector               PIXEL 
_diffrn_detector.type                   'DECTRIS EIGER2 XE 9M' 
_diffrn_detector.pdbx_collection_date   2024-07-04 
_diffrn_detector.diffrn_id              1 
_diffrn_detector.details                ? 
# 
_diffrn_radiation.diffrn_id                        1 
_diffrn_radiation.wavelength_id                    1 
_diffrn_radiation.pdbx_diffrn_protocol             'SINGLE WAVELENGTH' 
_diffrn_radiation.pdbx_monochromatic_or_laue_m_l   ? 
_diffrn_radiation.monochromator                    ? 
_diffrn_radiation.pdbx_scattering_type             x-ray 
# 
_diffrn_radiation_wavelength.id           1 
_diffrn_radiation_wavelength.wavelength   0.92134 
_diffrn_radiation_wavelength.wt           1.0 
# 
_diffrn_source.diffrn_id                   1 
_diffrn_source.source                      SYNCHROTRON 
_diffrn_source.type                        'DIAMOND BEAMLINE I04-1' 
_diffrn_source.pdbx_wavelength_list        0.92134 
_diffrn_source.pdbx_synchrotron_site       Diamond 
_diffrn_source.pdbx_synchrotron_beamline   I04-1 
_diffrn_source.pdbx_wavelength             ? 
# 
_reflns.entry_id                     7HOB 
_reflns.pdbx_diffrn_id               1 
_reflns.pdbx_ordinal                 1 
_reflns.observed_criterion_sigma_I   ? 
_reflns.observed_criterion_sigma_F   ? 
_reflns.d_resolution_low             33.720 
_reflns.d_resolution_high            1.150 
_reflns.number_obs                   59061 
_reflns.number_all                   ? 
_reflns.percent_possible_obs         85.100 
_reflns.pdbx_Rmerge_I_obs            0.040 
_reflns.pdbx_Rsym_value              ? 
_reflns.pdbx_netI_over_sigmaI        33.100 
_reflns.B_iso_Wilson_estimate        ? 
_reflns.pdbx_redundancy              ? 
_reflns.pdbx_Rrim_I_all              ? 
_reflns.pdbx_Rpim_I_all              ? 
_reflns.pdbx_CC_half                 1.000 
_reflns.pdbx_netI_over_av_sigmaI     ? 
_reflns.pdbx_number_measured_all     ? 
_reflns.pdbx_scaling_rejects         ? 
_reflns.pdbx_chi_squared             ? 
_reflns.Rmerge_F_all                 ? 
_reflns.Rmerge_F_obs                 ? 
_reflns.observed_criterion_F_max     ? 
_reflns.observed_criterion_F_min     ? 
_reflns.observed_criterion_I_max     ? 
_reflns.observed_criterion_I_min     ? 
_reflns.pdbx_d_res_high_opt          ? 
_reflns.pdbx_d_res_low_opt           ? 
_reflns.details                      ? 
_reflns.pdbx_CC_star                 ? 
# 
loop_
_reflns_shell.pdbx_diffrn_id 
_reflns_shell.pdbx_ordinal 
_reflns_shell.d_res_high 
_reflns_shell.d_res_low 
_reflns_shell.number_measured_obs 
_reflns_shell.number_measured_all 
_reflns_shell.number_unique_obs 
_reflns_shell.pdbx_rejects 
_reflns_shell.Rmerge_I_obs 
_reflns_shell.meanI_over_sigI_obs 
_reflns_shell.pdbx_Rsym_value 
_reflns_shell.pdbx_chi_squared 
_reflns_shell.pdbx_redundancy 
_reflns_shell.percent_possible_obs 
_reflns_shell.pdbx_netI_over_sigmaI_obs 
_reflns_shell.number_possible 
_reflns_shell.number_unique_all 
_reflns_shell.Rmerge_F_all 
_reflns_shell.Rmerge_F_obs 
_reflns_shell.Rmerge_I_all 
_reflns_shell.meanI_over_sigI_all 
_reflns_shell.percent_possible_all 
_reflns_shell.pdbx_Rrim_I_all 
_reflns_shell.pdbx_Rpim_I_all 
_reflns_shell.pdbx_CC_half 
_reflns_shell.pdbx_CC_star 
1 1 1.150 1.170  ? ? 410  ? 0.298 ? ? ? ? ? 2.100  ? ? ? ? ? ? 11.400  ? ? 0.800 ? 
1 2 3.120 33.720 ? ? 3764 ? 0.035 ? ? ? ? ? 88.300 ? ? ? ? ? ? 100.000 ? ? 1.000 ? 
# 
_refine.entry_id                                 7HOB 
_refine.pdbx_refine_id                           'X-RAY DIFFRACTION' 
_refine.ls_d_res_high                            1.1500 
_refine.ls_d_res_low                             33.7300 
_refine.pdbx_ls_sigma_F                          0.000 
_refine.pdbx_data_cutoff_high_absF               ? 
_refine.pdbx_data_cutoff_low_absF                ? 
_refine.ls_percent_reflns_obs                    85.1000 
_refine.ls_number_reflns_obs                     59061 
_refine.ls_number_reflns_all                     ? 
_refine.pdbx_ls_cross_valid_method               THROUGHOUT 
_refine.ls_matrix_type                           ? 
_refine.pdbx_R_Free_selection_details            RANDOM 
_refine.details                                  
'HYDROGENS HAVE BEEN ADDED IN THE RIDING POSITIONS U VALUES      : REFINED INDIVIDUALLY' 
_refine.ls_R_factor_all                          ? 
_refine.ls_R_factor_obs                          0.1731 
_refine.ls_R_factor_R_work                       0.1725 
_refine.ls_wR_factor_R_work                      ? 
_refine.ls_R_factor_R_free                       0.1851 
_refine.ls_wR_factor_R_free                      ? 
_refine.ls_percent_reflns_R_free                 4.8000 
_refine.ls_number_reflns_R_free                  2997 
_refine.ls_number_reflns_R_work                  ? 
_refine.ls_R_factor_R_free_error                 ? 
_refine.B_iso_mean                               13.4650 
_refine.solvent_model_param_bsol                 ? 
_refine.solvent_model_param_ksol                 ? 
_refine.pdbx_isotropic_thermal_model             ? 
_refine.aniso_B[1][1]                            0.0300 
_refine.aniso_B[2][2]                            0.0300 
_refine.aniso_B[3][3]                            -0.0500 
_refine.aniso_B[1][2]                            -0.0000 
_refine.aniso_B[1][3]                            -0.0000 
_refine.aniso_B[2][3]                            -0.0000 
_refine.correlation_coeff_Fo_to_Fc               0.9680 
_refine.correlation_coeff_Fo_to_Fc_free          0.9660 
_refine.overall_SU_R_Cruickshank_DPI             ? 
_refine.pdbx_overall_SU_R_free_Cruickshank_DPI   ? 
_refine.pdbx_overall_SU_R_Blow_DPI               ? 
_refine.pdbx_overall_SU_R_free_Blow_DPI          ? 
_refine.overall_SU_R_free                        ? 
_refine.pdbx_overall_ESU_R                       0.0390 
_refine.pdbx_overall_ESU_R_Free                  0.0390 
_refine.overall_SU_ML                            0.0240 
_refine.overall_SU_B                             0.5170 
_refine.solvent_model_details                    MASK 
_refine.pdbx_solvent_vdw_probe_radii             1.2000 
_refine.pdbx_solvent_ion_probe_radii             0.8000 
_refine.pdbx_solvent_shrinkage_radii             0.8000 
_refine.ls_number_parameters                     ? 
_refine.ls_number_restraints                     ? 
_refine.pdbx_starting_model                      ? 
_refine.pdbx_method_to_determine_struct          'FOURIER SYNTHESIS' 
_refine.pdbx_stereochemistry_target_values       'MAXIMUM LIKELIHOOD' 
_refine.pdbx_stereochem_target_val_spec_case     ? 
_refine.overall_FOM_work_R_set                   ? 
_refine.B_iso_max                                60.840 
_refine.B_iso_min                                6.590 
_refine.pdbx_overall_phase_error                 ? 
_refine.occupancy_max                            ? 
_refine.occupancy_min                            ? 
_refine.pdbx_diffrn_id                           1 
_refine.pdbx_TLS_residual_ADP_flag               ? 
_refine.pdbx_ls_sigma_I                          ? 
_refine.pdbx_data_cutoff_high_rms_absF           ? 
_refine.ls_R_factor_R_free_error_details         ? 
# 
_refine_hist.cycle_id                         final 
_refine_hist.pdbx_refine_id                   'X-RAY DIFFRACTION' 
_refine_hist.d_res_high                       1.1500 
_refine_hist.d_res_low                        33.7300 
_refine_hist.pdbx_number_atoms_ligand         13 
_refine_hist.number_atoms_solvent             149 
_refine_hist.number_atoms_total               1655 
_refine_hist.pdbx_number_residues_total       185 
_refine_hist.pdbx_B_iso_mean_ligand           32.67 
_refine_hist.pdbx_B_iso_mean_solvent          23.62 
_refine_hist.pdbx_number_atoms_protein        1493 
_refine_hist.pdbx_number_atoms_nucleic_acid   0 
# 
loop_
_refine_ls_restr.pdbx_refine_id 
_refine_ls_restr.type 
_refine_ls_restr.number 
_refine_ls_restr.dev_ideal 
_refine_ls_restr.dev_ideal_target 
_refine_ls_restr.weight 
_refine_ls_restr.pdbx_restraint_function 
'X-RAY DIFFRACTION' r_bond_refined_d       1632 0.016  0.013  ? ? 
'X-RAY DIFFRACTION' r_bond_other_d         1440 0.001  0.015  ? ? 
'X-RAY DIFFRACTION' r_angle_refined_deg    2226 1.981  1.636  ? ? 
'X-RAY DIFFRACTION' r_angle_other_deg      3313 1.486  1.578  ? ? 
'X-RAY DIFFRACTION' r_dihedral_angle_1_deg 201  7.423  5.000  ? ? 
'X-RAY DIFFRACTION' r_dihedral_angle_2_deg 95   28.387 21.789 ? ? 
'X-RAY DIFFRACTION' r_dihedral_angle_3_deg 251  10.803 15.000 ? ? 
'X-RAY DIFFRACTION' r_dihedral_angle_4_deg 11   18.778 15.000 ? ? 
'X-RAY DIFFRACTION' r_chiral_restr         199  0.094  0.200  ? ? 
'X-RAY DIFFRACTION' r_gen_planes_refined   1922 0.012  0.020  ? ? 
'X-RAY DIFFRACTION' r_gen_planes_other     428  0.002  0.020  ? ? 
'X-RAY DIFFRACTION' r_mcbond_it            783  1.371  1.182  ? ? 
'X-RAY DIFFRACTION' r_mcbond_other         782  1.332  1.177  ? ? 
'X-RAY DIFFRACTION' r_mcangle_it           991  2.057  1.772  ? ? 
# 
_refine_ls_shell.d_res_high                       1.1500 
_refine_ls_shell.d_res_low                        1.1800 
_refine_ls_shell.pdbx_total_number_of_bins_used   20 
_refine_ls_shell.percent_reflns_obs               15.1700 
_refine_ls_shell.number_reflns_R_work             767 
_refine_ls_shell.R_factor_all                     ? 
_refine_ls_shell.R_factor_R_work                  0.2570 
_refine_ls_shell.R_factor_R_free                  0.2650 
_refine_ls_shell.percent_reflns_R_free            ? 
_refine_ls_shell.number_reflns_R_free             43 
_refine_ls_shell.R_factor_R_free_error            ? 
_refine_ls_shell.number_reflns_all                810 
_refine_ls_shell.number_reflns_obs                ? 
_refine_ls_shell.pdbx_refine_id                   'X-RAY DIFFRACTION' 
_refine_ls_shell.R_factor_obs                     ? 
# 
_struct.entry_id                  7HOB 
_struct.title                     'PanDDA analysis group deposition -- Crystal Structure of TRIM21, ground state' 
_struct.pdbx_model_details        ? 
_struct.pdbx_CASP_flag            ? 
_struct.pdbx_model_type_details   ? 
# 
_struct_keywords.entry_id        7HOB 
_struct_keywords.text            'SGC - Diamond I04-1 fragment screening, PanDDA, XChemExplorer, TRIM21, LIGASE' 
_struct_keywords.pdbx_keywords   LIGASE 
# 
loop_
_struct_asym.id 
_struct_asym.pdbx_blank_PDB_chainid_flag 
_struct_asym.pdbx_modified 
_struct_asym.entity_id 
_struct_asym.details 
A N N 1 ? 
B N N 2 ? 
C N N 2 ? 
D N N 3 ? 
E N N 4 ? 
# 
_struct_ref.id                         1 
_struct_ref.db_name                    UNP 
_struct_ref.db_code                    RO52_MOUSE 
_struct_ref.pdbx_db_accession          Q62191 
_struct_ref.pdbx_db_isoform            ? 
_struct_ref.entity_id                  1 
_struct_ref.pdbx_seq_one_letter_code   
;VHITLDRNTANSWLIISKDRRQVRMGDTHQNVSDNKERFSNYPMVLGAQRFSSGKMYWEVDVTQKEAWDLGVCRDSVQRK
GQFSLSPENGFWTIWLWQDSYEAGTSPQTTLHIQVPPCQIGIFVDYEAGVVSFYNITDHGSLIYTFSECVFAGPLRPFFN
VGFNYSGGNAAPLKLCPLKM
;
_struct_ref.pdbx_align_begin           291 
# 
_struct_ref_seq.align_id                      1 
_struct_ref_seq.ref_id                        1 
_struct_ref_seq.pdbx_PDB_id_code              7HOB 
_struct_ref_seq.pdbx_strand_id                B 
_struct_ref_seq.seq_align_beg                 9 
_struct_ref_seq.pdbx_seq_align_beg_ins_code   ? 
_struct_ref_seq.seq_align_end                 188 
_struct_ref_seq.pdbx_seq_align_end_ins_code   ? 
_struct_ref_seq.pdbx_db_accession             Q62191 
_struct_ref_seq.db_align_beg                  291 
_struct_ref_seq.pdbx_db_align_beg_ins_code    ? 
_struct_ref_seq.db_align_end                  470 
_struct_ref_seq.pdbx_db_align_end_ins_code    ? 
_struct_ref_seq.pdbx_auth_seq_align_beg       15 
_struct_ref_seq.pdbx_auth_seq_align_end       194 
# 
loop_
_struct_ref_seq_dif.align_id 
_struct_ref_seq_dif.pdbx_pdb_id_code 
_struct_ref_seq_dif.mon_id 
_struct_ref_seq_dif.pdbx_pdb_strand_id 
_struct_ref_seq_dif.seq_num 
_struct_ref_seq_dif.pdbx_pdb_ins_code 
_struct_ref_seq_dif.pdbx_seq_db_name 
_struct_ref_seq_dif.pdbx_seq_db_accession_code 
_struct_ref_seq_dif.db_mon_id 
_struct_ref_seq_dif.pdbx_seq_db_seq_num 
_struct_ref_seq_dif.details 
_struct_ref_seq_dif.pdbx_auth_seq_num 
_struct_ref_seq_dif.pdbx_ordinal 
1 7HOB MET B 1 ? UNP Q62191 ? ? 'initiating methionine' 7  1 
1 7HOB HIS B 2 ? UNP Q62191 ? ? 'expression tag'        8  2 
1 7HOB HIS B 3 ? UNP Q62191 ? ? 'expression tag'        9  3 
1 7HOB HIS B 4 ? UNP Q62191 ? ? 'expression tag'        10 4 
1 7HOB HIS B 5 ? UNP Q62191 ? ? 'expression tag'        11 5 
1 7HOB HIS B 6 ? UNP Q62191 ? ? 'expression tag'        12 6 
1 7HOB HIS B 7 ? UNP Q62191 ? ? 'expression tag'        13 7 
1 7HOB MET B 8 ? UNP Q62191 ? ? 'expression tag'        14 8 
# 
_pdbx_struct_assembly.id                   1 
_pdbx_struct_assembly.details              author_defined_assembly 
_pdbx_struct_assembly.method_details       ? 
_pdbx_struct_assembly.oligomeric_details   monomeric 
_pdbx_struct_assembly.oligomeric_count     1 
# 
_pdbx_struct_assembly_gen.assembly_id       1 
_pdbx_struct_assembly_gen.oper_expression   1 
_pdbx_struct_assembly_gen.asym_id_list      A,B,C,D,E 
# 
_pdbx_struct_oper_list.id                   1 
_pdbx_struct_oper_list.type                 'identity operation' 
_pdbx_struct_oper_list.name                 1_555 
_pdbx_struct_oper_list.symmetry_operation   x,y,z 
_pdbx_struct_oper_list.matrix[1][1]         1.0000000000 
_pdbx_struct_oper_list.matrix[1][2]         0.0000000000 
_pdbx_struct_oper_list.matrix[1][3]         0.0000000000 
_pdbx_struct_oper_list.vector[1]            0.0000000000 
_pdbx_struct_oper_list.matrix[2][1]         0.0000000000 
_pdbx_struct_oper_list.matrix[2][2]         1.0000000000 
_pdbx_struct_oper_list.matrix[2][3]         0.0000000000 
_pdbx_struct_oper_list.vector[2]            0.0000000000 
_pdbx_struct_oper_list.matrix[3][1]         0.0000000000 
_pdbx_struct_oper_list.matrix[3][2]         0.0000000000 
_pdbx_struct_oper_list.matrix[3][3]         1.0000000000 
_pdbx_struct_oper_list.vector[3]            0.0000000000 
# 
loop_
_struct_conf.conf_type_id 
_struct_conf.id 
_struct_conf.pdbx_PDB_helix_id 
_struct_conf.beg_label_comp_id 
_struct_conf.beg_label_asym_id 
_struct_conf.beg_label_seq_id 
_struct_conf.pdbx_beg_PDB_ins_code 
_struct_conf.end_label_comp_id 
_struct_conf.end_label_asym_id 
_struct_conf.end_label_seq_id 
_struct_conf.pdbx_end_PDB_ins_code 
_struct_conf.beg_auth_comp_id 
_struct_conf.beg_auth_asym_id 
_struct_conf.beg_auth_seq_id 
_struct_conf.end_auth_comp_id 
_struct_conf.end_auth_asym_id 
_struct_conf.end_auth_seq_id 
_struct_conf.pdbx_PDB_helix_class 
_struct_conf.details 
_struct_conf.pdbx_PDB_helix_length 
HELX_P HELX_P1 AA1 HIS A 4  ? MET A 8  ? HIS B 10  MET B 14  5 ? 5 
HELX_P HELX_P2 AA2 ASP A 14 ? ALA A 18 ? ASP B 20  ALA B 24  5 ? 5 
HELX_P HELX_P3 AA3 SER A 94 ? ASN A 97 ? SER B 100 ASN B 103 5 ? 4 
# 
_struct_conf_type.id          HELX_P 
_struct_conf_type.criteria    ? 
_struct_conf_type.reference   ? 
# 
_struct_mon_prot_cis.pdbx_id                1 
_struct_mon_prot_cis.label_comp_id          SER 
_struct_mon_prot_cis.label_seq_id           114 
_struct_mon_prot_cis.label_asym_id          A 
_struct_mon_prot_cis.label_alt_id           . 
_struct_mon_prot_cis.pdbx_PDB_ins_code      ? 
_struct_mon_prot_cis.auth_comp_id           SER 
_struct_mon_prot_cis.auth_seq_id            120 
_struct_mon_prot_cis.auth_asym_id           B 
_struct_mon_prot_cis.pdbx_label_comp_id_2   PRO 
_struct_mon_prot_cis.pdbx_label_seq_id_2    115 
_struct_mon_prot_cis.pdbx_label_asym_id_2   A 
_struct_mon_prot_cis.pdbx_PDB_ins_code_2    ? 
_struct_mon_prot_cis.pdbx_auth_comp_id_2    PRO 
_struct_mon_prot_cis.pdbx_auth_seq_id_2     121 
_struct_mon_prot_cis.pdbx_auth_asym_id_2    B 
_struct_mon_prot_cis.pdbx_PDB_model_num     1 
_struct_mon_prot_cis.pdbx_omega_angle       -1.60 
# 
loop_
_struct_sheet.id 
_struct_sheet.type 
_struct_sheet.number_strands 
_struct_sheet.details 
AA1 ? 7 ? 
AA2 ? 6 ? 
# 
loop_
_struct_sheet_order.sheet_id 
_struct_sheet_order.range_id_1 
_struct_sheet_order.range_id_2 
_struct_sheet_order.offset 
_struct_sheet_order.sense 
AA1 1 2 ? anti-parallel 
AA1 2 3 ? anti-parallel 
AA1 3 4 ? anti-parallel 
AA1 4 5 ? anti-parallel 
AA1 5 6 ? anti-parallel 
AA1 6 7 ? anti-parallel 
AA2 1 2 ? anti-parallel 
AA2 2 3 ? anti-parallel 
AA2 3 4 ? anti-parallel 
AA2 4 5 ? anti-parallel 
AA2 5 6 ? anti-parallel 
# 
loop_
_struct_sheet_range.sheet_id 
_struct_sheet_range.id 
_struct_sheet_range.beg_label_comp_id 
_struct_sheet_range.beg_label_asym_id 
_struct_sheet_range.beg_label_seq_id 
_struct_sheet_range.pdbx_beg_PDB_ins_code 
_struct_sheet_range.end_label_comp_id 
_struct_sheet_range.end_label_asym_id 
_struct_sheet_range.end_label_seq_id 
_struct_sheet_range.pdbx_end_PDB_ins_code 
_struct_sheet_range.beg_auth_comp_id 
_struct_sheet_range.beg_auth_asym_id 
_struct_sheet_range.beg_auth_seq_id 
_struct_sheet_range.end_auth_comp_id 
_struct_sheet_range.end_auth_asym_id 
_struct_sheet_range.end_auth_seq_id 
AA1 1 LEU A 22  ? ILE A 24  ? LEU B 28  ILE B 30  
AA1 2 GLN A 30  ? MET A 33  ? GLN B 36  MET B 39  
AA1 3 LEU A 181 ? LEU A 183 ? LEU B 187 LEU B 189 
AA1 4 LYS A 63  ? ASP A 69  ? LYS B 69  ASP B 75  
AA1 5 GLN A 127 ? ASP A 133 ? GLN B 133 ASP B 139 
AA1 6 VAL A 138 ? ASN A 143 ? VAL B 144 ASN B 149 
AA1 7 SER A 149 ? PHE A 154 ? SER B 155 PHE B 160 
AA2 1 MET A 52  ? LEU A 54  ? MET B 58  LEU B 60  
AA2 2 LEU A 163 ? ASN A 168 ? LEU B 169 ASN B 174 
AA2 3 TRP A 76  ? ARG A 82  ? TRP B 82  ARG B 88  
AA2 4 PHE A 99  ? TRP A 105 ? PHE B 105 TRP B 111 
AA2 5 SER A 108 ? ALA A 111 ? SER B 114 ALA B 117 
AA2 6 THR A 117 ? THR A 118 ? THR B 123 THR B 124 
# 
loop_
_pdbx_struct_sheet_hbond.sheet_id 
_pdbx_struct_sheet_hbond.range_id_1 
_pdbx_struct_sheet_hbond.range_id_2 
_pdbx_struct_sheet_hbond.range_1_label_atom_id 
_pdbx_struct_sheet_hbond.range_1_label_comp_id 
_pdbx_struct_sheet_hbond.range_1_label_asym_id 
_pdbx_struct_sheet_hbond.range_1_label_seq_id 
_pdbx_struct_sheet_hbond.range_1_PDB_ins_code 
_pdbx_struct_sheet_hbond.range_1_auth_atom_id 
_pdbx_struct_sheet_hbond.range_1_auth_comp_id 
_pdbx_struct_sheet_hbond.range_1_auth_asym_id 
_pdbx_struct_sheet_hbond.range_1_auth_seq_id 
_pdbx_struct_sheet_hbond.range_2_label_atom_id 
_pdbx_struct_sheet_hbond.range_2_label_comp_id 
_pdbx_struct_sheet_hbond.range_2_label_asym_id 
_pdbx_struct_sheet_hbond.range_2_label_seq_id 
_pdbx_struct_sheet_hbond.range_2_PDB_ins_code 
_pdbx_struct_sheet_hbond.range_2_auth_atom_id 
_pdbx_struct_sheet_hbond.range_2_auth_comp_id 
_pdbx_struct_sheet_hbond.range_2_auth_asym_id 
_pdbx_struct_sheet_hbond.range_2_auth_seq_id 
AA1 1 2 N ILE A 23  ? N ILE B 29  O ARG A 32  ? O ARG B 38  
AA1 2 3 N VAL A 31  ? N VAL B 37  O LEU A 181 ? O LEU B 187 
AA1 3 4 O LYS A 182 ? O LYS B 188 N ASP A 69  ? N ASP B 75  
AA1 4 5 N TRP A 66  ? N TRP B 72  O ILE A 130 ? O ILE B 136 
AA1 5 6 N PHE A 131 ? N PHE B 137 O SER A 140 ? O SER B 146 
AA1 6 7 N PHE A 141 ? N PHE B 147 O ILE A 151 ? O ILE B 157 
AA2 1 2 N VAL A 53  ? N VAL B 59  O PHE A 167 ? O PHE B 173 
AA2 2 3 O ARG A 164 ? O ARG B 170 N CYS A 81  ? N CYS B 87  
AA2 3 4 N VAL A 80  ? N VAL B 86  O TRP A 100 ? O TRP B 106 
AA2 4 5 N TRP A 103 ? N TRP B 109 O GLU A 110 ? O GLU B 116 
AA2 5 6 N ALA A 111 ? N ALA B 117 O THR A 117 ? O THR B 123 
# 
_pdbx_entry_details.entry_id                   7HOB 
_pdbx_entry_details.compound_details           ? 
_pdbx_entry_details.source_details             ? 
_pdbx_entry_details.nonpolymer_details         ? 
_pdbx_entry_details.sequence_details           ? 
_pdbx_entry_details.has_ligand_of_interest     ? 
_pdbx_entry_details.has_protein_modification   N 
# 
_pdbx_validate_close_contact.id               1 
_pdbx_validate_close_contact.PDB_model_num    1 
_pdbx_validate_close_contact.auth_atom_id_1   OE2 
_pdbx_validate_close_contact.auth_asym_id_1   B 
_pdbx_validate_close_contact.auth_comp_id_1   GLU 
_pdbx_validate_close_contact.auth_seq_id_1    116 
_pdbx_validate_close_contact.PDB_ins_code_1   ? 
_pdbx_validate_close_contact.label_alt_id_1   B 
_pdbx_validate_close_contact.auth_atom_id_2   O 
_pdbx_validate_close_contact.auth_asym_id_2   B 
_pdbx_validate_close_contact.auth_comp_id_2   HOH 
_pdbx_validate_close_contact.auth_seq_id_2    301 
_pdbx_validate_close_contact.PDB_ins_code_2   ? 
_pdbx_validate_close_contact.label_alt_id_2   ? 
_pdbx_validate_close_contact.dist             1.61 
# 
_pdbx_validate_rmsd_bond.id                        1 
_pdbx_validate_rmsd_bond.PDB_model_num             1 
_pdbx_validate_rmsd_bond.auth_atom_id_1            CD 
_pdbx_validate_rmsd_bond.auth_asym_id_1            B 
_pdbx_validate_rmsd_bond.auth_comp_id_1            GLU 
_pdbx_validate_rmsd_bond.auth_seq_id_1             141 
_pdbx_validate_rmsd_bond.PDB_ins_code_1            ? 
_pdbx_validate_rmsd_bond.label_alt_id_1            ? 
_pdbx_validate_rmsd_bond.auth_atom_id_2            OE1 
_pdbx_validate_rmsd_bond.auth_asym_id_2            B 
_pdbx_validate_rmsd_bond.auth_comp_id_2            GLU 
_pdbx_validate_rmsd_bond.auth_seq_id_2             141 
_pdbx_validate_rmsd_bond.PDB_ins_code_2            ? 
_pdbx_validate_rmsd_bond.label_alt_id_2            ? 
_pdbx_validate_rmsd_bond.bond_value                1.164 
_pdbx_validate_rmsd_bond.bond_target_value         1.252 
_pdbx_validate_rmsd_bond.bond_deviation            -0.088 
_pdbx_validate_rmsd_bond.bond_standard_deviation   0.011 
_pdbx_validate_rmsd_bond.linker_flag               N 
# 
loop_
_pdbx_validate_rmsd_angle.id 
_pdbx_validate_rmsd_angle.PDB_model_num 
_pdbx_validate_rmsd_angle.auth_atom_id_1 
_pdbx_validate_rmsd_angle.auth_asym_id_1 
_pdbx_validate_rmsd_angle.auth_comp_id_1 
_pdbx_validate_rmsd_angle.auth_seq_id_1 
_pdbx_validate_rmsd_angle.PDB_ins_code_1 
_pdbx_validate_rmsd_angle.label_alt_id_1 
_pdbx_validate_rmsd_angle.auth_atom_id_2 
_pdbx_validate_rmsd_angle.auth_asym_id_2 
_pdbx_validate_rmsd_angle.auth_comp_id_2 
_pdbx_validate_rmsd_angle.auth_seq_id_2 
_pdbx_validate_rmsd_angle.PDB_ins_code_2 
_pdbx_validate_rmsd_angle.label_alt_id_2 
_pdbx_validate_rmsd_angle.auth_atom_id_3 
_pdbx_validate_rmsd_angle.auth_asym_id_3 
_pdbx_validate_rmsd_angle.auth_comp_id_3 
_pdbx_validate_rmsd_angle.auth_seq_id_3 
_pdbx_validate_rmsd_angle.PDB_ins_code_3 
_pdbx_validate_rmsd_angle.label_alt_id_3 
_pdbx_validate_rmsd_angle.angle_value 
_pdbx_validate_rmsd_angle.angle_target_value 
_pdbx_validate_rmsd_angle.angle_deviation 
_pdbx_validate_rmsd_angle.angle_standard_deviation 
_pdbx_validate_rmsd_angle.linker_flag 
1 1 NE B ARG 34 ? ? CZ B ARG 34 ? ? NH1 B ARG 34 ? ? 123.70 120.30 3.40  0.50 N 
2 1 NE B ARG 38 ? ? CZ B ARG 38 ? ? NH2 B ARG 38 ? ? 117.27 120.30 -3.03 0.50 N 
3 1 CG B ARG 64 ? ? CD B ARG 64 ? ? NE  B ARG 64 ? ? 130.21 111.80 18.41 2.10 N 
# 
loop_
_pdbx_validate_torsion.id 
_pdbx_validate_torsion.PDB_model_num 
_pdbx_validate_torsion.auth_comp_id 
_pdbx_validate_torsion.auth_asym_id 
_pdbx_validate_torsion.auth_seq_id 
_pdbx_validate_torsion.PDB_ins_code 
_pdbx_validate_torsion.label_alt_id 
_pdbx_validate_torsion.phi 
_pdbx_validate_torsion.psi 
1 1 ASN B 45  ? ? 70.41   36.38 
2 1 ASP B 152 ? ? -103.32 53.41 
# 
_pdbx_struct_special_symmetry.id              1 
_pdbx_struct_special_symmetry.PDB_model_num   1 
_pdbx_struct_special_symmetry.auth_asym_id    B 
_pdbx_struct_special_symmetry.auth_comp_id    HOH 
_pdbx_struct_special_symmetry.auth_seq_id     435 
_pdbx_struct_special_symmetry.PDB_ins_code    ? 
_pdbx_struct_special_symmetry.label_asym_id   E 
_pdbx_struct_special_symmetry.label_comp_id   HOH 
_pdbx_struct_special_symmetry.label_seq_id    . 
# 
_phasing.method   MR 
# 
loop_
_pdbx_unobs_or_zero_occ_residues.id 
_pdbx_unobs_or_zero_occ_residues.PDB_model_num 
_pdbx_unobs_or_zero_occ_residues.polymer_flag 
_pdbx_unobs_or_zero_occ_residues.occupancy_flag 
_pdbx_unobs_or_zero_occ_residues.auth_asym_id 
_pdbx_unobs_or_zero_occ_residues.auth_comp_id 
_pdbx_unobs_or_zero_occ_residues.auth_seq_id 
_pdbx_unobs_or_zero_occ_residues.PDB_ins_code 
_pdbx_unobs_or_zero_occ_residues.label_asym_id 
_pdbx_unobs_or_zero_occ_residues.label_comp_id 
_pdbx_unobs_or_zero_occ_residues.label_seq_id 
1 1 Y 1 B MET 7   ? A MET 1   
2 1 Y 1 B LYS 193 ? A LYS 187 
3 1 Y 1 B MET 194 ? A MET 188 
# 
loop_
_chem_comp_atom.comp_id 
_chem_comp_atom.atom_id 
_chem_comp_atom.type_symbol 
_chem_comp_atom.pdbx_aromatic_flag 
_chem_comp_atom.pdbx_stereo_config 
_chem_comp_atom.pdbx_ordinal 
ALA N    N N N 1   
ALA CA   C N S 2   
ALA C    C N N 3   
ALA O    O N N 4   
ALA CB   C N N 5   
ALA OXT  O N N 6   
ALA H    H N N 7   
ALA H2   H N N 8   
ALA HA   H N N 9   
ALA HB1  H N N 10  
ALA HB2  H N N 11  
ALA HB3  H N N 12  
ALA HXT  H N N 13  
ARG N    N N N 14  
ARG CA   C N S 15  
ARG C    C N N 16  
ARG O    O N N 17  
ARG CB   C N N 18  
ARG CG   C N N 19  
ARG CD   C N N 20  
ARG NE   N N N 21  
ARG CZ   C N N 22  
ARG NH1  N N N 23  
ARG NH2  N N N 24  
ARG OXT  O N N 25  
ARG H    H N N 26  
ARG H2   H N N 27  
ARG HA   H N N 28  
ARG HB2  H N N 29  
ARG HB3  H N N 30  
ARG HG2  H N N 31  
ARG HG3  H N N 32  
ARG HD2  H N N 33  
ARG HD3  H N N 34  
ARG HE   H N N 35  
ARG HH11 H N N 36  
ARG HH12 H N N 37  
ARG HH21 H N N 38  
ARG HH22 H N N 39  
ARG HXT  H N N 40  
ASN N    N N N 41  
ASN CA   C N S 42  
ASN C    C N N 43  
ASN O    O N N 44  
ASN CB   C N N 45  
ASN CG   C N N 46  
ASN OD1  O N N 47  
ASN ND2  N N N 48  
ASN OXT  O N N 49  
ASN H    H N N 50  
ASN H2   H N N 51  
ASN HA   H N N 52  
ASN HB2  H N N 53  
ASN HB3  H N N 54  
ASN HD21 H N N 55  
ASN HD22 H N N 56  
ASN HXT  H N N 57  
ASP N    N N N 58  
ASP CA   C N S 59  
ASP C    C N N 60  
ASP O    O N N 61  
ASP CB   C N N 62  
ASP CG   C N N 63  
ASP OD1  O N N 64  
ASP OD2  O N N 65  
ASP OXT  O N N 66  
ASP H    H N N 67  
ASP H2   H N N 68  
ASP HA   H N N 69  
ASP HB2  H N N 70  
ASP HB3  H N N 71  
ASP HD2  H N N 72  
ASP HXT  H N N 73  
CYS N    N N N 74  
CYS CA   C N R 75  
CYS C    C N N 76  
CYS O    O N N 77  
CYS CB   C N N 78  
CYS SG   S N N 79  
CYS OXT  O N N 80  
CYS H    H N N 81  
CYS H2   H N N 82  
CYS HA   H N N 83  
CYS HB2  H N N 84  
CYS HB3  H N N 85  
CYS HG   H N N 86  
CYS HXT  H N N 87  
EDO C1   C N N 88  
EDO O1   O N N 89  
EDO C2   C N N 90  
EDO O2   O N N 91  
EDO H11  H N N 92  
EDO H12  H N N 93  
EDO HO1  H N N 94  
EDO H21  H N N 95  
EDO H22  H N N 96  
EDO HO2  H N N 97  
GLN N    N N N 98  
GLN CA   C N S 99  
GLN C    C N N 100 
GLN O    O N N 101 
GLN CB   C N N 102 
GLN CG   C N N 103 
GLN CD   C N N 104 
GLN OE1  O N N 105 
GLN NE2  N N N 106 
GLN OXT  O N N 107 
GLN H    H N N 108 
GLN H2   H N N 109 
GLN HA   H N N 110 
GLN HB2  H N N 111 
GLN HB3  H N N 112 
GLN HG2  H N N 113 
GLN HG3  H N N 114 
GLN HE21 H N N 115 
GLN HE22 H N N 116 
GLN HXT  H N N 117 
GLU N    N N N 118 
GLU CA   C N S 119 
GLU C    C N N 120 
GLU O    O N N 121 
GLU CB   C N N 122 
GLU CG   C N N 123 
GLU CD   C N N 124 
GLU OE1  O N N 125 
GLU OE2  O N N 126 
GLU OXT  O N N 127 
GLU H    H N N 128 
GLU H2   H N N 129 
GLU HA   H N N 130 
GLU HB2  H N N 131 
GLU HB3  H N N 132 
GLU HG2  H N N 133 
GLU HG3  H N N 134 
GLU HE2  H N N 135 
GLU HXT  H N N 136 
GLY N    N N N 137 
GLY CA   C N N 138 
GLY C    C N N 139 
GLY O    O N N 140 
GLY OXT  O N N 141 
GLY H    H N N 142 
GLY H2   H N N 143 
GLY HA2  H N N 144 
GLY HA3  H N N 145 
GLY HXT  H N N 146 
HIS N    N N N 147 
HIS CA   C N S 148 
HIS C    C N N 149 
HIS O    O N N 150 
HIS CB   C N N 151 
HIS CG   C Y N 152 
HIS ND1  N Y N 153 
HIS CD2  C Y N 154 
HIS CE1  C Y N 155 
HIS NE2  N Y N 156 
HIS OXT  O N N 157 
HIS H    H N N 158 
HIS H2   H N N 159 
HIS HA   H N N 160 
HIS HB2  H N N 161 
HIS HB3  H N N 162 
HIS HD1  H N N 163 
HIS HD2  H N N 164 
HIS HE1  H N N 165 
HIS HE2  H N N 166 
HIS HXT  H N N 167 
HOH O    O N N 168 
HOH H1   H N N 169 
HOH H2   H N N 170 
ILE N    N N N 171 
ILE CA   C N S 172 
ILE C    C N N 173 
ILE O    O N N 174 
ILE CB   C N S 175 
ILE CG1  C N N 176 
ILE CG2  C N N 177 
ILE CD1  C N N 178 
ILE OXT  O N N 179 
ILE H    H N N 180 
ILE H2   H N N 181 
ILE HA   H N N 182 
ILE HB   H N N 183 
ILE HG12 H N N 184 
ILE HG13 H N N 185 
ILE HG21 H N N 186 
ILE HG22 H N N 187 
ILE HG23 H N N 188 
ILE HD11 H N N 189 
ILE HD12 H N N 190 
ILE HD13 H N N 191 
ILE HXT  H N N 192 
LEU N    N N N 193 
LEU CA   C N S 194 
LEU C    C N N 195 
LEU O    O N N 196 
LEU CB   C N N 197 
LEU CG   C N N 198 
LEU CD1  C N N 199 
LEU CD2  C N N 200 
LEU OXT  O N N 201 
LEU H    H N N 202 
LEU H2   H N N 203 
LEU HA   H N N 204 
LEU HB2  H N N 205 
LEU HB3  H N N 206 
LEU HG   H N N 207 
LEU HD11 H N N 208 
LEU HD12 H N N 209 
LEU HD13 H N N 210 
LEU HD21 H N N 211 
LEU HD22 H N N 212 
LEU HD23 H N N 213 
LEU HXT  H N N 214 
LYS N    N N N 215 
LYS CA   C N S 216 
LYS C    C N N 217 
LYS O    O N N 218 
LYS CB   C N N 219 
LYS CG   C N N 220 
LYS CD   C N N 221 
LYS CE   C N N 222 
LYS NZ   N N N 223 
LYS OXT  O N N 224 
LYS H    H N N 225 
LYS H2   H N N 226 
LYS HA   H N N 227 
LYS HB2  H N N 228 
LYS HB3  H N N 229 
LYS HG2  H N N 230 
LYS HG3  H N N 231 
LYS HD2  H N N 232 
LYS HD3  H N N 233 
LYS HE2  H N N 234 
LYS HE3  H N N 235 
LYS HZ1  H N N 236 
LYS HZ2  H N N 237 
LYS HZ3  H N N 238 
LYS HXT  H N N 239 
MET N    N N N 240 
MET CA   C N S 241 
MET C    C N N 242 
MET O    O N N 243 
MET CB   C N N 244 
MET CG   C N N 245 
MET SD   S N N 246 
MET CE   C N N 247 
MET OXT  O N N 248 
MET H    H N N 249 
MET H2   H N N 250 
MET HA   H N N 251 
MET HB2  H N N 252 
MET HB3  H N N 253 
MET HG2  H N N 254 
MET HG3  H N N 255 
MET HE1  H N N 256 
MET HE2  H N N 257 
MET HE3  H N N 258 
MET HXT  H N N 259 
PHE N    N N N 260 
PHE CA   C N S 261 
PHE C    C N N 262 
PHE O    O N N 263 
PHE CB   C N N 264 
PHE CG   C Y N 265 
PHE CD1  C Y N 266 
PHE CD2  C Y N 267 
PHE CE1  C Y N 268 
PHE CE2  C Y N 269 
PHE CZ   C Y N 270 
PHE OXT  O N N 271 
PHE H    H N N 272 
PHE H2   H N N 273 
PHE HA   H N N 274 
PHE HB2  H N N 275 
PHE HB3  H N N 276 
PHE HD1  H N N 277 
PHE HD2  H N N 278 
PHE HE1  H N N 279 
PHE HE2  H N N 280 
PHE HZ   H N N 281 
PHE HXT  H N N 282 
PRO N    N N N 283 
PRO CA   C N S 284 
PRO C    C N N 285 
PRO O    O N N 286 
PRO CB   C N N 287 
PRO CG   C N N 288 
PRO CD   C N N 289 
PRO OXT  O N N 290 
PRO H    H N N 291 
PRO HA   H N N 292 
PRO HB2  H N N 293 
PRO HB3  H N N 294 
PRO HG2  H N N 295 
PRO HG3  H N N 296 
PRO HD2  H N N 297 
PRO HD3  H N N 298 
PRO HXT  H N N 299 
SER N    N N N 300 
SER CA   C N S 301 
SER C    C N N 302 
SER O    O N N 303 
SER CB   C N N 304 
SER OG   O N N 305 
SER OXT  O N N 306 
SER H    H N N 307 
SER H2   H N N 308 
SER HA   H N N 309 
SER HB2  H N N 310 
SER HB3  H N N 311 
SER HG   H N N 312 
SER HXT  H N N 313 
SO4 S    S N N 314 
SO4 O1   O N N 315 
SO4 O2   O N N 316 
SO4 O3   O N N 317 
SO4 O4   O N N 318 
THR N    N N N 319 
THR CA   C N S 320 
THR C    C N N 321 
THR O    O N N 322 
THR CB   C N R 323 
THR OG1  O N N 324 
THR CG2  C N N 325 
THR OXT  O N N 326 
THR H    H N N 327 
THR H2   H N N 328 
THR HA   H N N 329 
THR HB   H N N 330 
THR HG1  H N N 331 
THR HG21 H N N 332 
THR HG22 H N N 333 
THR HG23 H N N 334 
THR HXT  H N N 335 
TRP N    N N N 336 
TRP CA   C N S 337 
TRP C    C N N 338 
TRP O    O N N 339 
TRP CB   C N N 340 
TRP CG   C Y N 341 
TRP CD1  C Y N 342 
TRP CD2  C Y N 343 
TRP NE1  N Y N 344 
TRP CE2  C Y N 345 
TRP CE3  C Y N 346 
TRP CZ2  C Y N 347 
TRP CZ3  C Y N 348 
TRP CH2  C Y N 349 
TRP OXT  O N N 350 
TRP H    H N N 351 
TRP H2   H N N 352 
TRP HA   H N N 353 
TRP HB2  H N N 354 
TRP HB3  H N N 355 
TRP HD1  H N N 356 
TRP HE1  H N N 357 
TRP HE3  H N N 358 
TRP HZ2  H N N 359 
TRP HZ3  H N N 360 
TRP HH2  H N N 361 
TRP HXT  H N N 362 
TYR N    N N N 363 
TYR CA   C N S 364 
TYR C    C N N 365 
TYR O    O N N 366 
TYR CB   C N N 367 
TYR CG   C Y N 368 
TYR CD1  C Y N 369 
TYR CD2  C Y N 370 
TYR CE1  C Y N 371 
TYR CE2  C Y N 372 
TYR CZ   C Y N 373 
TYR OH   O N N 374 
TYR OXT  O N N 375 
TYR H    H N N 376 
TYR H2   H N N 377 
TYR HA   H N N 378 
TYR HB2  H N N 379 
TYR HB3  H N N 380 
TYR HD1  H N N 381 
TYR HD2  H N N 382 
TYR HE1  H N N 383 
TYR HE2  H N N 384 
TYR HH   H N N 385 
TYR HXT  H N N 386 
VAL N    N N N 387 
VAL CA   C N S 388 
VAL C    C N N 389 
VAL O    O N N 390 
VAL CB   C N N 391 
VAL CG1  C N N 392 
VAL CG2  C N N 393 
VAL OXT  O N N 394 
VAL H    H N N 395 
VAL H2   H N N 396 
VAL HA   H N N 397 
VAL HB   H N N 398 
VAL HG11 H N N 399 
VAL HG12 H N N 400 
VAL HG13 H N N 401 
VAL HG21 H N N 402 
VAL HG22 H N N 403 
VAL HG23 H N N 404 
VAL HXT  H N N 405 
# 
loop_
_chem_comp_bond.comp_id 
_chem_comp_bond.atom_id_1 
_chem_comp_bond.atom_id_2 
_chem_comp_bond.value_order 
_chem_comp_bond.pdbx_aromatic_flag 
_chem_comp_bond.pdbx_stereo_config 
_chem_comp_bond.pdbx_ordinal 
ALA N   CA   sing N N 1   
ALA N   H    sing N N 2   
ALA N   H2   sing N N 3   
ALA CA  C    sing N N 4   
ALA CA  CB   sing N N 5   
ALA CA  HA   sing N N 6   
ALA C   O    doub N N 7   
ALA C   OXT  sing N N 8   
ALA CB  HB1  sing N N 9   
ALA CB  HB2  sing N N 10  
ALA CB  HB3  sing N N 11  
ALA OXT HXT  sing N N 12  
ARG N   CA   sing N N 13  
ARG N   H    sing N N 14  
ARG N   H2   sing N N 15  
ARG CA  C    sing N N 16  
ARG CA  CB   sing N N 17  
ARG CA  HA   sing N N 18  
ARG C   O    doub N N 19  
ARG C   OXT  sing N N 20  
ARG CB  CG   sing N N 21  
ARG CB  HB2  sing N N 22  
ARG CB  HB3  sing N N 23  
ARG CG  CD   sing N N 24  
ARG CG  HG2  sing N N 25  
ARG CG  HG3  sing N N 26  
ARG CD  NE   sing N N 27  
ARG CD  HD2  sing N N 28  
ARG CD  HD3  sing N N 29  
ARG NE  CZ   sing N N 30  
ARG NE  HE   sing N N 31  
ARG CZ  NH1  sing N N 32  
ARG CZ  NH2  doub N N 33  
ARG NH1 HH11 sing N N 34  
ARG NH1 HH12 sing N N 35  
ARG NH2 HH21 sing N N 36  
ARG NH2 HH22 sing N N 37  
ARG OXT HXT  sing N N 38  
ASN N   CA   sing N N 39  
ASN N   H    sing N N 40  
ASN N   H2   sing N N 41  
ASN CA  C    sing N N 42  
ASN CA  CB   sing N N 43  
ASN CA  HA   sing N N 44  
ASN C   O    doub N N 45  
ASN C   OXT  sing N N 46  
ASN CB  CG   sing N N 47  
ASN CB  HB2  sing N N 48  
ASN CB  HB3  sing N N 49  
ASN CG  OD1  doub N N 50  
ASN CG  ND2  sing N N 51  
ASN ND2 HD21 sing N N 52  
ASN ND2 HD22 sing N N 53  
ASN OXT HXT  sing N N 54  
ASP N   CA   sing N N 55  
ASP N   H    sing N N 56  
ASP N   H2   sing N N 57  
ASP CA  C    sing N N 58  
ASP CA  CB   sing N N 59  
ASP CA  HA   sing N N 60  
ASP C   O    doub N N 61  
ASP C   OXT  sing N N 62  
ASP CB  CG   sing N N 63  
ASP CB  HB2  sing N N 64  
ASP CB  HB3  sing N N 65  
ASP CG  OD1  doub N N 66  
ASP CG  OD2  sing N N 67  
ASP OD2 HD2  sing N N 68  
ASP OXT HXT  sing N N 69  
CYS N   CA   sing N N 70  
CYS N   H    sing N N 71  
CYS N   H2   sing N N 72  
CYS CA  C    sing N N 73  
CYS CA  CB   sing N N 74  
CYS CA  HA   sing N N 75  
CYS C   O    doub N N 76  
CYS C   OXT  sing N N 77  
CYS CB  SG   sing N N 78  
CYS CB  HB2  sing N N 79  
CYS CB  HB3  sing N N 80  
CYS SG  HG   sing N N 81  
CYS OXT HXT  sing N N 82  
EDO C1  O1   sing N N 83  
EDO C1  C2   sing N N 84  
EDO C1  H11  sing N N 85  
EDO C1  H12  sing N N 86  
EDO O1  HO1  sing N N 87  
EDO C2  O2   sing N N 88  
EDO C2  H21  sing N N 89  
EDO C2  H22  sing N N 90  
EDO O2  HO2  sing N N 91  
GLN N   CA   sing N N 92  
GLN N   H    sing N N 93  
GLN N   H2   sing N N 94  
GLN CA  C    sing N N 95  
GLN CA  CB   sing N N 96  
GLN CA  HA   sing N N 97  
GLN C   O    doub N N 98  
GLN C   OXT  sing N N 99  
GLN CB  CG   sing N N 100 
GLN CB  HB2  sing N N 101 
GLN CB  HB3  sing N N 102 
GLN CG  CD   sing N N 103 
GLN CG  HG2  sing N N 104 
GLN CG  HG3  sing N N 105 
GLN CD  OE1  doub N N 106 
GLN CD  NE2  sing N N 107 
GLN NE2 HE21 sing N N 108 
GLN NE2 HE22 sing N N 109 
GLN OXT HXT  sing N N 110 
GLU N   CA   sing N N 111 
GLU N   H    sing N N 112 
GLU N   H2   sing N N 113 
GLU CA  C    sing N N 114 
GLU CA  CB   sing N N 115 
GLU CA  HA   sing N N 116 
GLU C   O    doub N N 117 
GLU C   OXT  sing N N 118 
GLU CB  CG   sing N N 119 
GLU CB  HB2  sing N N 120 
GLU CB  HB3  sing N N 121 
GLU CG  CD   sing N N 122 
GLU CG  HG2  sing N N 123 
GLU CG  HG3  sing N N 124 
GLU CD  OE1  doub N N 125 
GLU CD  OE2  sing N N 126 
GLU OE2 HE2  sing N N 127 
GLU OXT HXT  sing N N 128 
GLY N   CA   sing N N 129 
GLY N   H    sing N N 130 
GLY N   H2   sing N N 131 
GLY CA  C    sing N N 132 
GLY CA  HA2  sing N N 133 
GLY CA  HA3  sing N N 134 
GLY C   O    doub N N 135 
GLY C   OXT  sing N N 136 
GLY OXT HXT  sing N N 137 
HIS N   CA   sing N N 138 
HIS N   H    sing N N 139 
HIS N   H2   sing N N 140 
HIS CA  C    sing N N 141 
HIS CA  CB   sing N N 142 
HIS CA  HA   sing N N 143 
HIS C   O    doub N N 144 
HIS C   OXT  sing N N 145 
HIS CB  CG   sing N N 146 
HIS CB  HB2  sing N N 147 
HIS CB  HB3  sing N N 148 
HIS CG  ND1  sing Y N 149 
HIS CG  CD2  doub Y N 150 
HIS ND1 CE1  doub Y N 151 
HIS ND1 HD1  sing N N 152 
HIS CD2 NE2  sing Y N 153 
HIS CD2 HD2  sing N N 154 
HIS CE1 NE2  sing Y N 155 
HIS CE1 HE1  sing N N 156 
HIS NE2 HE2  sing N N 157 
HIS OXT HXT  sing N N 158 
HOH O   H1   sing N N 159 
HOH O   H2   sing N N 160 
ILE N   CA   sing N N 161 
ILE N   H    sing N N 162 
ILE N   H2   sing N N 163 
ILE CA  C    sing N N 164 
ILE CA  CB   sing N N 165 
ILE CA  HA   sing N N 166 
ILE C   O    doub N N 167 
ILE C   OXT  sing N N 168 
ILE CB  CG1  sing N N 169 
ILE CB  CG2  sing N N 170 
ILE CB  HB   sing N N 171 
ILE CG1 CD1  sing N N 172 
ILE CG1 HG12 sing N N 173 
ILE CG1 HG13 sing N N 174 
ILE CG2 HG21 sing N N 175 
ILE CG2 HG22 sing N N 176 
ILE CG2 HG23 sing N N 177 
ILE CD1 HD11 sing N N 178 
ILE CD1 HD12 sing N N 179 
ILE CD1 HD13 sing N N 180 
ILE OXT HXT  sing N N 181 
LEU N   CA   sing N N 182 
LEU N   H    sing N N 183 
LEU N   H2   sing N N 184 
LEU CA  C    sing N N 185 
LEU CA  CB   sing N N 186 
LEU CA  HA   sing N N 187 
LEU C   O    doub N N 188 
LEU C   OXT  sing N N 189 
LEU CB  CG   sing N N 190 
LEU CB  HB2  sing N N 191 
LEU CB  HB3  sing N N 192 
LEU CG  CD1  sing N N 193 
LEU CG  CD2  sing N N 194 
LEU CG  HG   sing N N 195 
LEU CD1 HD11 sing N N 196 
LEU CD1 HD12 sing N N 197 
LEU CD1 HD13 sing N N 198 
LEU CD2 HD21 sing N N 199 
LEU CD2 HD22 sing N N 200 
LEU CD2 HD23 sing N N 201 
LEU OXT HXT  sing N N 202 
LYS N   CA   sing N N 203 
LYS N   H    sing N N 204 
LYS N   H2   sing N N 205 
LYS CA  C    sing N N 206 
LYS CA  CB   sing N N 207 
LYS CA  HA   sing N N 208 
LYS C   O    doub N N 209 
LYS C   OXT  sing N N 210 
LYS CB  CG   sing N N 211 
LYS CB  HB2  sing N N 212 
LYS CB  HB3  sing N N 213 
LYS CG  CD   sing N N 214 
LYS CG  HG2  sing N N 215 
LYS CG  HG3  sing N N 216 
LYS CD  CE   sing N N 217 
LYS CD  HD2  sing N N 218 
LYS CD  HD3  sing N N 219 
LYS CE  NZ   sing N N 220 
LYS CE  HE2  sing N N 221 
LYS CE  HE3  sing N N 222 
LYS NZ  HZ1  sing N N 223 
LYS NZ  HZ2  sing N N 224 
LYS NZ  HZ3  sing N N 225 
LYS OXT HXT  sing N N 226 
MET N   CA   sing N N 227 
MET N   H    sing N N 228 
MET N   H2   sing N N 229 
MET CA  C    sing N N 230 
MET CA  CB   sing N N 231 
MET CA  HA   sing N N 232 
MET C   O    doub N N 233 
MET C   OXT  sing N N 234 
MET CB  CG   sing N N 235 
MET CB  HB2  sing N N 236 
MET CB  HB3  sing N N 237 
MET CG  SD   sing N N 238 
MET CG  HG2  sing N N 239 
MET CG  HG3  sing N N 240 
MET SD  CE   sing N N 241 
MET CE  HE1  sing N N 242 
MET CE  HE2  sing N N 243 
MET CE  HE3  sing N N 244 
MET OXT HXT  sing N N 245 
PHE N   CA   sing N N 246 
PHE N   H    sing N N 247 
PHE N   H2   sing N N 248 
PHE CA  C    sing N N 249 
PHE CA  CB   sing N N 250 
PHE CA  HA   sing N N 251 
PHE C   O    doub N N 252 
PHE C   OXT  sing N N 253 
PHE CB  CG   sing N N 254 
PHE CB  HB2  sing N N 255 
PHE CB  HB3  sing N N 256 
PHE CG  CD1  doub Y N 257 
PHE CG  CD2  sing Y N 258 
PHE CD1 CE1  sing Y N 259 
PHE CD1 HD1  sing N N 260 
PHE CD2 CE2  doub Y N 261 
PHE CD2 HD2  sing N N 262 
PHE CE1 CZ   doub Y N 263 
PHE CE1 HE1  sing N N 264 
PHE CE2 CZ   sing Y N 265 
PHE CE2 HE2  sing N N 266 
PHE CZ  HZ   sing N N 267 
PHE OXT HXT  sing N N 268 
PRO N   CA   sing N N 269 
PRO N   CD   sing N N 270 
PRO N   H    sing N N 271 
PRO CA  C    sing N N 272 
PRO CA  CB   sing N N 273 
PRO CA  HA   sing N N 274 
PRO C   O    doub N N 275 
PRO C   OXT  sing N N 276 
PRO CB  CG   sing N N 277 
PRO CB  HB2  sing N N 278 
PRO CB  HB3  sing N N 279 
PRO CG  CD   sing N N 280 
PRO CG  HG2  sing N N 281 
PRO CG  HG3  sing N N 282 
PRO CD  HD2  sing N N 283 
PRO CD  HD3  sing N N 284 
PRO OXT HXT  sing N N 285 
SER N   CA   sing N N 286 
SER N   H    sing N N 287 
SER N   H2   sing N N 288 
SER CA  C    sing N N 289 
SER CA  CB   sing N N 290 
SER CA  HA   sing N N 291 
SER C   O    doub N N 292 
SER C   OXT  sing N N 293 
SER CB  OG   sing N N 294 
SER CB  HB2  sing N N 295 
SER CB  HB3  sing N N 296 
SER OG  HG   sing N N 297 
SER OXT HXT  sing N N 298 
SO4 S   O1   doub N N 299 
SO4 S   O2   doub N N 300 
SO4 S   O3   sing N N 301 
SO4 S   O4   sing N N 302 
THR N   CA   sing N N 303 
THR N   H    sing N N 304 
THR N   H2   sing N N 305 
THR CA  C    sing N N 306 
THR CA  CB   sing N N 307 
THR CA  HA   sing N N 308 
THR C   O    doub N N 309 
THR C   OXT  sing N N 310 
THR CB  OG1  sing N N 311 
THR CB  CG2  sing N N 312 
THR CB  HB   sing N N 313 
THR OG1 HG1  sing N N 314 
THR CG2 HG21 sing N N 315 
THR CG2 HG22 sing N N 316 
THR CG2 HG23 sing N N 317 
THR OXT HXT  sing N N 318 
TRP N   CA   sing N N 319 
TRP N   H    sing N N 320 
TRP N   H2   sing N N 321 
TRP CA  C    sing N N 322 
TRP CA  CB   sing N N 323 
TRP CA  HA   sing N N 324 
TRP C   O    doub N N 325 
TRP C   OXT  sing N N 326 
TRP CB  CG   sing N N 327 
TRP CB  HB2  sing N N 328 
TRP CB  HB3  sing N N 329 
TRP CG  CD1  doub Y N 330 
TRP CG  CD2  sing Y N 331 
TRP CD1 NE1  sing Y N 332 
TRP CD1 HD1  sing N N 333 
TRP CD2 CE2  doub Y N 334 
TRP CD2 CE3  sing Y N 335 
TRP NE1 CE2  sing Y N 336 
TRP NE1 HE1  sing N N 337 
TRP CE2 CZ2  sing Y N 338 
TRP CE3 CZ3  doub Y N 339 
TRP CE3 HE3  sing N N 340 
TRP CZ2 CH2  doub Y N 341 
TRP CZ2 HZ2  sing N N 342 
TRP CZ3 CH2  sing Y N 343 
TRP CZ3 HZ3  sing N N 344 
TRP CH2 HH2  sing N N 345 
TRP OXT HXT  sing N N 346 
TYR N   CA   sing N N 347 
TYR N   H    sing N N 348 
TYR N   H2   sing N N 349 
TYR CA  C    sing N N 350 
TYR CA  CB   sing N N 351 
TYR CA  HA   sing N N 352 
TYR C   O    doub N N 353 
TYR C   OXT  sing N N 354 
TYR CB  CG   sing N N 355 
TYR CB  HB2  sing N N 356 
TYR CB  HB3  sing N N 357 
TYR CG  CD1  doub Y N 358 
TYR CG  CD2  sing Y N 359 
TYR CD1 CE1  sing Y N 360 
TYR CD1 HD1  sing N N 361 
TYR CD2 CE2  doub Y N 362 
TYR CD2 HD2  sing N N 363 
TYR CE1 CZ   doub Y N 364 
TYR CE1 HE1  sing N N 365 
TYR CE2 CZ   sing Y N 366 
TYR CE2 HE2  sing N N 367 
TYR CZ  OH   sing N N 368 
TYR OH  HH   sing N N 369 
TYR OXT HXT  sing N N 370 
VAL N   CA   sing N N 371 
VAL N   H    sing N N 372 
VAL N   H2   sing N N 373 
VAL CA  C    sing N N 374 
VAL CA  CB   sing N N 375 
VAL CA  HA   sing N N 376 
VAL C   O    doub N N 377 
VAL C   OXT  sing N N 378 
VAL CB  CG1  sing N N 379 
VAL CB  CG2  sing N N 380 
VAL CB  HB   sing N N 381 
VAL CG1 HG11 sing N N 382 
VAL CG1 HG12 sing N N 383 
VAL CG1 HG13 sing N N 384 
VAL CG2 HG21 sing N N 385 
VAL CG2 HG22 sing N N 386 
VAL CG2 HG23 sing N N 387 
VAL OXT HXT  sing N N 388 
# 
_pdbx_audit_support.ordinal                1 
_pdbx_audit_support.funding_organization   'European Union (EU)' 
_pdbx_audit_support.grant_number           875510 
_pdbx_audit_support.country                'European Union' 
# 
_pdbx_deposit_group.group_id            G_1002321 
_pdbx_deposit_group.group_description   
;PRYSPRY domain of murine TRIM21 screened against the DSI-poised Fragment Library by X-ray Crystallography at the XChem facility of Diamon Light Source
;
_pdbx_deposit_group.group_title         'PanDDA analysis group deposition of ground-state model' 
_pdbx_deposit_group.group_type          'ground state' 
# 
_pdbx_initial_refinement_model.accession_code   2VOK 
_pdbx_initial_refinement_model.details          ? 
_pdbx_initial_refinement_model.entity_id_list   ? 
_pdbx_initial_refinement_model.id               1 
_pdbx_initial_refinement_model.source_name      PDB 
_pdbx_initial_refinement_model.type             'experimental model' 
# 
_atom_sites.entry_id                    7HOB 
_atom_sites.fract_transf_matrix[1][1]   -0.00275431 
_atom_sites.fract_transf_matrix[1][2]   0.00941747 
_atom_sites.fract_transf_matrix[1][3]   -0.00370731 
_atom_sites.fract_transf_matrix[2][1]   0.00052558 
_atom_sites.fract_transf_matrix[2][2]   -0.00370386 
_atom_sites.fract_transf_matrix[2][3]   -0.00979920 
_atom_sites.fract_transf_matrix[3][1]   -0.02106152 
_atom_sites.fract_transf_matrix[3][2]   -0.00574909 
_atom_sites.fract_transf_matrix[3][3]   0.00104337 
_atom_sites.fract_transf_vector[1]      -0.298334 
_atom_sites.fract_transf_vector[2]      -0.116880 
_atom_sites.fract_transf_vector[3]      -0.503584 
# 
loop_
_atom_type.symbol 
C 
N 
O 
S 
# 
loop_
_atom_site.group_PDB 
_atom_site.id 
_atom_site.type_symbol 
_atom_site.label_atom_id 
_atom_site.label_alt_id 
_atom_site.label_comp_id 
_atom_site.label_asym_id 
_atom_site.label_entity_id 
_atom_site.label_seq_id 
_atom_site.pdbx_PDB_ins_code 
_atom_site.Cartn_x 
_atom_site.Cartn_y 
_atom_site.Cartn_z 
_atom_site.occupancy 
_atom_site.B_iso_or_equiv 
_atom_site.pdbx_formal_charge 
_atom_site.auth_seq_id 
_atom_site.auth_comp_id 
_atom_site.auth_asym_id 
_atom_site.auth_atom_id 
_atom_site.pdbx_PDB_model_num 
ATOM   1    N N   . HIS A 1 2   ? -16.734 10.554  -3.273  1.00 53.07 ? 8   HIS B N   1 
ATOM   2    C CA  . HIS A 1 2   ? -15.722 11.596  -2.877  1.00 48.17 ? 8   HIS B CA  1 
ATOM   3    C C   . HIS A 1 2   ? -15.397 12.496  -4.079  1.00 46.29 ? 8   HIS B C   1 
ATOM   4    O O   . HIS A 1 2   ? -15.735 12.117  -5.233  1.00 47.48 ? 8   HIS B O   1 
ATOM   5    C CB  . HIS A 1 2   ? -14.457 10.936  -2.292  1.00 42.29 ? 8   HIS B CB  1 
ATOM   6    C CG  . HIS A 1 2   ? -13.631 10.190  -3.288  1.00 37.56 ? 8   HIS B CG  1 
ATOM   7    N ND1 . HIS A 1 2   ? -12.711 10.822  -4.106  1.00 37.88 ? 8   HIS B ND1 1 
ATOM   8    C CD2 . HIS A 1 2   ? -13.572 8.877   -3.601  1.00 34.61 ? 8   HIS B CD2 1 
ATOM   9    C CE1 . HIS A 1 2   ? -12.132 9.927   -4.890  1.00 35.88 ? 8   HIS B CE1 1 
ATOM   10   N NE2 . HIS A 1 2   ? -12.648 8.724   -4.610  1.00 29.92 ? 8   HIS B NE2 1 
ATOM   11   N N   . HIS A 1 3   ? -14.718 13.616  -3.819  1.00 40.75 ? 9   HIS B N   1 
ATOM   12   C CA  . HIS A 1 3   ? -14.317 14.635  -4.825  1.00 39.65 ? 9   HIS B CA  1 
ATOM   13   C C   . HIS A 1 3   ? -12.808 14.922  -4.730  1.00 33.89 ? 9   HIS B C   1 
ATOM   14   O O   . HIS A 1 3   ? -12.410 16.087  -4.950  1.00 35.61 ? 9   HIS B O   1 
ATOM   15   C CB  . HIS A 1 3   ? -15.231 15.866  -4.657  1.00 47.48 ? 9   HIS B CB  1 
ATOM   16   C CG  . HIS A 1 3   ? -16.673 15.519  -4.858  1.00 55.27 ? 9   HIS B CG  1 
ATOM   17   N ND1 . HIS A 1 3   ? -17.207 15.265  -6.116  1.00 57.78 ? 9   HIS B ND1 1 
ATOM   18   C CD2 . HIS A 1 3   ? -17.678 15.317  -3.976  1.00 60.02 ? 9   HIS B CD2 1 
ATOM   19   C CE1 . HIS A 1 3   ? -18.482 14.946  -5.998  1.00 59.19 ? 9   HIS B CE1 1 
ATOM   20   N NE2 . HIS A 1 3   ? -18.797 14.979  -4.696  1.00 60.84 ? 9   HIS B NE2 1 
ATOM   21   N N   . HIS A 1 4   ? -11.985 13.887  -4.482  1.00 28.54 ? 10  HIS B N   1 
ATOM   22   C CA  . HIS A 1 4   ? -10.515 13.991  -4.231  1.00 23.47 ? 10  HIS B CA  1 
ATOM   23   C C   . HIS A 1 4   ? -9.729  13.751  -5.522  1.00 24.43 ? 10  HIS B C   1 
ATOM   24   O O   . HIS A 1 4   ? -8.499  13.955  -5.515  1.00 21.12 ? 10  HIS B O   1 
ATOM   25   C CB  . HIS A 1 4   ? -10.043 12.988  -3.154  1.00 23.99 ? 10  HIS B CB  1 
ATOM   26   C CG  . HIS A 1 4   ? -10.655 13.183  -1.813  1.00 25.18 ? 10  HIS B CG  1 
ATOM   27   N ND1 . HIS A 1 4   ? -10.683 14.409  -1.170  1.00 23.76 ? 10  HIS B ND1 1 
ATOM   28   C CD2 . HIS A 1 4   ? -11.228 12.302  -0.967  1.00 24.63 ? 10  HIS B CD2 1 
ATOM   29   C CE1 . HIS A 1 4   ? -11.269 14.273  0.004   1.00 28.59 ? 10  HIS B CE1 1 
ATOM   30   N NE2 . HIS A 1 4   ? -11.600 12.994  0.149   1.00 27.68 ? 10  HIS B NE2 1 
ATOM   31   N N   . HIS A 1 5   ? -10.399 13.372  -6.610  1.00 26.29 ? 11  HIS B N   1 
ATOM   32   C CA  . HIS A 1 5   ? -9.757  12.894  -7.858  1.00 27.16 ? 11  HIS B CA  1 
ATOM   33   C C   . HIS A 1 5   ? -8.780  13.934  -8.412  1.00 25.36 ? 11  HIS B C   1 
ATOM   34   O O   . HIS A 1 5   ? -7.741  13.510  -8.934  1.00 26.89 ? 11  HIS B O   1 
ATOM   35   C CB  . HIS A 1 5   ? -10.806 12.476  -8.907  1.00 32.34 ? 11  HIS B CB  1 
ATOM   36   C CG  . HIS A 1 5   ? -11.741 11.429  -8.408  1.00 38.04 ? 11  HIS B CG  1 
ATOM   37   N ND1 . HIS A 1 5   ? -12.937 11.747  -7.770  1.00 44.39 ? 11  HIS B ND1 1 
ATOM   38   C CD2 . HIS A 1 5   ? -11.664 10.077  -8.425  1.00 40.00 ? 11  HIS B CD2 1 
ATOM   39   C CE1 . HIS A 1 5   ? -13.561 10.632  -7.424  1.00 43.37 ? 11  HIS B CE1 1 
ATOM   40   N NE2 . HIS A 1 5   ? -12.798 9.589   -7.810  1.00 41.94 ? 11  HIS B NE2 1 
ATOM   41   N N   . HIS A 1 6   ? -9.054  15.244  -8.270  1.00 24.03 ? 12  HIS B N   1 
ATOM   42   C CA  . HIS A 1 6   ? -8.208  16.337  -8.820  1.00 25.01 ? 12  HIS B CA  1 
ATOM   43   C C   . HIS A 1 6   ? -6.854  16.444  -8.102  1.00 22.62 ? 12  HIS B C   1 
ATOM   44   O O   . HIS A 1 6   ? -5.997  17.167  -8.597  1.00 24.84 ? 12  HIS B O   1 
ATOM   45   C CB  . HIS A 1 6   ? -8.974  17.667  -8.799  1.00 29.71 ? 12  HIS B CB  1 
ATOM   46   C CG  . HIS A 1 6   ? -9.390  18.094  -7.438  1.00 27.73 ? 12  HIS B CG  1 
ATOM   47   N ND1 . HIS A 1 6   ? -8.821  19.189  -6.797  1.00 34.93 ? 12  HIS B ND1 1 
ATOM   48   C CD2 . HIS A 1 6   ? -10.350 17.627  -6.612  1.00 29.43 ? 12  HIS B CD2 1 
ATOM   49   C CE1 . HIS A 1 6   ? -9.396  19.355  -5.626  1.00 27.88 ? 12  HIS B CE1 1 
ATOM   50   N NE2 . HIS A 1 6   ? -10.335 18.410  -5.480  1.00 33.08 ? 12  HIS B NE2 1 
ATOM   51   N N   . HIS A 1 7   ? -6.643  15.799  -6.944  1.00 18.88 ? 13  HIS B N   1 
ATOM   52   C CA  . HIS A 1 7   ? -5.313  15.700  -6.270  1.00 15.69 ? 13  HIS B CA  1 
ATOM   53   C C   . HIS A 1 7   ? -4.518  14.508  -6.780  1.00 14.18 ? 13  HIS B C   1 
ATOM   54   O O   . HIS A 1 7   ? -3.532  14.158  -6.115  1.00 13.95 ? 13  HIS B O   1 
ATOM   55   C CB  . HIS A 1 7   ? -5.496  15.615  -4.772  1.00 15.34 ? 13  HIS B CB  1 
ATOM   56   C CG  . HIS A 1 7   ? -6.198  16.817  -4.221  1.00 16.52 ? 13  HIS B CG  1 
ATOM   57   N ND1 . HIS A 1 7   ? -5.657  18.087  -4.320  1.00 17.12 ? 13  HIS B ND1 1 
ATOM   58   C CD2 . HIS A 1 7   ? -7.366  16.927  -3.567  1.00 17.50 ? 13  HIS B CD2 1 
ATOM   59   C CE1 . HIS A 1 7   ? -6.509  18.938  -3.780  1.00 18.09 ? 13  HIS B CE1 1 
ATOM   60   N NE2 . HIS A 1 7   ? -7.551  18.278  -3.296  1.00 19.16 ? 13  HIS B NE2 1 
ATOM   61   N N   . MET A 1 8   ? -4.941  13.899  -7.877  1.00 14.90 ? 14  MET B N   1 
ATOM   62   C CA  . MET A 1 8   ? -4.256  12.706  -8.429  1.00 16.80 ? 14  MET B CA  1 
ATOM   63   C C   . MET A 1 8   ? -2.770  12.978  -8.607  1.00 16.67 ? 14  MET B C   1 
ATOM   64   O O   . MET A 1 8   ? -2.354  14.060  -9.166  1.00 19.40 ? 14  MET B O   1 
ATOM   65   C CB  . MET A 1 8   ? -4.854  12.325  -9.786  1.00 20.44 ? 14  MET B CB  1 
ATOM   66   C CG  . MET A 1 8   ? -4.256  11.090  -10.435 1.00 26.61 ? 14  MET B CG  1 
ATOM   67   S SD  . MET A 1 8   ? -4.765  9.532   -9.633  1.00 37.53 ? 14  MET B SD  1 
ATOM   68   C CE  . MET A 1 8   ? -6.393  9.332   -10.346 1.00 31.46 ? 14  MET B CE  1 
ATOM   69   N N   . VAL A 1 9   ? -1.943  12.023  -8.211  1.00 14.33 ? 15  VAL B N   1 
ATOM   70   C CA  . VAL A 1 9   ? -0.471  12.053  -8.398  1.00 15.21 ? 15  VAL B CA  1 
ATOM   71   C C   . VAL A 1 9   ? -0.079  10.775  -9.154  1.00 15.44 ? 15  VAL B C   1 
ATOM   72   O O   . VAL A 1 9   ? -0.667  9.710   -8.934  1.00 15.71 ? 15  VAL B O   1 
ATOM   73   C CB  . VAL A 1 9   ? 0.305   12.212  -7.081  1.00 16.26 ? 15  VAL B CB  1 
ATOM   74   C CG1 . VAL A 1 9   ? 0.148   13.602  -6.504  1.00 20.29 ? 15  VAL B CG1 1 
ATOM   75   C CG2 . VAL A 1 9   ? -0.063  11.184  -6.022  1.00 17.51 ? 15  VAL B CG2 1 
ATOM   76   N N   . HIS A 1 10  ? 0.961   10.853  -9.970  1.00 15.24 ? 16  HIS B N   1 
ATOM   77   C CA  . HIS A 1 10  ? 1.504   9.714   -10.746 1.00 15.15 ? 16  HIS B CA  1 
ATOM   78   C C   . HIS A 1 10  ? 2.540   8.990   -9.903  1.00 15.15 ? 16  HIS B C   1 
ATOM   79   O O   . HIS A 1 10  ? 3.611   9.523   -9.656  1.00 19.37 ? 16  HIS B O   1 
ATOM   80   C CB  . HIS A 1 10  ? 2.122   10.220  -12.045 1.00 17.08 ? 16  HIS B CB  1 
ATOM   81   C CG  . HIS A 1 10  ? 2.536   9.126   -12.974 1.00 20.44 ? 16  HIS B CG  1 
ATOM   82   N ND1 . HIS A 1 10  ? 1.642   8.451   -13.756 1.00 24.10 ? 16  HIS B ND1 1 
ATOM   83   C CD2 . HIS A 1 10  ? 3.746   8.581   -13.193 1.00 23.59 ? 16  HIS B CD2 1 
ATOM   84   C CE1 . HIS A 1 10  ? 2.294   7.547   -14.471 1.00 22.03 ? 16  HIS B CE1 1 
ATOM   85   N NE2 . HIS A 1 10  ? 3.588   7.606   -14.131 1.00 26.20 ? 16  HIS B NE2 1 
ATOM   86   N N   . ILE A 1 11  ? 2.161   7.862   -9.322  1.00 12.26 ? 17  ILE B N   1 
ATOM   87   C CA  . ILE A 1 11  ? 3.068   7.066   -8.470  1.00 11.83 ? 17  ILE B CA  1 
ATOM   88   C C   . ILE A 1 11  ? 3.846   6.064   -9.338  1.00 12.44 ? 17  ILE B C   1 
ATOM   89   O O   . ILE A 1 11  ? 3.266   5.474   -10.212 1.00 12.70 ? 17  ILE B O   1 
ATOM   90   C CB  . ILE A 1 11  ? 2.261   6.355   -7.362  1.00 12.48 ? 17  ILE B CB  1 
ATOM   91   C CG1 . ILE A 1 11  ? 1.511   7.373   -6.489  1.00 13.59 ? 17  ILE B CG1 1 
ATOM   92   C CG2 . ILE A 1 11  ? 3.171   5.466   -6.524  1.00 12.62 ? 17  ILE B CG2 1 
ATOM   93   C CD1 . ILE A 1 11  ? 2.348   8.481   -5.888  1.00 13.78 ? 17  ILE B CD1 1 
ATOM   94   N N   . THR A 1 12  ? 5.098   5.884   -8.985  1.00 12.04 ? 18  THR B N   1 
ATOM   95   C CA  . THR A 1 12  ? 5.932   4.801   -9.585  1.00 13.35 ? 18  THR B CA  1 
ATOM   96   C C   . THR A 1 12  ? 6.597   4.044   -8.456  1.00 13.21 ? 18  THR B C   1 
ATOM   97   O O   . THR A 1 12  ? 6.806   4.606   -7.359  1.00 14.10 ? 18  THR B O   1 
ATOM   98   C CB  . THR A 1 12  ? 6.941   5.352   -10.589 1.00 14.98 ? 18  THR B CB  1 
ATOM   99   O OG1 . THR A 1 12  ? 7.797   6.262   -9.931  1.00 16.94 ? 18  THR B OG1 1 
ATOM   100  C CG2 . THR A 1 12  ? 6.284   5.958   -11.820 1.00 16.16 ? 18  THR B CG2 1 
ATOM   101  N N   . LEU A 1 13  ? 6.905   2.765   -8.702  1.00 11.30 ? 19  LEU B N   1 
ATOM   102  C CA  . LEU A 1 13  ? 7.489   1.903   -7.647  1.00 11.35 ? 19  LEU B CA  1 
ATOM   103  C C   . LEU A 1 13  ? 9.002   2.046   -7.632  1.00 11.62 ? 19  LEU B C   1 
ATOM   104  O O   . LEU A 1 13  ? 9.641   2.153   -8.733  1.00 13.53 ? 19  LEU B O   1 
ATOM   105  C CB  . LEU A 1 13  ? 7.076   0.479   -7.940  1.00 11.66 ? 19  LEU B CB  1 
ATOM   106  C CG  . LEU A 1 13  ? 5.578   0.295   -7.859  1.00 10.98 ? 19  LEU B CG  1 
ATOM   107  C CD1 . LEU A 1 13  ? 5.185   -1.108  -8.322  1.00 13.90 ? 19  LEU B CD1 1 
ATOM   108  C CD2 . LEU A 1 13  ? 5.010   0.601   -6.459  1.00 13.00 ? 19  LEU B CD2 1 
ATOM   109  N N   . ASP A 1 14  ? 9.602   2.032   -6.484  1.00 10.09 ? 20  ASP B N   1 
ATOM   110  C CA  . ASP A 1 14  ? 11.056  2.116   -6.255  1.00 10.87 ? 20  ASP B CA  1 
ATOM   111  C C   . ASP A 1 14  ? 11.644  0.686   -6.076  1.00 10.40 ? 20  ASP B C   1 
ATOM   112  O O   . ASP A 1 14  ? 11.565  0.101   -5.016  1.00 10.60 ? 20  ASP B O   1 
ATOM   113  C CB  . ASP A 1 14  ? 11.370  2.987   -5.040  1.00 11.48 ? 20  ASP B CB  1 
ATOM   114  C CG  . ASP A 1 14  ? 12.837  3.209   -4.748  1.00 13.82 ? 20  ASP B CG  1 
ATOM   115  O OD1 . ASP A 1 14  ? 13.664  2.479   -5.349  1.00 14.33 ? 20  ASP B OD1 1 
ATOM   116  O OD2 . ASP A 1 14  ? 13.199  4.000   -3.834  1.00 15.16 ? 20  ASP B OD2 1 
ATOM   117  N N   A ARG A 1 15  ? 12.243  0.202   -7.183  0.50 12.09 ? 21  ARG B N   1 
ATOM   118  N N   B ARG A 1 15  ? 12.234  0.173   -7.165  0.50 12.98 ? 21  ARG B N   1 
ATOM   119  C CA  A ARG A 1 15  ? 12.879  -1.141  -7.318  0.50 13.28 ? 21  ARG B CA  1 
ATOM   120  C CA  B ARG A 1 15  ? 12.825  -1.195  -7.228  0.50 14.45 ? 21  ARG B CA  1 
ATOM   121  C C   A ARG A 1 15  ? 13.821  -1.417  -6.156  0.50 12.92 ? 21  ARG B C   1 
ATOM   122  C C   B ARG A 1 15  ? 13.822  -1.431  -6.108  0.50 13.83 ? 21  ARG B C   1 
ATOM   123  O O   A ARG A 1 15  ? 13.909  -2.587  -5.712  0.50 13.05 ? 21  ARG B O   1 
ATOM   124  O O   B ARG A 1 15  ? 13.954  -2.587  -5.640  0.50 13.62 ? 21  ARG B O   1 
ATOM   125  C CB  A ARG A 1 15  ? 13.684  -1.233  -8.636  0.50 14.79 ? 21  ARG B CB  1 
ATOM   126  C CB  B ARG A 1 15  ? 13.576  -1.392  -8.557  0.50 18.05 ? 21  ARG B CB  1 
ATOM   127  C CG  A ARG A 1 15  ? 12.847  -1.023  -9.893  0.50 17.09 ? 21  ARG B CG  1 
ATOM   128  C CG  B ARG A 1 15  ? 12.665  -1.812  -9.695  0.50 21.55 ? 21  ARG B CG  1 
ATOM   129  C CD  A ARG A 1 15  ? 13.699  -1.022  -11.175 0.50 17.44 ? 21  ARG B CD  1 
ATOM   130  C CD  B ARG A 1 15  ? 12.339  -0.684  -10.659 0.50 25.47 ? 21  ARG B CD  1 
ATOM   131  N NE  A ARG A 1 15  ? 12.842  -1.197  -12.322 0.50 19.58 ? 21  ARG B NE  1 
ATOM   132  N NE  B ARG A 1 15  ? 13.313  -0.432  -11.735 0.50 28.60 ? 21  ARG B NE  1 
ATOM   133  C CZ  A ARG A 1 15  ? 12.189  -2.308  -12.563 0.50 18.47 ? 21  ARG B CZ  1 
ATOM   134  C CZ  B ARG A 1 15  ? 14.359  0.398   -11.674 0.50 32.46 ? 21  ARG B CZ  1 
ATOM   135  N NH1 A ARG A 1 15  ? 12.400  -3.351  -11.790 0.50 20.32 ? 21  ARG B NH1 1 
ATOM   136  N NH1 B ARG A 1 15  ? 14.669  1.047   -10.568 0.50 35.19 ? 21  ARG B NH1 1 
ATOM   137  N NH2 A ARG A 1 15  ? 11.374  -2.383  -13.591 0.50 19.89 ? 21  ARG B NH2 1 
ATOM   138  N NH2 B ARG A 1 15  ? 15.126  0.548   -12.735 0.50 36.19 ? 21  ARG B NH2 1 
ATOM   139  N N   . ASN A 1 16  ? 14.549  -0.402  -5.692  1.00 12.74 ? 22  ASN B N   1 
ATOM   140  C CA  . ASN A 1 16  ? 15.588  -0.584  -4.674  1.00 13.66 ? 22  ASN B CA  1 
ATOM   141  C C   . ASN A 1 16  ? 15.016  -0.985  -3.324  1.00 12.32 ? 22  ASN B C   1 
ATOM   142  O O   . ASN A 1 16  ? 15.733  -1.554  -2.513  1.00 12.37 ? 22  ASN B O   1 
ATOM   143  C CB  . ASN A 1 16  ? 16.474  0.657   -4.599  1.00 17.22 ? 22  ASN B CB  1 
ATOM   144  C CG  . ASN A 1 16  ? 17.475  0.709   -5.739  1.00 23.77 ? 22  ASN B CG  1 
ATOM   145  O OD1 . ASN A 1 16  ? 17.771  -0.302  -6.372  1.00 30.42 ? 22  ASN B OD1 1 
ATOM   146  N ND2 . ASN A 1 16  ? 17.967  1.898   -6.021  1.00 35.27 ? 22  ASN B ND2 1 
ATOM   147  N N   . THR A 1 17  ? 13.724  -0.671  -3.053  1.00 10.52 ? 23  THR B N   1 
ATOM   148  C CA  . THR A 1 17  ? 13.066  -0.957  -1.781  1.00 10.35 ? 23  THR B CA  1 
ATOM   149  C C   . THR A 1 17  ? 12.389  -2.329  -1.822  1.00 9.68  ? 23  THR B C   1 
ATOM   150  O O   . THR A 1 17  ? 11.928  -2.796  -0.774  1.00 10.23 ? 23  THR B O   1 
ATOM   151  C CB  . THR A 1 17  ? 12.025  0.110   -1.408  1.00 10.68 ? 23  THR B CB  1 
ATOM   152  O OG1 . THR A 1 17  ? 10.909  0.052   -2.297  1.00 10.72 ? 23  THR B OG1 1 
ATOM   153  C CG2 . THR A 1 17  ? 12.655  1.497   -1.305  1.00 11.35 ? 23  THR B CG2 1 
ATOM   154  N N   . ALA A 1 18  ? 12.274  -2.906  -2.986  1.00 9.65  ? 24  ALA B N   1 
ATOM   155  C CA  . ALA A 1 18  ? 11.427  -4.104  -3.166  1.00 9.62  ? 24  ALA B CA  1 
ATOM   156  C C   . ALA A 1 18  ? 12.042  -5.312  -2.467  1.00 9.74  ? 24  ALA B C   1 
ATOM   157  O O   . ALA A 1 18  ? 13.280  -5.577  -2.591  1.00 11.38 ? 24  ALA B O   1 
ATOM   158  C CB  . ALA A 1 18  ? 11.257  -4.403  -4.617  1.00 10.85 ? 24  ALA B CB  1 
ATOM   159  N N   . ASN A 1 19  ? 11.245  -6.147  -1.876  1.00 9.59  ? 25  ASN B N   1 
ATOM   160  C CA  . ASN A 1 19  ? 11.670  -7.522  -1.547  1.00 9.56  ? 25  ASN B CA  1 
ATOM   161  C C   . ASN A 1 19  ? 12.259  -8.161  -2.809  1.00 8.86  ? 25  ASN B C   1 
ATOM   162  O O   . ASN A 1 19  ? 11.792  -7.953  -3.914  1.00 8.88  ? 25  ASN B O   1 
ATOM   163  C CB  . ASN A 1 19  ? 10.468  -8.266  -0.978  1.00 10.41 ? 25  ASN B CB  1 
ATOM   164  C CG  . ASN A 1 19  ? 10.768  -9.712  -0.694  1.00 11.50 ? 25  ASN B CG  1 
ATOM   165  O OD1 . ASN A 1 19  ? 10.737  -10.558 -1.577  1.00 11.99 ? 25  ASN B OD1 1 
ATOM   166  N ND2 . ASN A 1 19  ? 11.021  -9.999  0.540   1.00 15.81 ? 25  ASN B ND2 1 
ATOM   167  N N   . SER A 1 20  ? 13.294  -8.981  -2.593  1.00 9.17  ? 26  SER B N   1 
ATOM   168  C CA  . SER A 1 20  ? 14.081  -9.586  -3.697  1.00 9.80  ? 26  SER B CA  1 
ATOM   169  C C   . SER A 1 20  ? 13.265  -10.575 -4.519  1.00 9.66  ? 26  SER B C   1 
ATOM   170  O O   . SER A 1 20  ? 13.810  -10.954 -5.598  1.00 10.59 ? 26  SER B O   1 
ATOM   171  C CB  . SER A 1 20  ? 15.317  -10.279 -3.137  1.00 10.86 ? 26  SER B CB  1 
ATOM   172  O OG  . SER A 1 20  ? 14.890  -11.284 -2.254  1.00 13.05 ? 26  SER B OG  1 
ATOM   173  N N   . TRP A 1 21  ? 12.080  -11.006 -4.143  1.00 9.13  ? 27  TRP B N   1 
ATOM   174  C CA  . TRP A 1 21  ? 11.255  -11.902 -4.975  1.00 10.06 ? 27  TRP B CA  1 
ATOM   175  C C   . TRP A 1 21  ? 10.267  -11.130 -5.858  1.00 9.48  ? 27  TRP B C   1 
ATOM   176  O O   . TRP A 1 21  ? 9.553   -11.775 -6.620  1.00 10.17 ? 27  TRP B O   1 
ATOM   177  C CB  . TRP A 1 21  ? 10.511  -12.868 -4.089  1.00 10.27 ? 27  TRP B CB  1 
ATOM   178  C CG  . TRP A 1 21  ? 11.382  -13.953 -3.506  1.00 10.91 ? 27  TRP B CG  1 
ATOM   179  C CD1 . TRP A 1 21  ? 12.611  -13.837 -2.936  1.00 10.13 ? 27  TRP B CD1 1 
ATOM   180  C CD2 . TRP A 1 21  ? 11.047  -15.338 -3.463  1.00 11.85 ? 27  TRP B CD2 1 
ATOM   181  N NE1 . TRP A 1 21  ? 13.055  -15.077 -2.522  1.00 12.18 ? 27  TRP B NE1 1 
ATOM   182  C CE2 . TRP A 1 21  ? 12.115  -15.988 -2.813  1.00 11.75 ? 27  TRP B CE2 1 
ATOM   183  C CE3 . TRP A 1 21  ? 9.954   -16.085 -3.893  1.00 13.66 ? 27  TRP B CE3 1 
ATOM   184  C CZ2 . TRP A 1 21  ? 12.107  -17.376 -2.572  1.00 14.10 ? 27  TRP B CZ2 1 
ATOM   185  C CZ3 . TRP A 1 21  ? 9.940   -17.456 -3.649  1.00 16.19 ? 27  TRP B CZ3 1 
ATOM   186  C CH2 . TRP A 1 21  ? 10.978  -18.065 -2.952  1.00 16.55 ? 27  TRP B CH2 1 
ATOM   187  N N   . LEU A 1 22  ? 10.171  -9.788  -5.700  1.00 9.31  ? 28  LEU B N   1 
ATOM   188  C CA  . LEU A 1 22  ? 9.151   -9.042  -6.483  1.00 9.65  ? 28  LEU B CA  1 
ATOM   189  C C   . LEU A 1 22  ? 9.658   -8.788  -7.907  1.00 9.80  ? 28  LEU B C   1 
ATOM   190  O O   . LEU A 1 22  ? 10.845  -8.548  -8.145  1.00 10.62 ? 28  LEU B O   1 
ATOM   191  C CB  . LEU A 1 22  ? 8.845   -7.706  -5.808  1.00 9.16  ? 28  LEU B CB  1 
ATOM   192  C CG  . LEU A 1 22  ? 8.203   -7.854  -4.435  1.00 9.79  ? 28  LEU B CG  1 
ATOM   193  C CD1 . LEU A 1 22  ? 7.854   -6.501  -3.845  1.00 10.26 ? 28  LEU B CD1 1 
ATOM   194  C CD2 . LEU A 1 22  ? 6.979   -8.709  -4.444  1.00 11.23 ? 28  LEU B CD2 1 
ATOM   195  N N   . ILE A 1 23  ? 8.713   -8.735  -8.797  1.00 9.81  ? 29  ILE B N   1 
ATOM   196  C CA  . ILE A 1 23  ? 8.927   -8.356  -10.219 1.00 11.42 ? 29  ILE B CA  1 
ATOM   197  C C   . ILE A 1 23  ? 8.110   -7.094  -10.501 1.00 11.46 ? 29  ILE B C   1 
ATOM   198  O O   . ILE A 1 23  ? 6.870   -7.116  -10.421 1.00 10.83 ? 29  ILE B O   1 
ATOM   199  C CB  . ILE A 1 23  ? 8.497   -9.465  -11.143 1.00 11.68 ? 29  ILE B CB  1 
ATOM   200  C CG1 . ILE A 1 23  ? 9.302   -10.763 -10.882 1.00 12.14 ? 29  ILE B CG1 1 
ATOM   201  C CG2 . ILE A 1 23  ? 8.663   -9.031  -12.616 1.00 13.48 ? 29  ILE B CG2 1 
ATOM   202  C CD1 . ILE A 1 23  ? 8.840   -11.933 -11.643 1.00 14.29 ? 29  ILE B CD1 1 
ATOM   203  N N   . ILE A 1 24  ? 8.832   -6.026  -10.771 1.00 13.61 ? 30  ILE B N   1 
ATOM   204  C CA  . ILE A 1 24  ? 8.222   -4.704  -11.097 1.00 13.21 ? 30  ILE B CA  1 
ATOM   205  C C   . ILE A 1 24  ? 8.268   -4.459  -12.589 1.00 13.66 ? 30  ILE B C   1 
ATOM   206  O O   . ILE A 1 24  ? 9.336   -4.758  -13.274 1.00 14.95 ? 30  ILE B O   1 
ATOM   207  C CB  . ILE A 1 24  ? 8.949   -3.625  -10.327 1.00 14.17 ? 30  ILE B CB  1 
ATOM   208  C CG1 . ILE A 1 24  ? 8.678   -3.761  -8.841  1.00 17.20 ? 30  ILE B CG1 1 
ATOM   209  C CG2 . ILE A 1 24  ? 8.523   -2.225  -10.786 1.00 15.04 ? 30  ILE B CG2 1 
ATOM   210  C CD1 . ILE A 1 24  ? 9.489   -2.949  -8.041  1.00 19.04 ? 30  ILE B CD1 1 
ATOM   211  N N   . SER A 1 25  ? 7.181   -4.083  -13.201 1.00 13.59 ? 31  SER B N   1 
ATOM   212  C CA  . SER A 1 25  ? 7.128   -3.873  -14.652 1.00 14.42 ? 31  SER B CA  1 
ATOM   213  C C   . SER A 1 25  ? 8.062   -2.733  -15.099 1.00 12.93 ? 31  SER B C   1 
ATOM   214  O O   . SER A 1 25  ? 8.481   -1.910  -14.337 1.00 12.79 ? 31  SER B O   1 
ATOM   215  C CB  . SER A 1 25  ? 5.725   -3.620  -15.027 1.00 14.82 ? 31  SER B CB  1 
ATOM   216  O OG  . SER A 1 25  ? 5.237   -2.422  -14.398 1.00 14.20 ? 31  SER B OG  1 
ATOM   217  N N   . LYS A 1 26  ? 8.369   -2.753  -16.416 1.00 16.13 ? 32  LYS B N   1 
ATOM   218  C CA  . LYS A 1 26  ? 9.224   -1.713  -17.050 1.00 15.90 ? 32  LYS B CA  1 
ATOM   219  C C   . LYS A 1 26  ? 8.729   -0.306  -16.705 1.00 14.50 ? 32  LYS B C   1 
ATOM   220  O O   . LYS A 1 26  ? 9.582   0.533   -16.443 1.00 16.19 ? 32  LYS B O   1 
ATOM   221  C CB  . LYS A 1 26  ? 9.248   -1.917  -18.577 1.00 17.07 ? 32  LYS B CB  1 
ATOM   222  C CG  . LYS A 1 26  ? 10.123  -0.922  -19.307 1.00 19.27 ? 32  LYS B CG  1 
ATOM   223  C CD  . LYS A 1 26  ? 10.625  -1.485  -20.596 1.00 21.01 ? 32  LYS B CD  1 
ATOM   224  C CE  . LYS A 1 26  ? 9.453   -1.864  -21.454 1.00 27.43 ? 32  LYS B CE  1 
ATOM   225  N NZ  . LYS A 1 26  ? 9.930   -2.520  -22.670 1.00 30.26 ? 32  LYS B NZ  1 
ATOM   226  N N   . ASP A 1 27  ? 7.423   -0.078  -16.813 1.00 15.11 ? 33  ASP B N   1 
ATOM   227  C CA  . ASP A 1 27  ? 6.868   1.270   -16.518 1.00 13.92 ? 33  ASP B CA  1 
ATOM   228  C C   . ASP A 1 27  ? 6.859   1.577   -15.004 1.00 12.62 ? 33  ASP B C   1 
ATOM   229  O O   . ASP A 1 27  ? 6.462   2.719   -14.660 1.00 13.26 ? 33  ASP B O   1 
ATOM   230  C CB  . ASP A 1 27  ? 5.515   1.471   -17.182 1.00 15.96 ? 33  ASP B CB  1 
ATOM   231  C CG  . ASP A 1 27  ? 4.381   0.601   -16.655 1.00 15.97 ? 33  ASP B CG  1 
ATOM   232  O OD1 . ASP A 1 27  ? 4.637   -0.167  -15.667 1.00 15.32 ? 33  ASP B OD1 1 
ATOM   233  O OD2 . ASP A 1 27  ? 3.267   0.738   -17.182 1.00 18.44 ? 33  ASP B OD2 1 
ATOM   234  N N   . ARG A 1 28  ? 7.273   0.675   -14.126 1.00 12.00 ? 34  ARG B N   1 
ATOM   235  C CA  . ARG A 1 28  ? 7.275   0.849   -12.665 1.00 11.82 ? 34  ARG B CA  1 
ATOM   236  C C   . ARG A 1 28  ? 5.854   1.132   -12.151 1.00 9.89  ? 34  ARG B C   1 
ATOM   237  O O   . ARG A 1 28  ? 5.749   1.711   -11.023 1.00 11.33 ? 34  ARG B O   1 
ATOM   238  C CB  . ARG A 1 28  ? 8.318   1.888   -12.239 1.00 15.58 ? 34  ARG B CB  1 
ATOM   239  C CG  . ARG A 1 28  ? 9.727   1.486   -12.666 1.00 19.92 ? 34  ARG B CG  1 
ATOM   240  C CD  . ARG A 1 28  ? 10.832  2.370   -12.183 1.00 26.31 ? 34  ARG B CD  1 
ATOM   241  N NE  . ARG A 1 28  ? 10.641  3.779   -12.468 1.00 32.39 ? 34  ARG B NE  1 
ATOM   242  C CZ  . ARG A 1 28  ? 10.318  4.762   -11.591 1.00 42.46 ? 34  ARG B CZ  1 
ATOM   243  N NH1 . ARG A 1 28  ? 10.134  4.556   -10.280 1.00 34.79 ? 34  ARG B NH1 1 
ATOM   244  N NH2 . ARG A 1 28  ? 10.197  5.999   -12.056 1.00 48.83 ? 34  ARG B NH2 1 
ATOM   245  N N   . ARG A 1 29  ? 4.867   0.633   -12.784 1.00 9.88  ? 35  ARG B N   1 
ATOM   246  C CA  . ARG A 1 29  ? 3.473   0.818   -12.362 1.00 10.94 ? 35  ARG B CA  1 
ATOM   247  C C   . ARG A 1 29  ? 2.806   -0.467  -11.899 1.00 10.70 ? 35  ARG B C   1 
ATOM   248  O O   . ARG A 1 29  ? 1.664   -0.394  -11.363 1.00 12.44 ? 35  ARG B O   1 
ATOM   249  C CB  . ARG A 1 29  ? 2.653   1.456   -13.490 1.00 11.55 ? 35  ARG B CB  1 
ATOM   250  C CG  . ARG A 1 29  ? 3.136   2.835   -13.910 1.00 13.47 ? 35  ARG B CG  1 
ATOM   251  C CD  . ARG A 1 29  ? 2.621   3.956   -13.049 1.00 14.83 ? 35  ARG B CD  1 
ATOM   252  N NE  . ARG A 1 29  ? 1.239   4.248   -13.412 1.00 15.59 ? 35  ARG B NE  1 
ATOM   253  C CZ  . ARG A 1 29  ? 0.425   5.088   -12.757 1.00 14.89 ? 35  ARG B CZ  1 
ATOM   254  N NH1 . ARG A 1 29  ? 0.886   5.714   -11.715 1.00 14.86 ? 35  ARG B NH1 1 
ATOM   255  N NH2 . ARG A 1 29  ? -0.807  5.275   -13.163 1.00 16.58 ? 35  ARG B NH2 1 
ATOM   256  N N   . GLN A 1 30  ? 3.412   -1.638  -12.087 1.00 10.10 ? 36  GLN B N   1 
ATOM   257  C CA  . GLN A 1 30  ? 2.849   -2.921  -11.637 1.00 11.25 ? 36  GLN B CA  1 
ATOM   258  C C   . GLN A 1 30  ? 3.883   -3.704  -10.865 1.00 10.19 ? 36  GLN B C   1 
ATOM   259  O O   . GLN A 1 30  ? 5.097   -3.601  -11.136 1.00 11.16 ? 36  GLN B O   1 
ATOM   260  C CB  . GLN A 1 30  ? 2.397   -3.765  -12.835 1.00 13.05 ? 36  GLN B CB  1 
ATOM   261  C CG  . GLN A 1 30  ? 1.573   -2.999  -13.835 1.00 15.30 ? 36  GLN B CG  1 
ATOM   262  C CD  . GLN A 1 30  ? 0.938   -3.945  -14.834 1.00 18.97 ? 36  GLN B CD  1 
ATOM   263  O OE1 . GLN A 1 30  ? 0.897   -5.177  -14.650 1.00 22.52 ? 36  GLN B OE1 1 
ATOM   264  N NE2 . GLN A 1 30  ? 0.477   -3.381  -15.930 1.00 23.11 ? 36  GLN B NE2 1 
ATOM   265  N N   . VAL A 1 31  ? 3.418   -4.531  -9.944  1.00 9.74  ? 37  VAL B N   1 
ATOM   266  C CA  . VAL A 1 31  ? 4.322   -5.403  -9.149  1.00 9.55  ? 37  VAL B CA  1 
ATOM   267  C C   . VAL A 1 31  ? 3.597   -6.701  -8.856  1.00 9.82  ? 37  VAL B C   1 
ATOM   268  O O   . VAL A 1 31  ? 2.421   -6.716  -8.517  1.00 9.52  ? 37  VAL B O   1 
ATOM   269  C CB  . VAL A 1 31  ? 4.820   -4.694  -7.886  1.00 9.17  ? 37  VAL B CB  1 
ATOM   270  C CG1 . VAL A 1 31  ? 3.661   -4.190  -6.999  1.00 9.40  ? 37  VAL B CG1 1 
ATOM   271  C CG2 . VAL A 1 31  ? 5.771   -5.574  -7.102  1.00 10.17 ? 37  VAL B CG2 1 
ATOM   272  N N   . ARG A 1 32  ? 4.325   -7.805  -8.954  1.00 9.66  ? 38  ARG B N   1 
ATOM   273  C CA  . ARG A 1 32  ? 3.817   -9.131  -8.557  1.00 10.07 ? 38  ARG B CA  1 
ATOM   274  C C   . ARG A 1 32  ? 4.933   -9.940  -7.874  1.00 9.61  ? 38  ARG B C   1 
ATOM   275  O O   . ARG A 1 32  ? 6.103   -9.649  -7.997  1.00 9.77  ? 38  ARG B O   1 
ATOM   276  C CB  . ARG A 1 32  ? 3.250   -9.887  -9.757  1.00 11.73 ? 38  ARG B CB  1 
ATOM   277  C CG  . ARG A 1 32  ? 4.317   -10.266 -10.763 1.00 13.38 ? 38  ARG B CG  1 
ATOM   278  C CD  . ARG A 1 32  ? 3.643   -10.878 -11.987 1.00 16.00 ? 38  ARG B CD  1 
ATOM   279  N NE  . ARG A 1 32  ? 4.624   -11.298 -12.966 1.00 20.88 ? 38  ARG B NE  1 
ATOM   280  C CZ  . ARG A 1 32  ? 5.208   -12.473 -12.995 1.00 17.41 ? 38  ARG B CZ  1 
ATOM   281  N NH1 . ARG A 1 32  ? 4.986   -13.396 -12.085 1.00 21.07 ? 38  ARG B NH1 1 
ATOM   282  N NH2 . ARG A 1 32  ? 6.076   -12.705 -13.994 1.00 22.52 ? 38  ARG B NH2 1 
ATOM   283  N N   A MET A 1 33  ? 4.438   -10.968 -7.204  0.50 8.72  ? 39  MET B N   1 
ATOM   284  N N   B MET A 1 33  ? 4.543   -10.929 -7.072  0.50 10.63 ? 39  MET B N   1 
ATOM   285  C CA  A MET A 1 33  ? 5.292   -11.956 -6.511  0.50 9.18  ? 39  MET B CA  1 
ATOM   286  C CA  B MET A 1 33  ? 5.566   -11.787 -6.394  0.50 11.99 ? 39  MET B CA  1 
ATOM   287  C C   A MET A 1 33  ? 5.910   -12.922 -7.544  0.50 9.37  ? 39  MET B C   1 
ATOM   288  C C   B MET A 1 33  ? 5.908   -12.934 -7.338  0.50 11.17 ? 39  MET B C   1 
ATOM   289  O O   A MET A 1 33  ? 5.202   -13.493 -8.367  0.50 10.62 ? 39  MET B O   1 
ATOM   290  O O   B MET A 1 33  ? 4.939   -13.727 -7.727  0.50 11.01 ? 39  MET B O   1 
ATOM   291  C CB  A MET A 1 33  ? 4.451   -12.668 -5.445  0.50 8.52  ? 39  MET B CB  1 
ATOM   292  C CB  B MET A 1 33  ? 5.170   -12.400 -5.034  0.50 15.87 ? 39  MET B CB  1 
ATOM   293  C CG  A MET A 1 33  ? 5.249   -13.606 -4.518  0.50 10.30 ? 39  MET B CG  1 
ATOM   294  C CG  B MET A 1 33  ? 6.330   -13.329 -4.347  0.50 15.07 ? 39  MET B CG  1 
ATOM   295  S SD  A MET A 1 33  ? 6.626   -12.692 -3.643  0.50 12.95 ? 39  MET B SD  1 
ATOM   296  S SD  B MET A 1 33  ? 5.787   -13.597 -2.670  0.50 19.71 ? 39  MET B SD  1 
ATOM   297  C CE  A MET A 1 33  ? 7.050   -13.862 -2.367  0.50 12.84 ? 39  MET B CE  1 
ATOM   298  C CE  B MET A 1 33  ? 7.300   -14.342 -2.064  0.50 21.22 ? 39  MET B CE  1 
ATOM   299  N N   . GLY A 1 34  ? 7.219   -12.985 -7.611  1.00 10.74 ? 40  GLY B N   1 
ATOM   300  C CA  . GLY A 1 34  ? 7.826   -14.043 -8.440  1.00 13.01 ? 40  GLY B CA  1 
ATOM   301  C C   . GLY A 1 34  ? 7.837   -15.377 -7.720  1.00 14.01 ? 40  GLY B C   1 
ATOM   302  O O   . GLY A 1 34  ? 7.459   -15.472 -6.552  1.00 14.03 ? 40  GLY B O   1 
ATOM   303  N N   . ASP A 1 35  ? 8.161   -16.442 -8.479  1.00 16.53 ? 41  ASP B N   1 
ATOM   304  C CA  . ASP A 1 35  ? 8.158   -17.820 -7.877  1.00 18.15 ? 41  ASP B CA  1 
ATOM   305  C C   . ASP A 1 35  ? 9.561   -18.104 -7.287  1.00 17.25 ? 41  ASP B C   1 
ATOM   306  O O   . ASP A 1 35  ? 9.735   -19.217 -6.716  1.00 17.35 ? 41  ASP B O   1 
ATOM   307  C CB  . ASP A 1 35  ? 7.578   -18.881 -8.854  1.00 22.90 ? 41  ASP B CB  1 
ATOM   308  C CG  . ASP A 1 35  ? 6.045   -18.892 -9.076  1.00 29.52 ? 41  ASP B CG  1 
ATOM   309  O OD1 . ASP A 1 35  ? 5.282   -18.519 -8.145  1.00 34.84 ? 41  ASP B OD1 1 
ATOM   310  O OD2 . ASP A 1 35  ? 5.595   -19.330 -10.172 1.00 33.66 ? 41  ASP B OD2 1 
ATOM   311  N N   . THR A 1 36  ? 10.507  -17.183 -7.316  1.00 14.03 ? 42  THR B N   1 
ATOM   312  C CA  . THR A 1 36  ? 11.899  -17.359 -6.817  1.00 14.14 ? 42  THR B CA  1 
ATOM   313  C C   . THR A 1 36  ? 12.569  -16.010 -6.569  1.00 12.03 ? 42  THR B C   1 
ATOM   314  O O   . THR A 1 36  ? 12.024  -14.901 -7.006  1.00 12.01 ? 42  THR B O   1 
ATOM   315  C CB  . THR A 1 36  ? 12.557  -18.203 -7.900  1.00 16.25 ? 42  THR B CB  1 
ATOM   316  O OG1 . THR A 1 36  ? 13.770  -18.680 -7.383  1.00 17.56 ? 42  THR B OG1 1 
ATOM   317  C CG2 . THR A 1 36  ? 12.792  -17.449 -9.195  1.00 18.02 ? 42  THR B CG2 1 
ATOM   318  N N   . HIS A 1 37  ? 13.775  -15.990 -6.018  1.00 12.14 ? 43  HIS B N   1 
ATOM   319  C CA  . HIS A 1 37  ? 14.614  -14.783 -5.907  1.00 11.40 ? 43  HIS B CA  1 
ATOM   320  C C   . HIS A 1 37  ? 14.865  -14.212 -7.295  1.00 11.81 ? 43  HIS B C   1 
ATOM   321  O O   . HIS A 1 37  ? 15.218  -14.981 -8.248  1.00 11.80 ? 43  HIS B O   1 
ATOM   322  C CB  . HIS A 1 37  ? 15.904  -15.149 -5.171  1.00 11.04 ? 43  HIS B CB  1 
ATOM   323  C CG  . HIS A 1 37  ? 16.827  -14.064 -4.820  1.00 10.71 ? 43  HIS B CG  1 
ATOM   324  N ND1 . HIS A 1 37  ? 17.546  -13.341 -5.762  1.00 11.38 ? 43  HIS B ND1 1 
ATOM   325  C CD2 . HIS A 1 37  ? 17.250  -13.604 -3.602  1.00 11.73 ? 43  HIS B CD2 1 
ATOM   326  C CE1 . HIS A 1 37  ? 18.335  -12.492 -5.151  1.00 11.10 ? 43  HIS B CE1 1 
ATOM   327  N NE2 . HIS A 1 37  ? 18.171  -12.613 -3.776  1.00 11.33 ? 43  HIS B NE2 1 
ATOM   328  N N   . GLN A 1 38  ? 14.755  -12.898 -7.456  1.00 10.60 ? 44  GLN B N   1 
ATOM   329  C CA  . GLN A 1 38  ? 14.805  -12.249 -8.784  1.00 10.64 ? 44  GLN B CA  1 
ATOM   330  C C   . GLN A 1 38  ? 16.217  -11.792 -9.160  1.00 11.51 ? 44  GLN B C   1 
ATOM   331  O O   . GLN A 1 38  ? 16.357  -10.979 -10.104 1.00 12.90 ? 44  GLN B O   1 
ATOM   332  C CB  . GLN A 1 38  ? 13.759  -11.118 -8.858  1.00 10.88 ? 44  GLN B CB  1 
ATOM   333  C CG  . GLN A 1 38  ? 12.366  -11.640 -8.786  1.00 11.33 ? 44  GLN B CG  1 
ATOM   334  C CD  . GLN A 1 38  ? 12.045  -12.662 -9.842  1.00 11.73 ? 44  GLN B CD  1 
ATOM   335  O OE1 . GLN A 1 38  ? 11.535  -13.765 -9.594  1.00 14.84 ? 44  GLN B OE1 1 
ATOM   336  N NE2 . GLN A 1 38  ? 12.379  -12.365 -11.085 1.00 10.75 ? 44  GLN B NE2 1 
ATOM   337  N N   . ASN A 1 39  ? 17.248  -12.293 -8.487  1.00 11.45 ? 45  ASN B N   1 
ATOM   338  C CA  . ASN A 1 39  ? 18.653  -12.155 -8.947  1.00 11.09 ? 45  ASN B CA  1 
ATOM   339  C C   . ASN A 1 39  ? 19.137  -10.742 -8.822  1.00 11.81 ? 45  ASN B C   1 
ATOM   340  O O   . ASN A 1 39  ? 19.992  -10.306 -9.593  1.00 13.41 ? 45  ASN B O   1 
ATOM   341  C CB  . ASN A 1 39  ? 18.866  -12.658 -10.388 1.00 11.36 ? 45  ASN B CB  1 
ATOM   342  C CG  . ASN A 1 39  ? 20.299  -13.104 -10.614 1.00 10.56 ? 45  ASN B CG  1 
ATOM   343  O OD1 . ASN A 1 39  ? 21.014  -13.509 -9.699  1.00 10.43 ? 45  ASN B OD1 1 
ATOM   344  N ND2 . ASN A 1 39  ? 20.786  -12.960 -11.848 1.00 11.05 ? 45  ASN B ND2 1 
ATOM   345  N N   . VAL A 1 40  ? 18.722  -10.037 -7.786  1.00 13.51 ? 46  VAL B N   1 
ATOM   346  C CA  . VAL A 1 40  ? 19.180  -8.676  -7.398  1.00 14.93 ? 46  VAL B CA  1 
ATOM   347  C C   . VAL A 1 40  ? 20.125  -8.763  -6.183  1.00 13.88 ? 46  VAL B C   1 
ATOM   348  O O   . VAL A 1 40  ? 19.971  -9.663  -5.392  1.00 14.02 ? 46  VAL B O   1 
ATOM   349  C CB  . VAL A 1 40  ? 17.980  -7.737  -7.094  1.00 15.90 ? 46  VAL B CB  1 
ATOM   350  C CG1 . VAL A 1 40  ? 17.140  -7.465  -8.331  1.00 18.85 ? 46  VAL B CG1 1 
ATOM   351  C CG2 . VAL A 1 40  ? 17.085  -8.256  -5.986  1.00 16.60 ? 46  VAL B CG2 1 
ATOM   352  N N   . SER A 1 41  ? 21.027  -7.812  -6.021  1.00 15.13 ? 47  SER B N   1 
ATOM   353  C CA  . SER A 1 41  ? 21.869  -7.712  -4.827  1.00 15.27 ? 47  SER B CA  1 
ATOM   354  C C   . SER A 1 41  ? 21.028  -7.246  -3.645  1.00 13.18 ? 47  SER B C   1 
ATOM   355  O O   . SER A 1 41  ? 19.990  -6.526  -3.837  1.00 13.95 ? 47  SER B O   1 
ATOM   356  C CB  . SER A 1 41  ? 23.021  -6.749  -5.055  1.00 17.88 ? 47  SER B CB  1 
ATOM   357  O OG  . SER A 1 41  ? 22.539  -5.453  -5.404  1.00 20.65 ? 47  SER B OG  1 
ATOM   358  N N   . ASP A 1 42  ? 21.407  -7.584  -2.445  1.00 14.39 ? 48  ASP B N   1 
ATOM   359  C CA  . ASP A 1 42  ? 20.739  -7.106  -1.218  1.00 14.73 ? 48  ASP B CA  1 
ATOM   360  C C   . ASP A 1 42  ? 21.196  -5.685  -0.927  1.00 15.90 ? 48  ASP B C   1 
ATOM   361  O O   . ASP A 1 42  ? 22.281  -5.251  -1.388  1.00 16.38 ? 48  ASP B O   1 
ATOM   362  C CB  . ASP A 1 42  ? 20.997  -8.077  -0.073  1.00 16.03 ? 48  ASP B CB  1 
ATOM   363  C CG  . ASP A 1 42  ? 20.137  -7.716  1.113   1.00 19.95 ? 48  ASP B CG  1 
ATOM   364  O OD1 . ASP A 1 42  ? 18.901  -7.358  0.919   1.00 15.89 ? 48  ASP B OD1 1 
ATOM   365  O OD2 . ASP A 1 42  ? 20.779  -7.542  2.202   1.00 24.97 ? 48  ASP B OD2 1 
ATOM   366  N N   . ASN A 1 43  ? 20.375  -4.948  -0.169  1.00 14.18 ? 49  ASN B N   1 
ATOM   367  C CA  . ASN A 1 43  ? 20.719  -3.587  0.282   1.00 15.20 ? 49  ASN B CA  1 
ATOM   368  C C   . ASN A 1 43  ? 19.852  -3.270  1.486   1.00 15.49 ? 49  ASN B C   1 
ATOM   369  O O   . ASN A 1 43  ? 18.949  -4.053  1.834   1.00 15.41 ? 49  ASN B O   1 
ATOM   370  C CB  . ASN A 1 43  ? 20.582  -2.588  -0.843  1.00 15.28 ? 49  ASN B CB  1 
ATOM   371  C CG  . ASN A 1 43  ? 19.135  -2.324  -1.237  1.00 14.56 ? 49  ASN B CG  1 
ATOM   372  O OD1 . ASN A 1 43  ? 18.300  -2.058  -0.349  1.00 16.53 ? 49  ASN B OD1 1 
ATOM   373  N ND2 . ASN A 1 43  ? 18.762  -2.413  -2.467  1.00 14.27 ? 49  ASN B ND2 1 
ATOM   374  N N   . LYS A 1 44  ? 20.215  -2.227  2.197   1.00 16.35 ? 50  LYS B N   1 
ATOM   375  C CA  . LYS A 1 44  ? 19.571  -1.911  3.498   1.00 17.69 ? 50  LYS B CA  1 
ATOM   376  C C   . LYS A 1 44  ? 18.125  -1.405  3.301   1.00 15.02 ? 50  LYS B C   1 
ATOM   377  O O   . LYS A 1 44  ? 17.380  -1.431  4.288   1.00 16.40 ? 50  LYS B O   1 
ATOM   378  C CB  . LYS A 1 44  ? 20.356  -0.835  4.259   1.00 20.82 ? 50  LYS B CB  1 
ATOM   379  C CG  . LYS A 1 44  ? 20.439  0.485   3.531   1.00 26.36 ? 50  LYS B CG  1 
ATOM   380  C CD  . LYS A 1 44  ? 21.472  1.442   4.097   1.00 35.62 ? 50  LYS B CD  1 
ATOM   381  C CE  . LYS A 1 44  ? 21.248  2.857   3.607   1.00 39.69 ? 50  LYS B CE  1 
ATOM   382  N NZ  . LYS A 1 44  ? 21.645  3.836   4.644   1.00 46.46 ? 50  LYS B NZ  1 
ATOM   383  N N   . GLU A 1 45  ? 17.770  -0.999  2.111   1.00 14.13 ? 51  GLU B N   1 
ATOM   384  C CA  . GLU A 1 45  ? 16.388  -0.498  1.844   1.00 13.94 ? 51  GLU B CA  1 
ATOM   385  C C   . GLU A 1 45  ? 15.384  -1.654  1.646   1.00 13.18 ? 51  GLU B C   1 
ATOM   386  O O   . GLU A 1 45  ? 14.141  -1.408  1.851   1.00 14.04 ? 51  GLU B O   1 
ATOM   387  C CB  . GLU A 1 45  ? 16.349  0.361   0.602   1.00 16.18 ? 51  GLU B CB  1 
ATOM   388  C CG  . GLU A 1 45  ? 17.247  1.606   0.595   1.00 20.28 ? 51  GLU B CG  1 
ATOM   389  C CD  . GLU A 1 45  ? 17.125  2.353   -0.734  1.00 25.64 ? 51  GLU B CD  1 
ATOM   390  O OE1 . GLU A 1 45  ? 18.102  2.343   -1.539  1.00 31.23 ? 51  GLU B OE1 1 
ATOM   391  O OE2 . GLU A 1 45  ? 16.058  2.921   -1.028  1.00 27.74 ? 51  GLU B OE2 1 
ATOM   392  N N   . ARG A 1 46  ? 15.791  -2.854  1.209   1.00 12.14 ? 52  ARG B N   1 
ATOM   393  C CA  . ARG A 1 46  ? 14.791  -3.882  0.821   1.00 10.96 ? 52  ARG B CA  1 
ATOM   394  C C   . ARG A 1 46  ? 14.034  -4.428  1.999   1.00 11.67 ? 52  ARG B C   1 
ATOM   395  O O   . ARG A 1 46  ? 14.611  -4.798  3.044   1.00 11.90 ? 52  ARG B O   1 
ATOM   396  C CB  . ARG A 1 46  ? 15.496  -5.055  0.142   1.00 10.83 ? 52  ARG B CB  1 
ATOM   397  C CG  . ARG A 1 46  ? 16.203  -4.712  -1.152  1.00 12.39 ? 52  ARG B CG  1 
ATOM   398  C CD  . ARG A 1 46  ? 16.469  -5.983  -2.032  1.00 11.18 ? 52  ARG B CD  1 
ATOM   399  N NE  . ARG A 1 46  ? 17.237  -5.650  -3.204  1.00 12.48 ? 52  ARG B NE  1 
ATOM   400  C CZ  . ARG A 1 46  ? 16.765  -4.987  -4.250  1.00 12.40 ? 52  ARG B CZ  1 
ATOM   401  N NH1 . ARG A 1 46  ? 15.456  -4.737  -4.369  1.00 11.65 ? 52  ARG B NH1 1 
ATOM   402  N NH2 . ARG A 1 46  ? 17.600  -4.591  -5.221  1.00 14.23 ? 52  ARG B NH2 1 
ATOM   403  N N   . PHE A 1 47  ? 12.725  -4.539  1.881   1.00 10.44 ? 53  PHE B N   1 
ATOM   404  C CA  . PHE A 1 47  ? 11.947  -5.282  2.871   1.00 10.05 ? 53  PHE B CA  1 
ATOM   405  C C   . PHE A 1 47  ? 12.348  -6.757  2.784   1.00 11.35 ? 53  PHE B C   1 
ATOM   406  O O   . PHE A 1 47  ? 12.201  -7.407  1.753   1.00 11.91 ? 53  PHE B O   1 
ATOM   407  C CB  . PHE A 1 47  ? 10.457  -5.140  2.603   1.00 9.31  ? 53  PHE B CB  1 
ATOM   408  C CG  . PHE A 1 47  ? 9.932   -3.775  2.989   1.00 9.34  ? 53  PHE B CG  1 
ATOM   409  C CD1 . PHE A 1 47  ? 9.650   -3.463  4.315   1.00 9.56  ? 53  PHE B CD1 1 
ATOM   410  C CD2 . PHE A 1 47  ? 9.694   -2.795  2.035   1.00 9.86  ? 53  PHE B CD2 1 
ATOM   411  C CE1 . PHE A 1 47  ? 9.181   -2.202  4.690   1.00 10.36 ? 53  PHE B CE1 1 
ATOM   412  C CE2 . PHE A 1 47  ? 9.195   -1.523  2.412   1.00 9.94  ? 53  PHE B CE2 1 
ATOM   413  C CZ  . PHE A 1 47  ? 8.935   -1.265  3.738   1.00 9.40  ? 53  PHE B CZ  1 
ATOM   414  N N   . SER A 1 48  ? 12.822  -7.318  3.873   1.00 11.61 ? 54  SER B N   1 
ATOM   415  C CA  . SER A 1 48  ? 13.387  -8.707  3.874   1.00 12.72 ? 54  SER B CA  1 
ATOM   416  C C   . SER A 1 48  ? 12.332  -9.749  4.128   1.00 12.89 ? 54  SER B C   1 
ATOM   417  O O   . SER A 1 48  ? 12.475  -10.863 3.509   1.00 15.71 ? 54  SER B O   1 
ATOM   418  C CB  . SER A 1 48  ? 14.537  -8.837  4.888   1.00 14.09 ? 54  SER B CB  1 
ATOM   419  O OG  . SER A 1 48  ? 14.077  -8.581  6.207   1.00 14.43 ? 54  SER B OG  1 
ATOM   420  N N   . ASN A 1 49  ? 11.347  -9.563  4.974   1.00 12.37 ? 55  ASN B N   1 
ATOM   421  C CA  . ASN A 1 49  ? 10.521  -10.666 5.486   1.00 13.40 ? 55  ASN B CA  1 
ATOM   422  C C   . ASN A 1 49  ? 9.187   -10.799 4.771   1.00 12.18 ? 55  ASN B C   1 
ATOM   423  O O   . ASN A 1 49  ? 8.498   -11.794 4.942   1.00 14.57 ? 55  ASN B O   1 
ATOM   424  C CB  . ASN A 1 49  ? 10.253  -10.486 6.971   1.00 14.77 ? 55  ASN B CB  1 
ATOM   425  C CG  . ASN A 1 49  ? 11.457  -10.784 7.875   1.00 16.09 ? 55  ASN B CG  1 
ATOM   426  O OD1 . ASN A 1 49  ? 12.588  -10.400 7.593   1.00 19.63 ? 55  ASN B OD1 1 
ATOM   427  N ND2 . ASN A 1 49  ? 11.194  -11.578 8.897   1.00 22.03 ? 55  ASN B ND2 1 
ATOM   428  N N   . TYR A 1 50  ? 8.748   -9.764  4.031   1.00 10.68 ? 56  TYR B N   1 
ATOM   429  C CA  . TYR A 1 50  ? 7.398   -9.714  3.418   1.00 10.42 ? 56  TYR B CA  1 
ATOM   430  C C   . TYR A 1 50  ? 7.515   -9.158  2.002   1.00 9.12  ? 56  TYR B C   1 
ATOM   431  O O   . TYR A 1 50  ? 8.454   -8.439  1.697   1.00 9.64  ? 56  TYR B O   1 
ATOM   432  C CB  . TYR A 1 50  ? 6.502   -8.785  4.246   1.00 10.64 ? 56  TYR B CB  1 
ATOM   433  C CG  . TYR A 1 50  ? 6.561   -8.960  5.744   1.00 11.38 ? 56  TYR B CG  1 
ATOM   434  C CD1 . TYR A 1 50  ? 5.903   -10.047 6.322   1.00 14.20 ? 56  TYR B CD1 1 
ATOM   435  C CD2 . TYR A 1 50  ? 7.237   -8.096  6.596   1.00 12.31 ? 56  TYR B CD2 1 
ATOM   436  C CE1 . TYR A 1 50  ? 5.887   -10.246 7.706   1.00 15.25 ? 56  TYR B CE1 1 
ATOM   437  C CE2 . TYR A 1 50  ? 7.299   -8.338  7.956   1.00 12.51 ? 56  TYR B CE2 1 
ATOM   438  C CZ  . TYR A 1 50  ? 6.599   -9.388  8.517   1.00 13.68 ? 56  TYR B CZ  1 
ATOM   439  O OH  . TYR A 1 50  ? 6.647   -9.522  9.882   1.00 15.00 ? 56  TYR B OH  1 
ATOM   440  N N   . PRO A 1 51  ? 6.523   -9.461  1.133   1.00 9.50  ? 57  PRO B N   1 
ATOM   441  C CA  . PRO A 1 51  ? 6.555   -9.037  -0.270  1.00 9.53  ? 57  PRO B CA  1 
ATOM   442  C C   . PRO A 1 51  ? 6.151   -7.566  -0.521  1.00 7.76  ? 57  PRO B C   1 
ATOM   443  O O   . PRO A 1 51  ? 5.227   -7.277  -1.239  1.00 8.33  ? 57  PRO B O   1 
ATOM   444  C CB  . PRO A 1 51  ? 5.603   -10.040 -0.979  1.00 10.64 ? 57  PRO B CB  1 
ATOM   445  C CG  . PRO A 1 51  ? 5.299   -11.103 0.038   1.00 12.47 ? 57  PRO B CG  1 
ATOM   446  C CD  . PRO A 1 51  ? 5.440   -10.418 1.350   1.00 10.39 ? 57  PRO B CD  1 
ATOM   447  N N   . MET A 1 52  ? 6.910   -6.667  0.111   1.00 8.03  ? 58  MET B N   1 
ATOM   448  C CA  . MET A 1 52  ? 6.612   -5.229  0.216   1.00 7.26  ? 58  MET B CA  1 
ATOM   449  C C   . MET A 1 52  ? 7.538   -4.433  -0.664  1.00 7.65  ? 58  MET B C   1 
ATOM   450  O O   . MET A 1 52  ? 8.702   -4.788  -0.975  1.00 8.94  ? 58  MET B O   1 
ATOM   451  C CB  . MET A 1 52  ? 6.738   -4.777  1.652   1.00 8.08  ? 58  MET B CB  1 
ATOM   452  C CG  . MET A 1 52  ? 5.696   -5.338  2.566   1.00 8.18  ? 58  MET B CG  1 
ATOM   453  S SD  . MET A 1 52  ? 6.135   -5.057  4.312   1.00 9.58  ? 58  MET B SD  1 
ATOM   454  C CE  . MET A 1 52  ? 4.764   -5.827  5.181   1.00 10.58 ? 58  MET B CE  1 
ATOM   455  N N   . VAL A 1 53  ? 7.038   -3.254  -1.081  1.00 7.90  ? 59  VAL B N   1 
ATOM   456  C CA  . VAL A 1 53  ? 7.772   -2.273  -1.911  1.00 8.36  ? 59  VAL B CA  1 
ATOM   457  C C   . VAL A 1 53  ? 7.198   -0.880  -1.612  1.00 8.01  ? 59  VAL B C   1 
ATOM   458  O O   . VAL A 1 53  ? 5.975   -0.769  -1.320  1.00 8.32  ? 59  VAL B O   1 
ATOM   459  C CB  . VAL A 1 53  ? 7.735   -2.625  -3.412  1.00 9.03  ? 59  VAL B CB  1 
ATOM   460  C CG1 . VAL A 1 53  ? 6.325   -2.696  -3.953  1.00 9.38  ? 59  VAL B CG1 1 
ATOM   461  C CG2 . VAL A 1 53  ? 8.637   -1.731  -4.270  1.00 9.23  ? 59  VAL B CG2 1 
ATOM   462  N N   . LEU A 1 54  ? 8.005   0.161   -1.781  1.00 7.90  ? 60  LEU B N   1 
ATOM   463  C CA  . LEU A 1 54  ? 7.539   1.560   -1.632  1.00 8.23  ? 60  LEU B CA  1 
ATOM   464  C C   . LEU A 1 54  ? 7.401   2.228   -2.972  1.00 8.74  ? 60  LEU B C   1 
ATOM   465  O O   . LEU A 1 54  ? 8.175   1.933   -3.967  1.00 9.93  ? 60  LEU B O   1 
ATOM   466  C CB  . LEU A 1 54  ? 8.496   2.380   -0.769  1.00 9.27  ? 60  LEU B CB  1 
ATOM   467  C CG  . LEU A 1 54  ? 8.757   1.799   0.600   1.00 9.25  ? 60  LEU B CG  1 
ATOM   468  C CD1 . LEU A 1 54  ? 9.666   2.693   1.440   1.00 11.34 ? 60  LEU B CD1 1 
ATOM   469  C CD2 . LEU A 1 54  ? 7.477   1.502   1.357   1.00 9.55  ? 60  LEU B CD2 1 
ATOM   470  N N   . GLY A 1 55  ? 6.520   3.239   -3.044  1.00 8.93  ? 61  GLY B N   1 
ATOM   471  C CA  . GLY A 1 55  ? 6.588   4.245   -4.134  1.00 9.23  ? 61  GLY B CA  1 
ATOM   472  C C   . GLY A 1 55  ? 7.862   5.087   -4.056  1.00 9.48  ? 61  GLY B C   1 
ATOM   473  O O   . GLY A 1 55  ? 8.386   5.305   -2.990  1.00 9.92  ? 61  GLY B O   1 
ATOM   474  N N   . ALA A 1 56  ? 8.302   5.599   -5.200  1.00 10.57 ? 62  ALA B N   1 
ATOM   475  C CA  . ALA A 1 56  ? 9.499   6.469   -5.258  1.00 11.87 ? 62  ALA B CA  1 
ATOM   476  C C   . ALA A 1 56  ? 9.197   7.857   -4.678  1.00 12.45 ? 62  ALA B C   1 
ATOM   477  O O   . ALA A 1 56  ? 10.099  8.517   -4.132  1.00 15.75 ? 62  ALA B O   1 
ATOM   478  C CB  . ALA A 1 56  ? 9.959   6.567   -6.673  1.00 13.38 ? 62  ALA B CB  1 
ATOM   479  N N   . GLN A 1 57  ? 7.960   8.290   -4.789  1.00 11.63 ? 63  GLN B N   1 
ATOM   480  C CA  . GLN A 1 57  ? 7.548   9.661   -4.398  1.00 12.62 ? 63  GLN B CA  1 
ATOM   481  C C   . GLN A 1 57  ? 7.567   9.809   -2.874  1.00 13.11 ? 63  GLN B C   1 
ATOM   482  O O   . GLN A 1 57  ? 7.234   8.849   -2.099  1.00 13.77 ? 63  GLN B O   1 
ATOM   483  C CB  . GLN A 1 57  ? 6.166   9.971   -4.982  1.00 14.56 ? 63  GLN B CB  1 
ATOM   484  C CG  . GLN A 1 57  ? 6.143   10.134  -6.488  1.00 16.15 ? 63  GLN B CG  1 
ATOM   485  C CD  . GLN A 1 57  ? 6.342   8.829   -7.240  1.00 15.84 ? 63  GLN B CD  1 
ATOM   486  O OE1 . GLN A 1 57  ? 5.852   7.792   -6.789  1.00 14.71 ? 63  GLN B OE1 1 
ATOM   487  N NE2 . GLN A 1 57  ? 6.994   8.862   -8.390  1.00 18.16 ? 63  GLN B NE2 1 
ATOM   488  N N   . ARG A 1 58  ? 8.014   10.974  -2.392  1.00 12.91 ? 64  ARG B N   1 
ATOM   489  C CA  . ARG A 1 58  ? 7.995   11.351  -0.978  1.00 13.07 ? 64  ARG B CA  1 
ATOM   490  C C   . ARG A 1 58  ? 7.097   12.559  -0.789  1.00 12.21 ? 64  ARG B C   1 
ATOM   491  O O   . ARG A 1 58  ? 7.169   13.500  -1.617  1.00 15.11 ? 64  ARG B O   1 
ATOM   492  C CB  . ARG A 1 58  ? 9.375   11.776  -0.436  1.00 17.24 ? 64  ARG B CB  1 
ATOM   493  C CG  . ARG A 1 58  ? 10.343  10.641  -0.087  1.00 24.84 ? 64  ARG B CG  1 
ATOM   494  C CD  . ARG A 1 58  ? 10.496  9.732   -1.290  1.00 26.66 ? 64  ARG B CD  1 
ATOM   495  N NE  . ARG A 1 58  ? 11.628  8.887   -1.706  1.00 29.58 ? 64  ARG B NE  1 
ATOM   496  C CZ  . ARG A 1 58  ? 12.773  8.663   -1.066  1.00 28.25 ? 64  ARG B CZ  1 
ATOM   497  N NH1 . ARG A 1 58  ? 13.679  7.875   -1.631  1.00 33.59 ? 64  ARG B NH1 1 
ATOM   498  N NH2 . ARG A 1 58  ? 13.030  9.214   0.095   1.00 29.81 ? 64  ARG B NH2 1 
ATOM   499  N N   . PHE A 1 59  ? 6.228   12.526  0.176   1.00 10.82 ? 65  PHE B N   1 
ATOM   500  C CA  . PHE A 1 59  ? 5.283   13.637  0.420   1.00 11.65 ? 65  PHE B CA  1 
ATOM   501  C C   . PHE A 1 59  ? 5.473   14.162  1.826   1.00 10.42 ? 65  PHE B C   1 
ATOM   502  O O   . PHE A 1 59  ? 5.475   13.438  2.804   1.00 11.24 ? 65  PHE B O   1 
ATOM   503  C CB  . PHE A 1 59  ? 3.839   13.124  0.277   1.00 13.05 ? 65  PHE B CB  1 
ATOM   504  C CG  . PHE A 1 59  ? 3.547   12.474  -1.076  1.00 14.46 ? 65  PHE B CG  1 
ATOM   505  C CD1 . PHE A 1 59  ? 3.779   13.219  -2.212  1.00 16.78 ? 65  PHE B CD1 1 
ATOM   506  C CD2 . PHE A 1 59  ? 3.100   11.181  -1.231  1.00 21.17 ? 65  PHE B CD2 1 
ATOM   507  C CE1 . PHE A 1 59  ? 3.541   12.728  -3.487  1.00 19.17 ? 65  PHE B CE1 1 
ATOM   508  C CE2 . PHE A 1 59  ? 2.832   10.683  -2.515  1.00 18.12 ? 65  PHE B CE2 1 
ATOM   509  C CZ  . PHE A 1 59  ? 3.117   11.438  -3.616  1.00 19.27 ? 65  PHE B CZ  1 
ATOM   510  N N   A SER A 1 60  ? 5.607   15.494  1.933   0.50 11.26 ? 66  SER B N   1 
ATOM   511  N N   B SER A 1 60  ? 5.574   15.496  1.958   0.50 11.10 ? 66  SER B N   1 
ATOM   512  C CA  A SER A 1 60  ? 5.822   16.195  3.222   0.50 11.74 ? 66  SER B CA  1 
ATOM   513  C CA  B SER A 1 60  ? 5.723   16.201  3.258   0.50 11.45 ? 66  SER B CA  1 
ATOM   514  C C   A SER A 1 60  ? 4.811   17.342  3.431   0.50 11.70 ? 66  SER B C   1 
ATOM   515  C C   B SER A 1 60  ? 4.752   17.368  3.375   0.50 11.82 ? 66  SER B C   1 
ATOM   516  O O   A SER A 1 60  ? 4.847   17.965  4.523   0.50 11.78 ? 66  SER B O   1 
ATOM   517  O O   B SER A 1 60  ? 4.983   18.230  4.212   0.50 10.68 ? 66  SER B O   1 
ATOM   518  C CB  A SER A 1 60  ? 7.293   16.626  3.366   0.50 12.43 ? 66  SER B CB  1 
ATOM   519  C CB  B SER A 1 60  ? 7.113   16.735  3.432   0.50 11.77 ? 66  SER B CB  1 
ATOM   520  O OG  A SER A 1 60  ? 8.135   15.489  3.723   0.50 13.69 ? 66  SER B OG  1 
ATOM   521  O OG  B SER A 1 60  ? 7.421   17.538  2.320   0.50 12.52 ? 66  SER B OG  1 
ATOM   522  N N   A SER A 1 61  ? 3.887   17.542  2.490   0.50 10.83 ? 67  SER B N   1 
ATOM   523  N N   B SER A 1 61  ? 3.782   17.450  2.494   0.50 12.36 ? 67  SER B N   1 
ATOM   524  C CA  A SER A 1 61  ? 2.819   18.578  2.572   0.50 10.72 ? 67  SER B CA  1 
ATOM   525  C CA  B SER A 1 61  ? 2.837   18.578  2.483   0.50 13.31 ? 67  SER B CA  1 
ATOM   526  C C   A SER A 1 61  ? 1.696   18.227  1.596   0.50 11.29 ? 67  SER B C   1 
ATOM   527  C C   B SER A 1 61  ? 1.740   18.289  1.472   0.50 12.96 ? 67  SER B C   1 
ATOM   528  O O   A SER A 1 61  ? 1.865   17.335  0.792   0.50 11.79 ? 67  SER B O   1 
ATOM   529  O O   B SER A 1 61  ? 2.008   17.516  0.511   0.50 13.91 ? 67  SER B O   1 
ATOM   530  C CB  A SER A 1 61  ? 3.376   19.972  2.208   0.50 11.30 ? 67  SER B CB  1 
ATOM   531  C CB  B SER A 1 61  ? 3.587   19.844  2.092   0.50 14.95 ? 67  SER B CB  1 
ATOM   532  O OG  A SER A 1 61  ? 3.739   20.055  0.841   0.50 12.35 ? 67  SER B OG  1 
ATOM   533  O OG  B SER A 1 61  ? 2.752   20.967  2.260   0.50 19.26 ? 67  SER B OG  1 
ATOM   534  N N   . GLY A 1 62  ? 0.604   18.964  1.615   1.00 13.30 ? 68  GLY B N   1 
ATOM   535  C CA  . GLY A 1 62  ? -0.383  18.905  0.531   1.00 14.50 ? 68  GLY B CA  1 
ATOM   536  C C   . GLY A 1 62  ? -1.370  17.740  0.629   1.00 11.43 ? 68  GLY B C   1 
ATOM   537  O O   . GLY A 1 62  ? -1.393  16.997  1.608   1.00 13.16 ? 68  GLY B O   1 
ATOM   538  N N   . LYS A 1 63  ? -2.128  17.660  -0.432  1.00 11.17 ? 69  LYS B N   1 
ATOM   539  C CA  . LYS A 1 63  ? -3.156  16.629  -0.617  1.00 11.35 ? 69  LYS B CA  1 
ATOM   540  C C   . LYS A 1 63  ? -2.739  15.799  -1.812  1.00 11.44 ? 69  LYS B C   1 
ATOM   541  O O   . LYS A 1 63  ? -2.419  16.342  -2.874  1.00 13.05 ? 69  LYS B O   1 
ATOM   542  C CB  . LYS A 1 63  ? -4.514  17.293  -0.815  1.00 12.68 ? 69  LYS B CB  1 
ATOM   543  C CG  . LYS A 1 63  ? -5.038  18.052  0.393   1.00 13.47 ? 69  LYS B CG  1 
ATOM   544  C CD  . LYS A 1 63  ? -6.354  18.807  0.101   1.00 15.51 ? 69  LYS B CD  1 
ATOM   545  C CE  . LYS A 1 63  ? -6.950  19.491  1.320   1.00 17.85 ? 69  LYS B CE  1 
ATOM   546  N NZ  . LYS A 1 63  ? -8.226  20.191  1.001   1.00 20.40 ? 69  LYS B NZ  1 
ATOM   547  N N   . MET A 1 64  ? -2.841  14.484  -1.685  1.00 10.54 ? 70  MET B N   1 
ATOM   548  C CA  . MET A 1 64  ? -2.416  13.520  -2.721  1.00 10.75 ? 70  MET B CA  1 
ATOM   549  C C   . MET A 1 64  ? -3.463  12.420  -2.853  1.00 10.11 ? 70  MET B C   1 
ATOM   550  O O   . MET A 1 64  ? -4.037  12.007  -1.834  1.00 10.62 ? 70  MET B O   1 
ATOM   551  C CB  . MET A 1 64  ? -1.123  12.824  -2.330  1.00 10.38 ? 70  MET B CB  1 
ATOM   552  C CG  . MET A 1 64  ? 0.129   13.653  -2.373  1.00 11.93 ? 70  MET B CG  1 
ATOM   553  S SD  . MET A 1 64  ? 0.382   15.003  -1.189  1.00 13.40 ? 70  MET B SD  1 
ATOM   554  C CE  . MET A 1 64  ? 0.223   14.203  0.380   1.00 14.23 ? 70  MET B CE  1 
ATOM   555  N N   . TYR A 1 65  ? -3.674  11.923  -4.054  1.00 10.60 ? 71  TYR B N   1 
ATOM   556  C CA  . TYR A 1 65  ? -4.661  10.840  -4.313  1.00 10.28 ? 71  TYR B CA  1 
ATOM   557  C C   . TYR A 1 65  ? -4.068  9.908   -5.359  1.00 9.93  ? 71  TYR B C   1 
ATOM   558  O O   . TYR A 1 65  ? -3.508  10.378  -6.391  1.00 10.97 ? 71  TYR B O   1 
ATOM   559  C CB  . TYR A 1 65  ? -5.987  11.429  -4.817  1.00 11.26 ? 71  TYR B CB  1 
ATOM   560  C CG  . TYR A 1 65  ? -7.041  10.410  -5.147  1.00 11.00 ? 71  TYR B CG  1 
ATOM   561  C CD1 . TYR A 1 65  ? -7.765  9.806   -4.138  1.00 11.16 ? 71  TYR B CD1 1 
ATOM   562  C CD2 . TYR A 1 65  ? -7.318  10.031  -6.463  1.00 11.49 ? 71  TYR B CD2 1 
ATOM   563  C CE1 . TYR A 1 65  ? -8.721  8.821   -4.398  1.00 11.87 ? 71  TYR B CE1 1 
ATOM   564  C CE2 . TYR A 1 65  ? -8.279  9.067   -6.731  1.00 11.31 ? 71  TYR B CE2 1 
ATOM   565  C CZ  . TYR A 1 65  ? -8.990  8.468   -5.717  1.00 11.71 ? 71  TYR B CZ  1 
ATOM   566  O OH  . TYR A 1 65  ? -9.900  7.485   -6.011  1.00 12.80 ? 71  TYR B OH  1 
ATOM   567  N N   . TRP A 1 66  ? -4.251  8.602   -5.184  1.00 9.22  ? 72  TRP B N   1 
ATOM   568  C CA  . TRP A 1 66  ? -3.917  7.617   -6.246  1.00 9.62  ? 72  TRP B CA  1 
ATOM   569  C C   . TRP A 1 66  ? -4.845  6.412   -6.107  1.00 9.41  ? 72  TRP B C   1 
ATOM   570  O O   . TRP A 1 66  ? -5.519  6.233   -5.086  1.00 9.97  ? 72  TRP B O   1 
ATOM   571  C CB  . TRP A 1 66  ? -2.406  7.244   -6.223  1.00 9.83  ? 72  TRP B CB  1 
ATOM   572  C CG  . TRP A 1 66  ? -1.892  6.582   -4.997  1.00 9.02  ? 72  TRP B CG  1 
ATOM   573  C CD1 . TRP A 1 66  ? -1.706  5.237   -4.807  1.00 9.15  ? 72  TRP B CD1 1 
ATOM   574  C CD2 . TRP A 1 66  ? -1.426  7.195   -3.794  1.00 9.68  ? 72  TRP B CD2 1 
ATOM   575  N NE1 . TRP A 1 66  ? -1.191  4.986   -3.570  1.00 9.30  ? 72  TRP B NE1 1 
ATOM   576  C CE2 . TRP A 1 66  ? -1.015  6.177   -2.916  1.00 9.90  ? 72  TRP B CE2 1 
ATOM   577  C CE3 . TRP A 1 66  ? -1.344  8.526   -3.351  1.00 10.92 ? 72  TRP B CE3 1 
ATOM   578  C CZ2 . TRP A 1 66  ? -0.485  6.438   -1.660  1.00 10.23 ? 72  TRP B CZ2 1 
ATOM   579  C CZ3 . TRP A 1 66  ? -0.809  8.810   -2.106  1.00 12.74 ? 72  TRP B CZ3 1 
ATOM   580  C CH2 . TRP A 1 66  ? -0.440  7.769   -1.252  1.00 12.29 ? 72  TRP B CH2 1 
ATOM   581  N N   . GLU A 1 67  ? -4.839  5.574   -7.146  1.00 9.35  ? 73  GLU B N   1 
ATOM   582  C CA  . GLU A 1 67  ? -5.661  4.347   -7.209  1.00 9.06  ? 73  GLU B CA  1 
ATOM   583  C C   . GLU A 1 67  ? -4.826  3.109   -7.514  1.00 8.97  ? 73  GLU B C   1 
ATOM   584  O O   . GLU A 1 67  ? -3.875  3.192   -8.255  1.00 9.57  ? 73  GLU B O   1 
ATOM   585  C CB  . GLU A 1 67  ? -6.782  4.505   -8.220  1.00 11.15 ? 73  GLU B CB  1 
ATOM   586  C CG  . GLU A 1 67  ? -7.793  5.561   -7.793  1.00 13.41 ? 73  GLU B CG  1 
ATOM   587  C CD  . GLU A 1 67  ? -8.951  5.783   -8.744  1.00 14.65 ? 73  GLU B CD  1 
ATOM   588  O OE1 . GLU A 1 67  ? -8.925  5.203   -9.879  1.00 20.50 ? 73  GLU B OE1 1 
ATOM   589  O OE2 . GLU A 1 67  ? -9.877  6.617   -8.401  1.00 14.38 ? 73  GLU B OE2 1 
ATOM   590  N N   . VAL A 1 68  ? -5.249  2.008   -6.925  1.00 8.70  ? 74  VAL B N   1 
ATOM   591  C CA  . VAL A 1 68  ? -4.548  0.725   -7.084  1.00 8.82  ? 74  VAL B CA  1 
ATOM   592  C C   . VAL A 1 68  ? -5.571  -0.327  -7.440  1.00 8.73  ? 74  VAL B C   1 
ATOM   593  O O   . VAL A 1 68  ? -6.604  -0.498  -6.785  1.00 10.14 ? 74  VAL B O   1 
ATOM   594  C CB  . VAL A 1 68  ? -3.798  0.320   -5.805  1.00 9.20  ? 74  VAL B CB  1 
ATOM   595  C CG1 . VAL A 1 68  ? -3.008  -0.938  -6.058  1.00 10.23 ? 74  VAL B CG1 1 
ATOM   596  C CG2 . VAL A 1 68  ? -2.943  1.466   -5.290  1.00 9.98  ? 74  VAL B CG2 1 
ATOM   597  N N   . ASP A 1 69  ? -5.248  -1.125  -8.466  1.00 9.34  ? 75  ASP B N   1 
ATOM   598  C CA  . ASP A 1 69  ? -6.030  -2.292  -8.910  1.00 9.81  ? 75  ASP B CA  1 
ATOM   599  C C   . ASP A 1 69  ? -5.608  -3.515  -8.132  1.00 8.72  ? 75  ASP B C   1 
ATOM   600  O O   . ASP A 1 69  ? -4.370  -3.842  -8.099  1.00 9.84  ? 75  ASP B O   1 
ATOM   601  C CB  . ASP A 1 69  ? -5.852  -2.535  -10.415 1.00 11.97 ? 75  ASP B CB  1 
ATOM   602  C CG  . ASP A 1 69  ? -6.908  -3.479  -10.980 1.00 14.43 ? 75  ASP B CG  1 
ATOM   603  O OD1 . ASP A 1 69  ? -6.986  -4.579  -10.565 1.00 13.31 ? 75  ASP B OD1 1 
ATOM   604  O OD2 . ASP A 1 69  ? -7.854  -3.008  -11.660 1.00 18.51 ? 75  ASP B OD2 1 
ATOM   605  N N   . VAL A 1 70  ? -6.565  -4.195  -7.510  1.00 9.27  ? 76  VAL B N   1 
ATOM   606  C CA  . VAL A 1 70  ? -6.348  -5.414  -6.665  1.00 9.73  ? 76  VAL B CA  1 
ATOM   607  C C   . VAL A 1 70  ? -7.124  -6.627  -7.218  1.00 9.60  ? 76  VAL B C   1 
ATOM   608  O O   . VAL A 1 70  ? -7.350  -7.601  -6.490  1.00 10.29 ? 76  VAL B O   1 
ATOM   609  C CB  . VAL A 1 70  ? -6.733  -5.108  -5.190  1.00 9.43  ? 76  VAL B CB  1 
ATOM   610  C CG1 . VAL A 1 70  ? -5.865  -3.997  -4.566  1.00 9.38  ? 76  VAL B CG1 1 
ATOM   611  C CG2 . VAL A 1 70  ? -8.200  -4.767  -4.997  1.00 10.37 ? 76  VAL B CG2 1 
ATOM   612  N N   . THR A 1 71  ? -7.585  -6.539  -8.466  1.00 10.19 ? 77  THR B N   1 
ATOM   613  C CA  . THR A 1 71  ? -8.414  -7.602  -9.095  1.00 11.20 ? 77  THR B CA  1 
ATOM   614  C C   . THR A 1 71  ? -7.807  -8.993  -8.857  1.00 11.16 ? 77  THR B C   1 
ATOM   615  O O   . THR A 1 71  ? -6.622  -9.225  -9.105  1.00 12.02 ? 77  THR B O   1 
ATOM   616  C CB  . THR A 1 71  ? -8.525  -7.345  -10.606 1.00 12.35 ? 77  THR B CB  1 
ATOM   617  O OG1 . THR A 1 71  ? -9.158  -6.078  -10.839 1.00 14.63 ? 77  THR B OG1 1 
ATOM   618  C CG2 . THR A 1 71  ? -9.299  -8.440  -11.315 1.00 14.43 ? 77  THR B CG2 1 
ATOM   619  N N   . GLN A 1 72  ? -8.678  -9.876  -8.418  1.00 13.22 ? 78  GLN B N   1 
ATOM   620  C CA  . GLN A 1 72  ? -8.481  -11.332 -8.211  1.00 15.16 ? 78  GLN B CA  1 
ATOM   621  C C   . GLN A 1 72  ? -7.403  -11.669 -7.193  1.00 15.32 ? 78  GLN B C   1 
ATOM   622  O O   . GLN A 1 72  ? -7.031  -12.872 -7.057  1.00 20.97 ? 78  GLN B O   1 
ATOM   623  C CB  . GLN A 1 72  ? -8.254  -12.070 -9.521  1.00 20.99 ? 78  GLN B CB  1 
ATOM   624  C CG  . GLN A 1 72  ? -6.987  -11.728 -10.273 1.00 27.67 ? 78  GLN B CG  1 
ATOM   625  C CD  . GLN A 1 72  ? -6.383  -12.978 -10.872 1.00 31.38 ? 78  GLN B CD  1 
ATOM   626  O OE1 . GLN A 1 72  ? -5.823  -12.956 -11.967 1.00 34.40 ? 78  GLN B OE1 1 
ATOM   627  N NE2 . GLN A 1 72  ? -6.426  -14.064 -10.111 1.00 36.51 ? 78  GLN B NE2 1 
ATOM   628  N N   . LYS A 1 73  ? -6.952  -10.738 -6.374  1.00 11.61 ? 79  LYS B N   1 
ATOM   629  C CA  . LYS A 1 73  ? -6.054  -11.086 -5.275  1.00 9.88  ? 79  LYS B CA  1 
ATOM   630  C C   . LYS A 1 73  ? -6.797  -11.586 -4.051  1.00 9.53  ? 79  LYS B C   1 
ATOM   631  O O   . LYS A 1 73  ? -7.904  -11.076 -3.728  1.00 10.73 ? 79  LYS B O   1 
ATOM   632  C CB  . LYS A 1 73  ? -5.166  -9.892  -4.943  1.00 10.28 ? 79  LYS B CB  1 
ATOM   633  C CG  . LYS A 1 73  ? -4.167  -9.561  -6.079  1.00 10.41 ? 79  LYS B CG  1 
ATOM   634  C CD  . LYS A 1 73  ? -3.116  -8.529  -5.725  1.00 10.41 ? 79  LYS B CD  1 
ATOM   635  C CE  . LYS A 1 73  ? -2.105  -9.025  -4.715  1.00 9.97  ? 79  LYS B CE  1 
ATOM   636  N NZ  . LYS A 1 73  ? -1.435  -10.328 -5.053  1.00 8.62  ? 79  LYS B NZ  1 
ATOM   637  N N   . GLU A 1 74  ? -6.170  -12.487 -3.330  1.00 8.78  ? 80  GLU B N   1 
ATOM   638  C CA  . GLU A 1 74  ? -6.676  -13.026 -2.059  1.00 8.65  ? 80  GLU B CA  1 
ATOM   639  C C   . GLU A 1 74  ? -6.092  -12.314 -0.854  1.00 8.46  ? 80  GLU B C   1 
ATOM   640  O O   . GLU A 1 74  ? -6.617  -12.458 0.242   1.00 9.58  ? 80  GLU B O   1 
ATOM   641  C CB  . GLU A 1 74  ? -6.288  -14.502 -1.920  1.00 9.49  ? 80  GLU B CB  1 
ATOM   642  C CG  . GLU A 1 74  ? -6.905  -15.443 -2.920  1.00 11.37 ? 80  GLU B CG  1 
ATOM   643  C CD  . GLU A 1 74  ? -6.376  -16.886 -2.818  1.00 10.82 ? 80  GLU B CD  1 
ATOM   644  O OE1 . GLU A 1 74  ? -7.018  -17.753 -3.435  1.00 13.57 ? 80  GLU B OE1 1 
ATOM   645  O OE2 . GLU A 1 74  ? -5.376  -17.116 -2.140  1.00 11.76 ? 80  GLU B OE2 1 
ATOM   646  N N   . ALA A 1 75  ? -4.945  -11.655 -0.984  1.00 8.33  ? 81  ALA B N   1 
ATOM   647  C CA  . ALA A 1 75  ? -4.279  -11.012 0.149   1.00 8.61  ? 81  ALA B CA  1 
ATOM   648  C C   . ALA A 1 75  ? -3.410  -9.885  -0.383  1.00 8.52  ? 81  ALA B C   1 
ATOM   649  O O   . ALA A 1 75  ? -2.729  -10.023 -1.433  1.00 9.12  ? 81  ALA B O   1 
ATOM   650  C CB  . ALA A 1 75  ? -3.426  -11.992 0.902   1.00 9.70  ? 81  ALA B CB  1 
ATOM   651  N N   . TRP A 1 76  ? -3.380  -8.756  0.348   1.00 8.08  ? 82  TRP B N   1 
ATOM   652  C CA  . TRP A 1 76  ? -2.558  -7.560  0.021   1.00 7.92  ? 82  TRP B CA  1 
ATOM   653  C C   . TRP A 1 76  ? -2.668  -6.575  1.162   1.00 8.20  ? 82  TRP B C   1 
ATOM   654  O O   . TRP A 1 76  ? -3.639  -6.644  1.974   1.00 8.62  ? 82  TRP B O   1 
ATOM   655  C CB  . TRP A 1 76  ? -3.010  -6.897  -1.275  1.00 8.62  ? 82  TRP B CB  1 
ATOM   656  C CG  . TRP A 1 76  ? -4.472  -6.654  -1.413  1.00 8.46  ? 82  TRP B CG  1 
ATOM   657  C CD1 . TRP A 1 76  ? -5.371  -7.406  -2.095  1.00 9.44  ? 82  TRP B CD1 1 
ATOM   658  C CD2 . TRP A 1 76  ? -5.289  -5.583  -0.863  1.00 8.35  ? 82  TRP B CD2 1 
ATOM   659  N NE1 . TRP A 1 76  ? -6.626  -6.913  -2.052  1.00 9.21  ? 82  TRP B NE1 1 
ATOM   660  C CE2 . TRP A 1 76  ? -6.618  -5.775  -1.264  1.00 9.12  ? 82  TRP B CE2 1 
ATOM   661  C CE3 . TRP A 1 76  ? -5.006  -4.458  -0.035  1.00 9.29  ? 82  TRP B CE3 1 
ATOM   662  C CZ2 . TRP A 1 76  ? -7.666  -4.919  -0.920  1.00 9.30  ? 82  TRP B CZ2 1 
ATOM   663  C CZ3 . TRP A 1 76  ? -6.043  -3.617  0.343   1.00 10.02 ? 82  TRP B CZ3 1 
ATOM   664  C CH2 . TRP A 1 76  ? -7.361  -3.852  -0.109  1.00 10.11 ? 82  TRP B CH2 1 
ATOM   665  N N   . ASP A 1 77  ? -1.710  -5.668  1.248   1.00 7.92  ? 83  ASP B N   1 
ATOM   666  C CA  . ASP A 1 77  ? -1.784  -4.473  2.129   1.00 7.95  ? 83  ASP B CA  1 
ATOM   667  C C   . ASP A 1 77  ? -1.565  -3.246  1.266   1.00 7.30  ? 83  ASP B C   1 
ATOM   668  O O   . ASP A 1 77  ? -0.692  -3.287  0.360   1.00 8.10  ? 83  ASP B O   1 
ATOM   669  C CB  . ASP A 1 77  ? -0.739  -4.484  3.250   1.00 9.71  ? 83  ASP B CB  1 
ATOM   670  C CG  . ASP A 1 77  ? -0.483  -5.778  3.981   1.00 10.58 ? 83  ASP B CG  1 
ATOM   671  O OD1 . ASP A 1 77  ? -1.441  -6.457  4.214   1.00 13.66 ? 83  ASP B OD1 1 
ATOM   672  O OD2 . ASP A 1 77  ? 0.712   -6.051  4.341   1.00 12.76 ? 83  ASP B OD2 1 
ATOM   673  N N   . LEU A 1 78  ? -2.246  -2.150  1.569   1.00 7.04  ? 84  LEU B N   1 
ATOM   674  C CA  . LEU A 1 78  ? -2.056  -0.867  0.849   1.00 7.44  ? 84  LEU B CA  1 
ATOM   675  C C   . LEU A 1 78  ? -2.133  0.302   1.809   1.00 6.94  ? 84  LEU B C   1 
ATOM   676  O O   . LEU A 1 78  ? -2.946  0.287   2.749   1.00 7.34  ? 84  LEU B O   1 
ATOM   677  C CB  . LEU A 1 78  ? -3.145  -0.676  -0.205  1.00 7.85  ? 84  LEU B CB  1 
ATOM   678  C CG  . LEU A 1 78  ? -3.100  -1.553  -1.461  1.00 8.93  ? 84  LEU B CG  1 
ATOM   679  C CD1 . LEU A 1 78  ? -4.369  -1.332  -2.289  1.00 9.80  ? 84  LEU B CD1 1 
ATOM   680  C CD2 . LEU A 1 78  ? -1.859  -1.281  -2.264  1.00 9.58  ? 84  LEU B CD2 1 
ATOM   681  N N   . GLY A 1 79  ? -1.362  1.337   1.511   1.00 6.80  ? 85  GLY B N   1 
ATOM   682  C CA  . GLY A 1 79  ? -1.549  2.637   2.204   1.00 7.22  ? 85  GLY B CA  1 
ATOM   683  C C   . GLY A 1 79  ? -0.326  3.517   2.011   1.00 7.03  ? 85  GLY B C   1 
ATOM   684  O O   . GLY A 1 79  ? 0.178   3.664   0.880   1.00 7.36  ? 85  GLY B O   1 
ATOM   685  N N   A VAL A 1 80  ? 0.096   4.121   3.115   0.50 7.22  ? 86  VAL B N   1 
ATOM   686  N N   B VAL A 1 80  ? 0.131   4.074   3.102   0.50 7.40  ? 86  VAL B N   1 
ATOM   687  C CA  A VAL A 1 80  ? 1.334   4.948   3.199   0.50 6.92  ? 86  VAL B CA  1 
ATOM   688  C CA  B VAL A 1 80  ? 1.240   5.056   3.045   0.50 7.28  ? 86  VAL B CA  1 
ATOM   689  C C   A VAL A 1 80  ? 2.120   4.565   4.436   0.50 7.34  ? 86  VAL B C   1 
ATOM   690  C C   B VAL A 1 80  ? 2.029   4.785   4.345   0.50 7.55  ? 86  VAL B C   1 
ATOM   691  O O   A VAL A 1 80  ? 1.618   4.004   5.439   0.50 7.89  ? 86  VAL B O   1 
ATOM   692  O O   B VAL A 1 80  ? 1.410   4.324   5.304   0.50 8.05  ? 86  VAL B O   1 
ATOM   693  C CB  A VAL A 1 80  ? 1.080   6.467   3.269   0.50 7.25  ? 86  VAL B CB  1 
ATOM   694  C CB  B VAL A 1 80  ? 0.663   6.488   2.882   0.50 7.98  ? 86  VAL B CB  1 
ATOM   695  C CG1 A VAL A 1 80  ? 0.495   6.890   1.950   0.50 7.01  ? 86  VAL B CG1 1 
ATOM   696  C CG1 B VAL A 1 80  ? -0.088  6.929   4.135   0.50 8.24  ? 86  VAL B CG1 1 
ATOM   697  C CG2 A VAL A 1 80  ? 0.191   6.879   4.438   0.50 7.19  ? 86  VAL B CG2 1 
ATOM   698  C CG2 B VAL A 1 80  ? 1.726   7.490   2.490   0.50 9.22  ? 86  VAL B CG2 1 
ATOM   699  N N   . CYS A 1 81  ? 3.365   4.986   4.378   1.00 7.82  ? 87  CYS B N   1 
ATOM   700  C CA  . CYS A 1 81  ? 4.196   4.775   5.535   1.00 8.64  ? 87  CYS B CA  1 
ATOM   701  C C   . CYS A 1 81  ? 5.270   5.872   5.640   1.00 8.03  ? 87  CYS B C   1 
ATOM   702  O O   . CYS A 1 81  ? 5.588   6.538   4.650   1.00 8.35  ? 87  CYS B O   1 
ATOM   703  C CB  . CYS A 1 81  ? 4.866   3.401   5.524   1.00 9.44  ? 87  CYS B CB  1 
ATOM   704  S SG  . CYS A 1 81  ? 6.048   3.121   4.192   1.00 9.48  ? 87  CYS B SG  1 
ATOM   705  N N   A ARG A 1 82  ? 5.839   6.009   6.814   0.50 8.10  ? 88  ARG B N   1 
ATOM   706  N N   B ARG A 1 82  ? 5.817   6.044   6.840   0.50 8.06  ? 88  ARG B N   1 
ATOM   707  C CA  A ARG A 1 82  ? 7.011   6.893   6.931   0.50 8.53  ? 88  ARG B CA  1 
ATOM   708  C CA  B ARG A 1 82  ? 6.977   6.954   7.075   0.50 8.41  ? 88  ARG B CA  1 
ATOM   709  C C   A ARG A 1 82  ? 8.152   6.391   6.065   0.50 8.25  ? 88  ARG B C   1 
ATOM   710  C C   B ARG A 1 82  ? 8.185   6.416   6.293   0.50 8.42  ? 88  ARG B C   1 
ATOM   711  O O   A ARG A 1 82  ? 8.395   5.221   5.840   0.50 7.56  ? 88  ARG B O   1 
ATOM   712  O O   B ARG A 1 82  ? 8.435   5.174   6.320   0.50 8.89  ? 88  ARG B O   1 
ATOM   713  C CB  A ARG A 1 82  ? 7.496   6.915   8.376   0.50 9.92  ? 88  ARG B CB  1 
ATOM   714  C CB  B ARG A 1 82  ? 7.300   7.037   8.581   0.50 9.06  ? 88  ARG B CB  1 
ATOM   715  C CG  A ARG A 1 82  ? 6.399   7.391   9.305   0.50 10.89 ? 88  ARG B CG  1 
ATOM   716  C CG  B ARG A 1 82  ? 8.135   8.246   8.980   0.50 8.78  ? 88  ARG B CG  1 
ATOM   717  C CD  A ARG A 1 82  ? 6.949   7.538   10.686  0.50 12.34 ? 88  ARG B CD  1 
ATOM   718  C CD  B ARG A 1 82  ? 8.509   8.235   10.446  0.50 9.73  ? 88  ARG B CD  1 
ATOM   719  N NE  A ARG A 1 82  ? 5.922   7.986   11.618  0.50 11.83 ? 88  ARG B NE  1 
ATOM   720  N NE  B ARG A 1 82  ? 7.312   8.372   11.221  0.50 9.77  ? 88  ARG B NE  1 
ATOM   721  C CZ  A ARG A 1 82  ? 5.793   7.499   12.836  0.50 12.57 ? 88  ARG B CZ  1 
ATOM   722  C CZ  B ARG A 1 82  ? 6.902   7.483   12.110  0.50 9.38  ? 88  ARG B CZ  1 
ATOM   723  N NH1 A ARG A 1 82  ? 6.605   6.556   13.252  0.50 12.88 ? 88  ARG B NH1 1 
ATOM   724  N NH1 B ARG A 1 82  ? 7.669   6.486   12.482  0.50 10.23 ? 88  ARG B NH1 1 
ATOM   725  N NH2 A ARG A 1 82  ? 4.842   7.962   13.622  0.50 14.18 ? 88  ARG B NH2 1 
ATOM   726  N NH2 B ARG A 1 82  ? 5.711   7.668   12.647  0.50 8.98  ? 88  ARG B NH2 1 
ATOM   727  N N   . ASP A 1 83  ? 8.956   7.337   5.660   1.00 9.50  ? 89  ASP B N   1 
ATOM   728  C CA  . ASP A 1 83  ? 10.171  6.961   4.900   1.00 10.50 ? 89  ASP B CA  1 
ATOM   729  C C   . ASP A 1 83  ? 11.084  6.140   5.792   1.00 10.94 ? 89  ASP B C   1 
ATOM   730  O O   . ASP A 1 83  ? 11.856  5.296   5.226   1.00 14.72 ? 89  ASP B O   1 
ATOM   731  C CB  . ASP A 1 83  ? 10.898  8.211   4.382   1.00 12.18 ? 89  ASP B CB  1 
ATOM   732  C CG  . ASP A 1 83  ? 11.410  9.183   5.412   1.00 14.66 ? 89  ASP B CG  1 
ATOM   733  O OD1 . ASP A 1 83  ? 11.083  9.016   6.625   1.00 16.59 ? 89  ASP B OD1 1 
ATOM   734  O OD2 . ASP A 1 83  ? 12.170  10.116  4.966   1.00 17.63 ? 89  ASP B OD2 1 
ATOM   735  N N   . SER A 1 84  ? 11.081  6.279   7.096   1.00 10.30 ? 90  SER B N   1 
ATOM   736  C CA  . SER A 1 84  ? 12.033  5.643   8.021   1.00 12.78 ? 90  SER B CA  1 
ATOM   737  C C   . SER A 1 84  ? 11.510  4.345   8.658   1.00 11.17 ? 90  SER B C   1 
ATOM   738  O O   . SER A 1 84  ? 12.095  3.879   9.618   1.00 12.28 ? 90  SER B O   1 
ATOM   739  C CB  . SER A 1 84  ? 12.440  6.644   9.058   1.00 15.60 ? 90  SER B CB  1 
ATOM   740  O OG  . SER A 1 84  ? 11.388  7.070   9.774   1.00 16.25 ? 90  SER B OG  1 
ATOM   741  N N   . VAL A 1 85  ? 10.446  3.735   8.123   1.00 10.41 ? 91  VAL B N   1 
ATOM   742  C CA  . VAL A 1 85  ? 9.978   2.450   8.684   1.00 10.30 ? 91  VAL B CA  1 
ATOM   743  C C   . VAL A 1 85  ? 11.100  1.401   8.606   1.00 10.22 ? 91  VAL B C   1 
ATOM   744  O O   . VAL A 1 85  ? 11.899  1.380   7.667   1.00 10.81 ? 91  VAL B O   1 
ATOM   745  C CB  . VAL A 1 85  ? 8.692   1.924   8.010   1.00 9.72  ? 91  VAL B CB  1 
ATOM   746  C CG1 . VAL A 1 85  ? 7.528   2.842   8.336   1.00 10.06 ? 91  VAL B CG1 1 
ATOM   747  C CG2 . VAL A 1 85  ? 8.838   1.636   6.538   1.00 10.30 ? 91  VAL B CG2 1 
ATOM   748  N N   . GLN A 1 86  ? 11.085  0.541   9.601   1.00 11.19 ? 92  GLN B N   1 
ATOM   749  C CA  . GLN A 1 86  ? 11.896  -0.712  9.637   1.00 12.82 ? 92  GLN B CA  1 
ATOM   750  C C   . GLN A 1 86  ? 11.732  -1.502  8.331   1.00 11.62 ? 92  GLN B C   1 
ATOM   751  O O   . GLN A 1 86  ? 10.623  -1.689  7.847   1.00 12.59 ? 92  GLN B O   1 
ATOM   752  C CB  . GLN A 1 86  ? 11.389  -1.531  10.824  1.00 15.16 ? 92  GLN B CB  1 
ATOM   753  C CG  . GLN A 1 86  ? 12.122  -2.853  11.077  1.00 18.32 ? 92  GLN B CG  1 
ATOM   754  C CD  . GLN A 1 86  ? 11.456  -3.613  12.221  1.00 21.40 ? 92  GLN B CD  1 
ATOM   755  O OE1 . GLN A 1 86  ? 10.680  -3.069  13.042  1.00 22.55 ? 92  GLN B OE1 1 
ATOM   756  N NE2 . GLN A 1 86  ? 11.726  -4.913  12.336  1.00 23.39 ? 92  GLN B NE2 1 
ATOM   757  N N   . ARG A 1 87  ? 12.842  -2.020  7.827   1.00 11.05 ? 93  ARG B N   1 
ATOM   758  C CA  . ARG A 1 87  ? 12.861  -2.825  6.564   1.00 10.59 ? 93  ARG B CA  1 
ATOM   759  C C   . ARG A 1 87  ? 13.126  -4.284  6.884   1.00 11.32 ? 93  ARG B C   1 
ATOM   760  O O   . ARG A 1 87  ? 12.694  -5.155  6.098   1.00 11.95 ? 93  ARG B O   1 
ATOM   761  C CB  . ARG A 1 87  ? 13.871  -2.330  5.558   1.00 11.83 ? 93  ARG B CB  1 
ATOM   762  C CG  . ARG A 1 87  ? 13.781  -0.848  5.236   1.00 11.95 ? 93  ARG B CG  1 
ATOM   763  C CD  . ARG A 1 87  ? 12.392  -0.414  4.700   1.00 11.42 ? 93  ARG B CD  1 
ATOM   764  N NE  . ARG A 1 87  ? 12.281  1.054   4.654   1.00 12.33 ? 93  ARG B NE  1 
ATOM   765  C CZ  . ARG A 1 87  ? 12.695  1.782   3.661   1.00 11.50 ? 93  ARG B CZ  1 
ATOM   766  N NH1 . ARG A 1 87  ? 13.189  1.205   2.590   1.00 13.50 ? 93  ARG B NH1 1 
ATOM   767  N NH2 . ARG A 1 87  ? 12.665  3.103   3.713   1.00 13.82 ? 93  ARG B NH2 1 
ATOM   768  N N   . LYS A 1 88  ? 13.876  -4.601  7.948   1.00 11.85 ? 94  LYS B N   1 
ATOM   769  C CA  . LYS A 1 88  ? 14.402  -5.975  8.193   1.00 12.05 ? 94  LYS B CA  1 
ATOM   770  C C   . LYS A 1 88  ? 13.688  -6.608  9.345   1.00 12.99 ? 94  LYS B C   1 
ATOM   771  O O   . LYS A 1 88  ? 13.428  -5.904  10.367  1.00 15.20 ? 94  LYS B O   1 
ATOM   772  C CB  . LYS A 1 88  ? 15.910  -5.891  8.462   1.00 13.11 ? 94  LYS B CB  1 
ATOM   773  C CG  . LYS A 1 88  ? 16.711  -5.156  7.428   1.00 13.64 ? 94  LYS B CG  1 
ATOM   774  C CD  . LYS A 1 88  ? 16.546  -5.696  5.997   1.00 14.80 ? 94  LYS B CD  1 
ATOM   775  C CE  . LYS A 1 88  ? 17.403  -4.939  5.028   1.00 14.61 ? 94  LYS B CE  1 
ATOM   776  N NZ  . LYS A 1 88  ? 17.338  -5.440  3.624   1.00 14.66 ? 94  LYS B NZ  1 
ATOM   777  N N   . GLY A 1 89  ? 13.462  -7.903  9.282   1.00 13.65 ? 95  GLY B N   1 
ATOM   778  C CA  . GLY A 1 89  ? 12.843  -8.640  10.375  1.00 14.84 ? 95  GLY B CA  1 
ATOM   779  C C   . GLY A 1 89  ? 11.327  -8.518  10.408  1.00 15.62 ? 95  GLY B C   1 
ATOM   780  O O   . GLY A 1 89  ? 10.692  -7.992  9.408   1.00 15.29 ? 95  GLY B O   1 
ATOM   781  N N   . GLN A 1 90  ? 10.751  -8.957  11.511  1.00 16.47 ? 96  GLN B N   1 
ATOM   782  C CA  . GLN A 1 90  ? 9.300   -9.023  11.696  1.00 18.13 ? 96  GLN B CA  1 
ATOM   783  C C   . GLN A 1 90  ? 8.804   -7.738  12.343  1.00 17.42 ? 96  GLN B C   1 
ATOM   784  O O   . GLN A 1 90  ? 9.537   -7.111  13.122  1.00 18.49 ? 96  GLN B O   1 
ATOM   785  C CB  . GLN A 1 90  ? 8.959   -10.203 12.609  1.00 22.02 ? 96  GLN B CB  1 
ATOM   786  C CG  . GLN A 1 90  ? 9.325   -11.514 11.956  1.00 29.27 ? 96  GLN B CG  1 
ATOM   787  C CD  . GLN A 1 90  ? 9.218   -12.647 12.932  1.00 37.71 ? 96  GLN B CD  1 
ATOM   788  O OE1 . GLN A 1 90  ? 8.178   -13.298 13.022  1.00 47.93 ? 96  GLN B OE1 1 
ATOM   789  N NE2 . GLN A 1 90  ? 10.285  -12.842 13.697  1.00 41.99 ? 96  GLN B NE2 1 
ATOM   790  N N   . PHE A 1 91  ? 7.616   -7.292  11.932  1.00 14.90 ? 97  PHE B N   1 
ATOM   791  C CA  . PHE A 1 91  ? 6.954   -6.104  12.513  1.00 14.39 ? 97  PHE B CA  1 
ATOM   792  C C   . PHE A 1 91  ? 5.488   -6.129  12.142  1.00 14.25 ? 97  PHE B C   1 
ATOM   793  O O   . PHE A 1 91  ? 5.080   -6.795  11.186  1.00 15.51 ? 97  PHE B O   1 
ATOM   794  C CB  . PHE A 1 91  ? 7.587   -4.810  12.002  1.00 14.20 ? 97  PHE B CB  1 
ATOM   795  C CG  . PHE A 1 91  ? 7.635   -4.687  10.489  1.00 13.39 ? 97  PHE B CG  1 
ATOM   796  C CD1 . PHE A 1 91  ? 6.548   -4.156  9.796   1.00 13.55 ? 97  PHE B CD1 1 
ATOM   797  C CD2 . PHE A 1 91  ? 8.765   -5.041  9.761   1.00 13.01 ? 97  PHE B CD2 1 
ATOM   798  C CE1 . PHE A 1 91  ? 6.582   -4.015  8.421   1.00 13.12 ? 97  PHE B CE1 1 
ATOM   799  C CE2 . PHE A 1 91  ? 8.806   -4.892  8.387   1.00 12.95 ? 97  PHE B CE2 1 
ATOM   800  C CZ  . PHE A 1 91  ? 7.718   -4.363  7.726   1.00 13.15 ? 97  PHE B CZ  1 
ATOM   801  N N   A SER A 1 92  ? 4.654   -5.464  12.928  0.50 14.48 ? 98  SER B N   1 
ATOM   802  N N   B SER A 1 92  ? 4.722   -5.386  12.935  0.50 13.55 ? 98  SER B N   1 
ATOM   803  C CA  A SER A 1 92  ? 3.225   -5.304  12.565  0.50 14.62 ? 98  SER B CA  1 
ATOM   804  C CA  B SER A 1 92  ? 3.269   -5.161  12.741  0.50 13.39 ? 98  SER B CA  1 
ATOM   805  C C   A SER A 1 92  ? 3.020   -3.945  11.903  0.50 12.83 ? 98  SER B C   1 
ATOM   806  C C   B SER A 1 92  ? 3.036   -3.889  11.916  0.50 11.88 ? 98  SER B C   1 
ATOM   807  O O   A SER A 1 92  ? 3.740   -2.978  12.198  0.50 13.38 ? 98  SER B O   1 
ATOM   808  O O   B SER A 1 92  ? 3.825   -2.908  12.058  0.50 12.13 ? 98  SER B O   1 
ATOM   809  C CB  A SER A 1 92  ? 2.315   -5.428  13.735  0.50 17.46 ? 98  SER B CB  1 
ATOM   810  C CB  B SER A 1 92  ? 2.558   -5.078  14.072  0.50 14.51 ? 98  SER B CB  1 
ATOM   811  O OG  A SER A 1 92  ? 2.751   -4.531  14.734  0.50 21.33 ? 98  SER B OG  1 
ATOM   812  O OG  B SER A 1 92  ? 2.582   -6.346  14.733  0.50 17.24 ? 98  SER B OG  1 
ATOM   813  N N   . LEU A 1 93  ? 2.004   -3.907  11.073  1.00 11.54 ? 99  LEU B N   1 
ATOM   814  C CA  . LEU A 1 93  ? 1.578   -2.676  10.414  1.00 11.94 ? 99  LEU B CA  1 
ATOM   815  C C   . LEU A 1 93  ? 0.692   -1.916  11.352  1.00 11.77 ? 99  LEU B C   1 
ATOM   816  O O   . LEU A 1 93  ? -0.471  -2.272  11.580  1.00 14.04 ? 99  LEU B O   1 
ATOM   817  C CB  . LEU A 1 93  ? 0.823   -2.992  9.134   1.00 12.37 ? 99  LEU B CB  1 
ATOM   818  C CG  . LEU A 1 93  ? 1.626   -3.736  8.079   1.00 13.08 ? 99  LEU B CG  1 
ATOM   819  C CD1 . LEU A 1 93  ? 0.749   -4.044  6.854   1.00 13.96 ? 99  LEU B CD1 1 
ATOM   820  C CD2 . LEU A 1 93  ? 2.868   -2.971  7.651   1.00 14.90 ? 99  LEU B CD2 1 
ATOM   821  N N   . SER A 1 94  ? 1.174   -0.783  11.863  1.00 10.76 ? 100 SER B N   1 
ATOM   822  C CA  . SER A 1 94  ? 0.436   0.022   12.853  1.00 10.98 ? 100 SER B CA  1 
ATOM   823  C C   . SER A 1 94  ? 0.896   1.467   12.711  1.00 9.66  ? 100 SER B C   1 
ATOM   824  O O   . SER A 1 94  ? 2.055   1.695   12.363  1.00 10.01 ? 100 SER B O   1 
ATOM   825  C CB  . SER A 1 94  ? 0.632   -0.444  14.296  1.00 12.60 ? 100 SER B CB  1 
ATOM   826  O OG  . SER A 1 94  ? 1.981   -0.284  14.666  1.00 15.96 ? 100 SER B OG  1 
ATOM   827  N N   . PRO A 1 95  ? 0.114   2.441   13.136  1.00 9.91  ? 101 PRO B N   1 
ATOM   828  C CA  . PRO A 1 95  ? 0.594   3.827   13.189  1.00 11.48 ? 101 PRO B CA  1 
ATOM   829  C C   . PRO A 1 95  ? 1.791   3.981   14.127  1.00 11.05 ? 101 PRO B C   1 
ATOM   830  O O   . PRO A 1 95  ? 2.720   4.750   13.770  1.00 11.06 ? 101 PRO B O   1 
ATOM   831  C CB  . PRO A 1 95  ? -0.626  4.650   13.659  1.00 11.41 ? 101 PRO B CB  1 
ATOM   832  C CG  . PRO A 1 95  ? -1.788  3.798   13.147  1.00 12.23 ? 101 PRO B CG  1 
ATOM   833  C CD  . PRO A 1 95  ? -1.329  2.371   13.367  1.00 12.10 ? 101 PRO B CD  1 
ATOM   834  N N   . GLU A 1 96  ? 1.838   3.242   15.219  1.00 11.61 ? 102 GLU B N   1 
ATOM   835  C CA  . GLU A 1 96  ? 3.001   3.298   16.129  1.00 14.00 ? 102 GLU B CA  1 
ATOM   836  C C   . GLU A 1 96  ? 4.290   2.931   15.387  1.00 13.50 ? 102 GLU B C   1 
ATOM   837  O O   . GLU A 1 96  ? 5.383   3.435   15.737  1.00 14.63 ? 102 GLU B O   1 
ATOM   838  C CB  . GLU A 1 96  ? 2.753   2.396   17.335  1.00 18.52 ? 102 GLU B CB  1 
ATOM   839  C CG  . GLU A 1 96  ? 1.478   2.724   18.079  1.00 26.39 ? 102 GLU B CG  1 
ATOM   840  C CD  . GLU A 1 96  ? 0.266   1.848   17.775  1.00 31.61 ? 102 GLU B CD  1 
ATOM   841  O OE1 . GLU A 1 96  ? -0.462  2.082   16.727  1.00 20.22 ? 102 GLU B OE1 1 
ATOM   842  O OE2 . GLU A 1 96  ? 0.015   0.934   18.629  1.00 40.77 ? 102 GLU B OE2 1 
ATOM   843  N N   . ASN A 1 97  ? 4.253   2.020   14.408  1.00 11.25 ? 103 ASN B N   1 
ATOM   844  C CA  . ASN A 1 97  ? 5.422   1.616   13.615  1.00 11.30 ? 103 ASN B CA  1 
ATOM   845  C C   . ASN A 1 97  ? 5.558   2.427   12.340  1.00 10.15 ? 103 ASN B C   1 
ATOM   846  O O   . ASN A 1 97  ? 6.483   2.170   11.574  1.00 11.29 ? 103 ASN B O   1 
ATOM   847  C CB  . ASN A 1 97  ? 5.333   0.119   13.312  1.00 12.18 ? 103 ASN B CB  1 
ATOM   848  C CG  . ASN A 1 97  ? 5.641   -0.769  14.488  1.00 14.44 ? 103 ASN B CG  1 
ATOM   849  O OD1 . ASN A 1 97  ? 6.202   -0.328  15.521  1.00 17.42 ? 103 ASN B OD1 1 
ATOM   850  N ND2 . ASN A 1 97  ? 5.188   -2.013  14.418  1.00 15.86 ? 103 ASN B ND2 1 
ATOM   851  N N   . GLY A 1 98  ? 4.727   3.436   12.121  1.00 9.12  ? 104 GLY B N   1 
ATOM   852  C CA  . GLY A 1 98  ? 4.853   4.313   10.966  1.00 8.96  ? 104 GLY B CA  1 
ATOM   853  C C   . GLY A 1 98  ? 4.095   3.893   9.703   1.00 7.56  ? 104 GLY B C   1 
ATOM   854  O O   . GLY A 1 98  ? 4.442   4.304   8.624   1.00 8.66  ? 104 GLY B O   1 
ATOM   855  N N   . PHE A 1 99  ? 2.982   3.137   9.882   1.00 8.30  ? 105 PHE B N   1 
ATOM   856  C CA  . PHE A 1 99  ? 2.145   2.654   8.751   1.00 7.88  ? 105 PHE B CA  1 
ATOM   857  C C   . PHE A 1 99  ? 0.676   3.058   8.910   1.00 7.34  ? 105 PHE B C   1 
ATOM   858  O O   . PHE A 1 99  ? 0.133   2.855   10.030  1.00 8.74  ? 105 PHE B O   1 
ATOM   859  C CB  . PHE A 1 99  ? 2.194   1.121   8.645   1.00 8.67  ? 105 PHE B CB  1 
ATOM   860  C CG  . PHE A 1 99  ? 3.573   0.555   8.370   1.00 8.80  ? 105 PHE B CG  1 
ATOM   861  C CD1 . PHE A 1 99  ? 4.407   0.202   9.419   1.00 9.65  ? 105 PHE B CD1 1 
ATOM   862  C CD2 . PHE A 1 99  ? 4.040   0.339   7.091   1.00 8.99  ? 105 PHE B CD2 1 
ATOM   863  C CE1 . PHE A 1 99  ? 5.672   -0.337  9.201   1.00 9.90  ? 105 PHE B CE1 1 
ATOM   864  C CE2 . PHE A 1 99  ? 5.299   -0.195  6.873   1.00 9.75  ? 105 PHE B CE2 1 
ATOM   865  C CZ  . PHE A 1 99  ? 6.107   -0.535  7.924   1.00 9.55  ? 105 PHE B CZ  1 
ATOM   866  N N   . TRP A 1 100 ? 0.074   3.516   7.839   1.00 7.11  ? 106 TRP B N   1 
ATOM   867  C CA  . TRP A 1 100 ? -1.380  3.793   7.752   1.00 7.37  ? 106 TRP B CA  1 
ATOM   868  C C   . TRP A 1 100 ? -1.927  3.005   6.554   1.00 6.66  ? 106 TRP B C   1 
ATOM   869  O O   . TRP A 1 100 ? -1.761  3.416   5.412   1.00 7.52  ? 106 TRP B O   1 
ATOM   870  C CB  . TRP A 1 100 ? -1.643  5.310   7.657   1.00 7.67  ? 106 TRP B CB  1 
ATOM   871  C CG  . TRP A 1 100 ? -1.145  6.048   8.864   1.00 7.44  ? 106 TRP B CG  1 
ATOM   872  C CD1 . TRP A 1 100 ? -1.829  6.390   9.990   1.00 8.76  ? 106 TRP B CD1 1 
ATOM   873  C CD2 . TRP A 1 100 ? 0.206   6.521   9.086   1.00 8.16  ? 106 TRP B CD2 1 
ATOM   874  N NE1 . TRP A 1 100 ? -0.989  6.959   10.925  1.00 9.18  ? 106 TRP B NE1 1 
ATOM   875  C CE2 . TRP A 1 100 ? 0.261   7.051   10.393  1.00 9.47  ? 106 TRP B CE2 1 
ATOM   876  C CE3 . TRP A 1 100 ? 1.393   6.478   8.338   1.00 8.94  ? 106 TRP B CE3 1 
ATOM   877  C CZ2 . TRP A 1 100 ? 1.463   7.554   10.931  1.00 10.33 ? 106 TRP B CZ2 1 
ATOM   878  C CZ3 . TRP A 1 100 ? 2.559   7.000   8.893   1.00 10.51 ? 106 TRP B CZ3 1 
ATOM   879  C CH2 . TRP A 1 100 ? 2.587   7.468   10.171  1.00 10.86 ? 106 TRP B CH2 1 
ATOM   880  N N   . THR A 1 101 ? -2.516  1.844   6.858   1.00 6.97  ? 107 THR B N   1 
ATOM   881  C CA  . THR A 1 101 ? -2.788  0.796   5.862   1.00 7.22  ? 107 THR B CA  1 
ATOM   882  C C   . THR A 1 101 ? -4.139  0.132   6.107   1.00 6.89  ? 107 THR B C   1 
ATOM   883  O O   . THR A 1 101 ? -4.645  0.106   7.232   1.00 7.37  ? 107 THR B O   1 
ATOM   884  C CB  . THR A 1 101 ? -1.687  -0.279  5.859   1.00 7.67  ? 107 THR B CB  1 
ATOM   885  O OG1 . THR A 1 101 ? -1.645  -0.998  7.080   1.00 8.70  ? 107 THR B OG1 1 
ATOM   886  C CG2 . THR A 1 101 ? -0.333  0.302   5.474   1.00 8.12  ? 107 THR B CG2 1 
ATOM   887  N N   . ILE A 1 102 ? -4.637  -0.481  5.040   1.00 7.43  ? 108 ILE B N   1 
ATOM   888  C CA  . ILE A 1 102 ? -5.749  -1.494  5.129   1.00 7.33  ? 108 ILE B CA  1 
ATOM   889  C C   . ILE A 1 102 ? -5.255  -2.748  4.417   1.00 7.14  ? 108 ILE B C   1 
ATOM   890  O O   . ILE A 1 102 ? -4.268  -2.709  3.611   1.00 7.92  ? 108 ILE B O   1 
ATOM   891  C CB  . ILE A 1 102 ? -7.070  -0.981  4.544   1.00 7.86  ? 108 ILE B CB  1 
ATOM   892  C CG1 . ILE A 1 102 ? -7.004  -0.779  3.028   1.00 8.41  ? 108 ILE B CG1 1 
ATOM   893  C CG2 . ILE A 1 102 ? -7.502  0.303   5.273   1.00 7.93  ? 108 ILE B CG2 1 
ATOM   894  C CD1 . ILE A 1 102 ? -8.349  -0.544  2.361   1.00 9.42  ? 108 ILE B CD1 1 
ATOM   895  N N   . TRP A 1 103 ? -5.956  -3.842  4.629   1.00 7.26  ? 109 TRP B N   1 
ATOM   896  C CA  . TRP A 1 103 ? -5.586  -5.117  3.983   1.00 8.05  ? 109 TRP B CA  1 
ATOM   897  C C   . TRP A 1 103 ? -6.789  -5.982  3.745   1.00 8.10  ? 109 TRP B C   1 
ATOM   898  O O   . TRP A 1 103 ? -7.864  -5.859  4.396   1.00 8.65  ? 109 TRP B O   1 
ATOM   899  C CB  . TRP A 1 103 ? -4.520  -5.855  4.743   1.00 10.14 ? 109 TRP B CB  1 
ATOM   900  C CG  . TRP A 1 103 ? -4.875  -6.271  6.102   1.00 11.85 ? 109 TRP B CG  1 
ATOM   901  C CD1 . TRP A 1 103 ? -5.662  -7.317  6.493   1.00 12.11 ? 109 TRP B CD1 1 
ATOM   902  C CD2 . TRP A 1 103 ? -4.270  -5.771  7.289   1.00 11.97 ? 109 TRP B CD2 1 
ATOM   903  N NE1 . TRP A 1 103 ? -5.610  -7.470  7.850   1.00 14.55 ? 109 TRP B NE1 1 
ATOM   904  C CE2 . TRP A 1 103 ? -4.752  -6.546  8.374   1.00 12.86 ? 109 TRP B CE2 1 
ATOM   905  C CE3 . TRP A 1 103 ? -3.380  -4.746  7.555   1.00 13.55 ? 109 TRP B CE3 1 
ATOM   906  C CZ2 . TRP A 1 103 ? -4.389  -6.304  9.704   1.00 15.99 ? 109 TRP B CZ2 1 
ATOM   907  C CZ3 . TRP A 1 103 ? -2.991  -4.536  8.850   1.00 15.48 ? 109 TRP B CZ3 1 
ATOM   908  C CH2 . TRP A 1 103 ? -3.487  -5.294  9.891   1.00 14.98 ? 109 TRP B CH2 1 
ATOM   909  N N   . LEU A 1 104 ? -6.580  -6.955  2.841   1.00 7.90  ? 110 LEU B N   1 
ATOM   910  C CA  . LEU A 1 104 ? -7.420  -8.157  2.671   1.00 8.31  ? 110 LEU B CA  1 
ATOM   911  C C   . LEU A 1 104 ? -6.613  -9.346  3.132   1.00 8.26  ? 110 LEU B C   1 
ATOM   912  O O   . LEU A 1 104 ? -5.466  -9.526  2.735   1.00 8.65  ? 110 LEU B O   1 
ATOM   913  C CB  . LEU A 1 104 ? -7.761  -8.315  1.211   1.00 9.13  ? 110 LEU B CB  1 
ATOM   914  C CG  . LEU A 1 104 ? -8.489  -9.614  0.830   1.00 9.67  ? 110 LEU B CG  1 
ATOM   915  C CD1 . LEU A 1 104 ? -9.834  -9.757  1.526   1.00 10.08 ? 110 LEU B CD1 1 
ATOM   916  C CD2 . LEU A 1 104 ? -8.661  -9.722  -0.659  1.00 11.11 ? 110 LEU B CD2 1 
ATOM   917  N N   . TRP A 1 105 ? -7.265  -10.222 3.895   1.00 9.46  ? 111 TRP B N   1 
ATOM   918  C CA  . TRP A 1 105 ? -6.655  -11.463 4.408   1.00 10.21 ? 111 TRP B CA  1 
ATOM   919  C C   . TRP A 1 105 ? -7.776  -12.425 4.774   1.00 11.53 ? 111 TRP B C   1 
ATOM   920  O O   . TRP A 1 105 ? -8.688  -12.060 5.543   1.00 12.11 ? 111 TRP B O   1 
ATOM   921  C CB  . TRP A 1 105 ? -5.826  -11.151 5.639   1.00 13.50 ? 111 TRP B CB  1 
ATOM   922  C CG  . TRP A 1 105 ? -5.343  -12.331 6.377   1.00 15.30 ? 111 TRP B CG  1 
ATOM   923  C CD1 . TRP A 1 105 ? -5.686  -12.791 7.626   1.00 16.69 ? 111 TRP B CD1 1 
ATOM   924  C CD2 . TRP A 1 105 ? -4.304  -13.171 5.889   1.00 15.86 ? 111 TRP B CD2 1 
ATOM   925  N NE1 . TRP A 1 105 ? -4.941  -13.887 7.909   1.00 17.51 ? 111 TRP B NE1 1 
ATOM   926  C CE2 . TRP A 1 105 ? -4.087  -14.154 6.870   1.00 15.75 ? 111 TRP B CE2 1 
ATOM   927  C CE3 . TRP A 1 105 ? -3.531  -13.211 4.724   1.00 15.22 ? 111 TRP B CE3 1 
ATOM   928  C CZ2 . TRP A 1 105 ? -3.151  -15.176 6.739   1.00 18.56 ? 111 TRP B CZ2 1 
ATOM   929  C CZ3 . TRP A 1 105 ? -2.622  -14.245 4.575   1.00 19.15 ? 111 TRP B CZ3 1 
ATOM   930  C CH2 . TRP A 1 105 ? -2.425  -15.215 5.565   1.00 18.44 ? 111 TRP B CH2 1 
ATOM   931  N N   . GLN A 1 106 ? -7.769  -13.642 4.188   1.00 10.17 ? 112 GLN B N   1 
ATOM   932  C CA  . GLN A 1 106 ? -8.717  -14.721 4.591   1.00 10.88 ? 112 GLN B CA  1 
ATOM   933  C C   . GLN A 1 106 ? -10.109 -14.169 4.514   1.00 12.18 ? 112 GLN B C   1 
ATOM   934  O O   . GLN A 1 106 ? -10.922 -14.435 5.470   1.00 13.84 ? 112 GLN B O   1 
ATOM   935  C CB  . GLN A 1 106 ? -8.357  -15.292 5.941   1.00 12.73 ? 112 GLN B CB  1 
ATOM   936  C CG  . GLN A 1 106 ? -6.994  -15.911 5.880   1.00 13.60 ? 112 GLN B CG  1 
ATOM   937  C CD  . GLN A 1 106 ? -6.638  -16.723 7.103   1.00 15.10 ? 112 GLN B CD  1 
ATOM   938  O OE1 . GLN A 1 106 ? -5.647  -17.477 7.081   1.00 17.76 ? 112 GLN B OE1 1 
ATOM   939  N NE2 . GLN A 1 106 ? -7.416  -16.634 8.169   1.00 14.65 ? 112 GLN B NE2 1 
ATOM   940  N N   . ASP A 1 107 ? -10.461 -13.605 3.405   1.00 12.63 ? 113 ASP B N   1 
ATOM   941  C CA  . ASP A 1 107 ? -11.835 -13.249 3.069   1.00 16.54 ? 113 ASP B CA  1 
ATOM   942  C C   . ASP A 1 107 ? -12.387 -12.115 3.956   1.00 18.03 ? 113 ASP B C   1 
ATOM   943  O O   . ASP A 1 107 ? -13.626 -11.856 3.837   1.00 24.30 ? 113 ASP B O   1 
ATOM   944  C CB  . ASP A 1 107 ? -12.677 -14.523 3.190   1.00 18.90 ? 113 ASP B CB  1 
ATOM   945  C CG  . ASP A 1 107 ? -13.965 -14.478 2.444   1.00 25.99 ? 113 ASP B CG  1 
ATOM   946  O OD1 . ASP A 1 107 ? -14.022 -13.891 1.335   1.00 29.12 ? 113 ASP B OD1 1 
ATOM   947  O OD2 . ASP A 1 107 ? -14.923 -15.076 2.998   1.00 31.79 ? 113 ASP B OD2 1 
ATOM   948  N N   . SER A 1 108 ? -11.554 -11.397 4.711   1.00 13.62 ? 114 SER B N   1 
ATOM   949  C CA  . SER A 1 108 ? -11.993 -10.207 5.493   1.00 14.93 ? 114 SER B CA  1 
ATOM   950  C C   . SER A 1 108 ? -11.063 -9.030  5.207   1.00 11.78 ? 114 SER B C   1 
ATOM   951  O O   . SER A 1 108 ? -9.815  -9.206  4.993   1.00 12.22 ? 114 SER B O   1 
ATOM   952  C CB  . SER A 1 108 ? -12.190 -10.590 6.933   1.00 18.00 ? 114 SER B CB  1 
ATOM   953  O OG  . SER A 1 108 ? -10.979 -10.692 7.609   1.00 26.47 ? 114 SER B OG  1 
ATOM   954  N N   . TYR A 1 109 ? -11.628 -7.840  5.284   1.00 10.51 ? 115 TYR B N   1 
ATOM   955  C CA  . TYR A 1 109 ? -10.894 -6.557  5.172   1.00 9.85  ? 115 TYR B CA  1 
ATOM   956  C C   . TYR A 1 109 ? -10.712 -5.952  6.546   1.00 9.72  ? 115 TYR B C   1 
ATOM   957  O O   . TYR A 1 109 ? -11.669 -5.929  7.359   1.00 10.40 ? 115 TYR B O   1 
ATOM   958  C CB  . TYR A 1 109 ? -11.635 -5.632  4.232   1.00 10.26 ? 115 TYR B CB  1 
ATOM   959  C CG  . TYR A 1 109 ? -11.809 -6.170  2.816   1.00 10.45 ? 115 TYR B CG  1 
ATOM   960  C CD1 . TYR A 1 109 ? -12.924 -6.917  2.457   1.00 11.00 ? 115 TYR B CD1 1 
ATOM   961  C CD2 . TYR A 1 109 ? -10.893 -5.885  1.838   1.00 9.95  ? 115 TYR B CD2 1 
ATOM   962  C CE1 . TYR A 1 109 ? -13.084 -7.376  1.149   1.00 11.78 ? 115 TYR B CE1 1 
ATOM   963  C CE2 . TYR A 1 109 ? -11.016 -6.372  0.551   1.00 10.12 ? 115 TYR B CE2 1 
ATOM   964  C CZ  . TYR A 1 109 ? -12.138 -7.090  0.193   1.00 10.57 ? 115 TYR B CZ  1 
ATOM   965  O OH  . TYR A 1 109 ? -12.326 -7.618  -1.070  1.00 12.21 ? 115 TYR B OH  1 
ATOM   966  N N   A GLU A 1 110 ? -9.501  -5.458  6.836   0.50 8.98  ? 116 GLU B N   1 
ATOM   967  N N   B GLU A 1 110 ? -9.501  -5.449  6.832   0.50 9.35  ? 116 GLU B N   1 
ATOM   968  C CA  A GLU A 1 110 ? -9.213  -4.819  8.137   0.50 8.68  ? 116 GLU B CA  1 
ATOM   969  C CA  B GLU A 1 110 ? -9.160  -4.855  8.147   0.50 9.35  ? 116 GLU B CA  1 
ATOM   970  C C   A GLU A 1 110 ? -8.364  -3.577  7.940   0.50 7.90  ? 116 GLU B C   1 
ATOM   971  C C   B GLU A 1 110 ? -8.363  -3.579  7.940   0.50 8.21  ? 116 GLU B C   1 
ATOM   972  O O   A GLU A 1 110 ? -7.597  -3.492  6.966   0.50 8.85  ? 116 GLU B O   1 
ATOM   973  O O   B GLU A 1 110 ? -7.596  -3.485  6.966   0.50 9.10  ? 116 GLU B O   1 
ATOM   974  C CB  A GLU A 1 110 ? -8.551  -5.814  9.073   0.50 10.16 ? 116 GLU B CB  1 
ATOM   975  C CB  B GLU A 1 110 ? -8.342  -5.826  8.984   0.50 11.59 ? 116 GLU B CB  1 
ATOM   976  C CG  A GLU A 1 110 ? -9.408  -7.058  9.383   0.50 12.07 ? 116 GLU B CG  1 
ATOM   977  C CG  B GLU A 1 110 ? -9.049  -7.148  9.281   0.50 14.90 ? 116 GLU B CG  1 
ATOM   978  C CD  A GLU A 1 110 ? -8.669  -8.098  10.213  0.50 13.05 ? 116 GLU B CD  1 
ATOM   979  C CD  B GLU A 1 110 ? -9.918  -7.160  10.532  0.50 15.54 ? 116 GLU B CD  1 
ATOM   980  O OE1 A GLU A 1 110 ? -7.491  -8.354  9.951   0.50 16.30 ? 116 GLU B OE1 1 
ATOM   981  O OE1 B GLU A 1 110 ? -9.879  -6.200  11.324  0.50 21.30 ? 116 GLU B OE1 1 
ATOM   982  O OE2 A GLU A 1 110 ? -9.285  -8.657  11.158  0.50 14.18 ? 116 GLU B OE2 1 
ATOM   983  O OE2 B GLU A 1 110 ? -10.540 -8.216  10.769  0.50 22.56 ? 116 GLU B OE2 1 
ATOM   984  N N   . ALA A 1 111 ? -8.485  -2.629  8.874   1.00 8.02  ? 117 ALA B N   1 
ATOM   985  C CA  . ALA A 1 111 ? -7.549  -1.484  8.947   1.00 8.52  ? 117 ALA B CA  1 
ATOM   986  C C   . ALA A 1 111 ? -6.441  -1.824  9.916   1.00 8.11  ? 117 ALA B C   1 
ATOM   987  O O   . ALA A 1 111 ? -6.669  -2.430  10.984  1.00 8.69  ? 117 ALA B O   1 
ATOM   988  C CB  . ALA A 1 111 ? -8.271  -0.208  9.379   1.00 8.25  ? 117 ALA B CB  1 
ATOM   989  N N   . GLY A 1 112 ? -5.217  -1.398  9.555   1.00 8.63  ? 118 GLY B N   1 
ATOM   990  C CA  . GLY A 1 112 ? -4.001  -1.650  10.335  1.00 9.99  ? 118 GLY B CA  1 
ATOM   991  C C   . GLY A 1 112 ? -3.867  -0.713  11.493  1.00 9.86  ? 118 GLY B C   1 
ATOM   992  O O   . GLY A 1 112 ? -2.865  -0.031  11.679  1.00 12.44 ? 118 GLY B O   1 
ATOM   993  N N   . THR A 1 113 ? -4.849  -0.613  12.366  1.00 12.45 ? 119 THR B N   1 
ATOM   994  C CA  . THR A 1 113 ? -4.721  -0.068  13.721  1.00 13.86 ? 119 THR B CA  1 
ATOM   995  C C   . THR A 1 113 ? -4.139  -1.117  14.655  1.00 13.92 ? 119 THR B C   1 
ATOM   996  O O   . THR A 1 113 ? -4.021  -2.258  14.274  1.00 15.47 ? 119 THR B O   1 
ATOM   997  C CB  . THR A 1 113 ? -6.100  0.359   14.167  1.00 11.61 ? 119 THR B CB  1 
ATOM   998  O OG1 . THR A 1 113 ? -7.037  -0.729  14.050  1.00 11.21 ? 119 THR B OG1 1 
ATOM   999  C CG2 . THR A 1 113 ? -6.645  1.489   13.370  1.00 13.16 ? 119 THR B CG2 1 
ATOM   1000 N N   . SER A 1 114 ? -3.827  -0.750  15.898  1.00 17.51 ? 120 SER B N   1 
ATOM   1001 C CA  . SER A 1 114 ? -3.339  -1.731  16.883  1.00 20.23 ? 120 SER B CA  1 
ATOM   1002 C C   . SER A 1 114 ? -4.249  -1.702  18.113  1.00 21.52 ? 120 SER B C   1 
ATOM   1003 O O   . SER A 1 114 ? -4.316  -0.701  18.829  1.00 23.61 ? 120 SER B O   1 
ATOM   1004 C CB  . SER A 1 114 ? -1.860  -1.505  17.209  1.00 23.62 ? 120 SER B CB  1 
ATOM   1005 O OG  . SER A 1 114 ? -1.413  -2.451  18.186  1.00 28.56 ? 120 SER B OG  1 
ATOM   1006 N N   . PRO A 1 115 ? -5.093  -2.731  18.311  1.00 18.51 ? 121 PRO B N   1 
ATOM   1007 C CA  . PRO A 1 115 ? -5.237  -3.872  17.420  1.00 18.92 ? 121 PRO B CA  1 
ATOM   1008 C C   . PRO A 1 115 ? -6.030  -3.492  16.154  1.00 15.10 ? 121 PRO B C   1 
ATOM   1009 O O   . PRO A 1 115 ? -6.630  -2.432  16.080  1.00 14.30 ? 121 PRO B O   1 
ATOM   1010 C CB  . PRO A 1 115 ? -5.982  -4.896  18.279  1.00 22.30 ? 121 PRO B CB  1 
ATOM   1011 C CG  . PRO A 1 115 ? -6.869  -4.035  19.120  1.00 22.08 ? 121 PRO B CG  1 
ATOM   1012 C CD  . PRO A 1 115 ? -6.029  -2.808  19.452  1.00 21.67 ? 121 PRO B CD  1 
ATOM   1013 N N   . GLN A 1 116 ? -6.062  -4.390  15.192  1.00 13.91 ? 122 GLN B N   1 
ATOM   1014 C CA  . GLN A 1 116 ? -6.688  -4.127  13.878  1.00 12.87 ? 122 GLN B CA  1 
ATOM   1015 C C   . GLN A 1 116 ? -8.210  -3.951  14.009  1.00 10.76 ? 122 GLN B C   1 
ATOM   1016 O O   . GLN A 1 116 ? -8.820  -4.468  14.976  1.00 12.65 ? 122 GLN B O   1 
ATOM   1017 C CB  . GLN A 1 116 ? -6.338  -5.218  12.861  1.00 16.82 ? 122 GLN B CB  1 
ATOM   1018 C CG  . GLN A 1 116 ? -6.958  -6.581  13.101  1.00 24.20 ? 122 GLN B CG  1 
ATOM   1019 C CD  . GLN A 1 116 ? -6.100  -7.543  13.889  1.00 33.37 ? 122 GLN B CD  1 
ATOM   1020 O OE1 . GLN A 1 116 ? -5.260  -7.160  14.708  1.00 40.07 ? 122 GLN B OE1 1 
ATOM   1021 N NE2 . GLN A 1 116 ? -6.352  -8.826  13.671  1.00 40.10 ? 122 GLN B NE2 1 
ATOM   1022 N N   . THR A 1 117 ? -8.771  -3.247  13.062  1.00 9.29  ? 123 THR B N   1 
ATOM   1023 C CA  . THR A 1 117 ? -10.195 -2.878  13.042  1.00 9.18  ? 123 THR B CA  1 
ATOM   1024 C C   . THR A 1 117 ? -10.880 -3.559  11.871  1.00 9.37  ? 123 THR B C   1 
ATOM   1025 O O   . THR A 1 117 ? -10.468 -3.390  10.730  1.00 10.90 ? 123 THR B O   1 
ATOM   1026 C CB  . THR A 1 117 ? -10.348 -1.361  12.987  1.00 9.44  ? 123 THR B CB  1 
ATOM   1027 O OG1 . THR A 1 117 ? -9.722  -0.750  14.113  1.00 10.63 ? 123 THR B OG1 1 
ATOM   1028 C CG2 . THR A 1 117 ? -11.794 -0.937  12.938  1.00 10.39 ? 123 THR B CG2 1 
ATOM   1029 N N   . THR A 1 118 ? -12.012 -4.212  12.149  1.00 10.09 ? 124 THR B N   1 
ATOM   1030 C CA  . THR A 1 118 ? -12.847 -4.810  11.102  1.00 11.05 ? 124 THR B CA  1 
ATOM   1031 C C   . THR A 1 118 ? -13.435 -3.763  10.173  1.00 10.18 ? 124 THR B C   1 
ATOM   1032 O O   . THR A 1 118 ? -13.975 -2.703  10.659  1.00 12.10 ? 124 THR B O   1 
ATOM   1033 C CB  . THR A 1 118 ? -13.979 -5.593  11.800  1.00 13.29 ? 124 THR B CB  1 
ATOM   1034 O OG1 . THR A 1 118 ? -13.374 -6.637  12.567  1.00 15.57 ? 124 THR B OG1 1 
ATOM   1035 C CG2 . THR A 1 118 ? -15.043 -6.045  10.816  1.00 15.83 ? 124 THR B CG2 1 
ATOM   1036 N N   . LEU A 1 119 ? -13.345 -3.943  8.871   1.00 9.47  ? 125 LEU B N   1 
ATOM   1037 C CA  . LEU A 1 119 ? -13.967 -3.095  7.878   1.00 9.19  ? 125 LEU B CA  1 
ATOM   1038 C C   . LEU A 1 119 ? -15.285 -3.742  7.408   1.00 10.87 ? 125 LEU B C   1 
ATOM   1039 O O   . LEU A 1 119 ? -15.456 -4.987  7.552   1.00 14.11 ? 125 LEU B O   1 
ATOM   1040 C CB  . LEU A 1 119 ? -13.044 -2.837  6.673   1.00 9.04  ? 125 LEU B CB  1 
ATOM   1041 C CG  . LEU A 1 119 ? -11.704 -2.194  7.040   1.00 8.82  ? 125 LEU B CG  1 
ATOM   1042 C CD1 . LEU A 1 119 ? -10.764 -2.105  5.848   1.00 9.48  ? 125 LEU B CD1 1 
ATOM   1043 C CD2 . LEU A 1 119 ? -11.904 -0.820  7.675   1.00 9.74  ? 125 LEU B CD2 1 
ATOM   1044 N N   . HIS A 1 120 ? -16.210 -2.944  6.919   1.00 10.65 ? 126 HIS B N   1 
ATOM   1045 C CA  . HIS A 1 120 ? -17.587 -3.352  6.515   1.00 11.12 ? 126 HIS B CA  1 
ATOM   1046 C C   . HIS A 1 120 ? -17.713 -3.020  5.039   1.00 12.87 ? 126 HIS B C   1 
ATOM   1047 O O   . HIS A 1 120 ? -17.956 -1.862  4.646   1.00 17.48 ? 126 HIS B O   1 
ATOM   1048 C CB  . HIS A 1 120 ? -18.629 -2.586  7.365   1.00 12.17 ? 126 HIS B CB  1 
ATOM   1049 C CG  . HIS A 1 120 ? -18.528 -2.853  8.821   1.00 12.54 ? 126 HIS B CG  1 
ATOM   1050 N ND1 . HIS A 1 120 ? -17.864 -1.983  9.667   1.00 14.89 ? 126 HIS B ND1 1 
ATOM   1051 C CD2 . HIS A 1 120 ? -18.938 -3.879  9.557   1.00 14.27 ? 126 HIS B CD2 1 
ATOM   1052 C CE1 . HIS A 1 120 ? -17.910 -2.482  10.882  1.00 15.12 ? 126 HIS B CE1 1 
ATOM   1053 N NE2 . HIS A 1 120 ? -18.570 -3.627  10.869  1.00 13.94 ? 126 HIS B NE2 1 
ATOM   1054 N N   . ILE A 1 121 ? -17.454 -3.979  4.179   1.00 14.70 ? 127 ILE B N   1 
ATOM   1055 C CA  . ILE A 1 121 ? -17.421 -3.791  2.699   1.00 16.76 ? 127 ILE B CA  1 
ATOM   1056 C C   . ILE A 1 121 ? -18.442 -4.797  2.099   1.00 17.40 ? 127 ILE B C   1 
ATOM   1057 O O   . ILE A 1 121 ? -18.312 -5.998  2.302   1.00 23.42 ? 127 ILE B O   1 
ATOM   1058 C CB  . ILE A 1 121 ? -15.989 -3.945  2.129   1.00 17.48 ? 127 ILE B CB  1 
ATOM   1059 C CG1 . ILE A 1 121 ? -14.993 -2.947  2.751   1.00 16.88 ? 127 ILE B CG1 1 
ATOM   1060 C CG2 . ILE A 1 121 ? -16.055 -3.825  0.612   1.00 22.96 ? 127 ILE B CG2 1 
ATOM   1061 C CD1 . ILE A 1 121 ? -13.563 -3.029  2.244   1.00 15.92 ? 127 ILE B CD1 1 
ATOM   1062 N N   . GLN A 1 122 ? -19.485 -4.270  1.498   1.00 19.66 ? 128 GLN B N   1 
ATOM   1063 C CA  . GLN A 1 122 ? -20.574 -5.091  0.883   1.00 20.87 ? 128 GLN B CA  1 
ATOM   1064 C C   . GLN A 1 122 ? -20.169 -5.503  -0.533  1.00 20.43 ? 128 GLN B C   1 
ATOM   1065 O O   . GLN A 1 122 ? -20.527 -6.645  -0.950  1.00 21.07 ? 128 GLN B O   1 
ATOM   1066 C CB  . GLN A 1 122 ? -21.863 -4.261  0.859   1.00 22.85 ? 128 GLN B CB  1 
ATOM   1067 C CG  . GLN A 1 122 ? -23.052 -4.937  0.160   1.00 28.12 ? 128 GLN B CG  1 
ATOM   1068 C CD  . GLN A 1 122 ? -23.516 -6.224  0.814   1.00 32.57 ? 128 GLN B CD  1 
ATOM   1069 O OE1 . GLN A 1 122 ? -23.383 -6.429  2.019   1.00 38.89 ? 128 GLN B OE1 1 
ATOM   1070 N NE2 . GLN A 1 122 ? -24.107 -7.104  0.018   1.00 35.76 ? 128 GLN B NE2 1 
ATOM   1071 N N   . VAL A 1 123 ? -19.406 -4.666  -1.229  1.00 17.53 ? 129 VAL B N   1 
ATOM   1072 C CA  . VAL A 1 123 ? -18.994 -4.886  -2.657  1.00 15.46 ? 129 VAL B CA  1 
ATOM   1073 C C   . VAL A 1 123 ? -17.483 -5.073  -2.697  1.00 15.85 ? 129 VAL B C   1 
ATOM   1074 O O   . VAL A 1 123 ? -16.752 -4.072  -2.514  1.00 14.35 ? 129 VAL B O   1 
ATOM   1075 C CB  . VAL A 1 123 ? -19.423 -3.708  -3.539  1.00 17.72 ? 129 VAL B CB  1 
ATOM   1076 C CG1 . VAL A 1 123 ? -18.904 -3.861  -4.980  1.00 18.80 ? 129 VAL B CG1 1 
ATOM   1077 C CG2 . VAL A 1 123 ? -20.950 -3.572  -3.539  1.00 19.02 ? 129 VAL B CG2 1 
ATOM   1078 N N   . PRO A 1 124 ? -16.934 -6.311  -2.756  1.00 13.99 ? 130 PRO B N   1 
ATOM   1079 C CA  . PRO A 1 124 ? -15.476 -6.472  -2.734  1.00 14.49 ? 130 PRO B CA  1 
ATOM   1080 C C   . PRO A 1 124 ? -14.830 -5.600  -3.775  1.00 13.53 ? 130 PRO B C   1 
ATOM   1081 O O   . PRO A 1 124 ? -15.198 -5.570  -4.941  1.00 14.71 ? 130 PRO B O   1 
ATOM   1082 C CB  . PRO A 1 124 ? -15.311 -7.971  -3.040  1.00 17.05 ? 130 PRO B CB  1 
ATOM   1083 C CG  . PRO A 1 124 ? -16.583 -8.581  -2.446  1.00 18.67 ? 130 PRO B CG  1 
ATOM   1084 C CD  . PRO A 1 124 ? -17.655 -7.612  -2.829  1.00 17.53 ? 130 PRO B CD  1 
ATOM   1085 N N   . PRO A 1 125 ? -13.865 -4.737  -3.384  1.00 12.74 ? 131 PRO B N   1 
ATOM   1086 C CA  . PRO A 1 125 ? -13.272 -3.824  -4.340  1.00 11.91 ? 131 PRO B CA  1 
ATOM   1087 C C   . PRO A 1 125 ? -12.332 -4.511  -5.337  1.00 11.55 ? 131 PRO B C   1 
ATOM   1088 O O   . PRO A 1 125 ? -11.535 -5.328  -4.930  1.00 12.52 ? 131 PRO B O   1 
ATOM   1089 C CB  . PRO A 1 125 ? -12.551 -2.782  -3.457  1.00 11.96 ? 131 PRO B CB  1 
ATOM   1090 C CG  . PRO A 1 125 ? -12.326 -3.503  -2.183  1.00 14.60 ? 131 PRO B CG  1 
ATOM   1091 C CD  . PRO A 1 125 ? -13.471 -4.449  -1.992  1.00 13.09 ? 131 PRO B CD  1 
ATOM   1092 N N   . CYS A 1 126 ? -12.383 -4.042  -6.575  1.00 11.34 ? 132 CYS B N   1 
ATOM   1093 C CA  . CYS A 1 126 ? -11.346 -4.339  -7.577  1.00 11.18 ? 132 CYS B CA  1 
ATOM   1094 C C   . CYS A 1 126 ? -10.332 -3.220  -7.705  1.00 10.86 ? 132 CYS B C   1 
ATOM   1095 O O   . CYS A 1 126 ? -9.234  -3.428  -8.200  1.00 11.25 ? 132 CYS B O   1 
ATOM   1096 C CB  . CYS A 1 126 ? -11.957 -4.640  -8.934  1.00 13.76 ? 132 CYS B CB  1 
ATOM   1097 S SG  . CYS A 1 126 ? -13.074 -6.072  -8.933  1.00 21.79 ? 132 CYS B SG  1 
ATOM   1098 N N   A GLN A 1 127 ? -10.713 -1.963  -7.405  0.50 10.53 ? 133 GLN B N   1 
ATOM   1099 N N   B GLN A 1 127 ? -10.697 -2.079  -7.117  0.50 10.83 ? 133 GLN B N   1 
ATOM   1100 C CA  A GLN A 1 127 ? -9.737  -0.838  -7.274  0.50 11.39 ? 133 GLN B CA  1 
ATOM   1101 C CA  B GLN A 1 127 ? -9.911  -0.829  -7.264  0.50 12.47 ? 133 GLN B CA  1 
ATOM   1102 C C   A GLN A 1 127 ? -10.038 -0.058  -5.986  0.50 10.10 ? 133 GLN B C   1 
ATOM   1103 C C   B GLN A 1 127 ? -10.071 -0.036  -5.962  0.50 10.58 ? 133 GLN B C   1 
ATOM   1104 O O   A GLN A 1 127 ? -11.216 0.108   -5.597  0.50 10.50 ? 133 GLN B O   1 
ATOM   1105 O O   B GLN A 1 127 ? -11.209 0.066   -5.476  0.50 10.62 ? 133 GLN B O   1 
ATOM   1106 C CB  A GLN A 1 127 ? -9.700  0.154   -8.450  0.50 11.84 ? 133 GLN B CB  1 
ATOM   1107 C CB  B GLN A 1 127 ? -10.371 -0.080  -8.514  0.50 14.18 ? 133 GLN B CB  1 
ATOM   1108 C CG  A GLN A 1 127 ? -9.428  -0.440  -9.835  0.50 13.56 ? 133 GLN B CG  1 
ATOM   1109 C CG  B GLN A 1 127 ? -9.967  -0.740  -9.821  0.50 16.82 ? 133 GLN B CG  1 
ATOM   1110 C CD  A GLN A 1 127 ? -10.671 -1.006  -10.488 0.50 15.55 ? 133 GLN B CD  1 
ATOM   1111 C CD  B GLN A 1 127 ? -9.825  0.223   -10.975 0.50 19.71 ? 133 GLN B CD  1 
ATOM   1112 O OE1 A GLN A 1 127 ? -11.769 -0.487  -10.328 0.50 17.02 ? 133 GLN B OE1 1 
ATOM   1113 O OE1 B GLN A 1 127 ? -10.097 1.410   -10.857 0.50 24.07 ? 133 GLN B OE1 1 
ATOM   1114 N NE2 A GLN A 1 127 ? -10.526 -2.134  -11.185 0.50 16.30 ? 133 GLN B NE2 1 
ATOM   1115 N NE2 B GLN A 1 127 ? -9.393  -0.291  -12.102 0.50 23.39 ? 133 GLN B NE2 1 
ATOM   1116 N N   . ILE A 1 128 ? -8.945  0.398   -5.380  1.00 10.07 ? 134 ILE B N   1 
ATOM   1117 C CA  . ILE A 1 128 ? -8.893  1.138   -4.082  1.00 10.08 ? 134 ILE B CA  1 
ATOM   1118 C C   . ILE A 1 128 ? -8.360  2.532   -4.408  1.00 10.00 ? 134 ILE B C   1 
ATOM   1119 O O   . ILE A 1 128 ? -7.289  2.658   -5.039  1.00 9.56  ? 134 ILE B O   1 
ATOM   1120 C CB  . ILE A 1 128 ? -7.983  0.410   -3.084  1.00 10.47 ? 134 ILE B CB  1 
ATOM   1121 C CG1 . ILE A 1 128 ? -8.402  -1.043  -2.743  1.00 13.14 ? 134 ILE B CG1 1 
ATOM   1122 C CG2 . ILE A 1 128 ? -7.856  1.248   -1.790  1.00 11.01 ? 134 ILE B CG2 1 
ATOM   1123 C CD1 . ILE A 1 128 ? -9.641  -1.133  -1.960  1.00 13.43 ? 134 ILE B CD1 1 
ATOM   1124 N N   . GLY A 1 129 ? -9.021  3.585   -3.894  1.00 9.81  ? 135 GLY B N   1 
ATOM   1125 C CA  . GLY A 1 129 ? -8.487  4.952   -3.891  1.00 9.22  ? 135 GLY B CA  1 
ATOM   1126 C C   . GLY A 1 129 ? -7.909  5.316   -2.541  1.00 9.05  ? 135 GLY B C   1 
ATOM   1127 O O   . GLY A 1 129 ? -8.462  4.947   -1.507  1.00 9.53  ? 135 GLY B O   1 
ATOM   1128 N N   . ILE A 1 130 ? -6.744  5.962   -2.554  1.00 9.01  ? 136 ILE B N   1 
ATOM   1129 C CA  . ILE A 1 130 ? -6.012  6.373   -1.319  1.00 8.79  ? 136 ILE B CA  1 
ATOM   1130 C C   . ILE A 1 130 ? -5.810  7.877   -1.373  1.00 9.45  ? 136 ILE B C   1 
ATOM   1131 O O   . ILE A 1 130 ? -5.268  8.409   -2.348  1.00 9.59  ? 136 ILE B O   1 
ATOM   1132 C CB  . ILE A 1 130 ? -4.664  5.638   -1.223  1.00 9.53  ? 136 ILE B CB  1 
ATOM   1133 C CG1 . ILE A 1 130 ? -4.880  4.123   -1.219  1.00 10.56 ? 136 ILE B CG1 1 
ATOM   1134 C CG2 . ILE A 1 130 ? -3.919  6.048   0.038   1.00 10.85 ? 136 ILE B CG2 1 
ATOM   1135 C CD1 . ILE A 1 130 ? -3.665  3.325   -1.284  1.00 13.32 ? 136 ILE B CD1 1 
ATOM   1136 N N   . PHE A 1 131 ? -6.305  8.537   -0.334  1.00 9.04  ? 137 PHE B N   1 
ATOM   1137 C CA  . PHE A 1 131 ? -6.205  10.008  -0.178  1.00 8.77  ? 137 PHE B CA  1 
ATOM   1138 C C   . PHE A 1 131 ? -5.422  10.337  1.080   1.00 8.30  ? 137 PHE B C   1 
ATOM   1139 O O   . PHE A 1 131 ? -5.708  9.809   2.143   1.00 9.28  ? 137 PHE B O   1 
ATOM   1140 C CB  . PHE A 1 131 ? -7.596  10.613  -0.070  1.00 10.00 ? 137 PHE B CB  1 
ATOM   1141 C CG  . PHE A 1 131 ? -7.629  12.088  0.196   1.00 11.37 ? 137 PHE B CG  1 
ATOM   1142 C CD1 . PHE A 1 131 ? -7.206  12.960  -0.776  1.00 12.75 ? 137 PHE B CD1 1 
ATOM   1143 C CD2 . PHE A 1 131 ? -8.060  12.623  1.393   1.00 13.00 ? 137 PHE B CD2 1 
ATOM   1144 C CE1 . PHE A 1 131 ? -7.205  14.339  -0.542  1.00 14.77 ? 137 PHE B CE1 1 
ATOM   1145 C CE2 . PHE A 1 131 ? -8.060  14.000  1.626   1.00 14.97 ? 137 PHE B CE2 1 
ATOM   1146 C CZ  . PHE A 1 131 ? -7.643  14.836  0.640   1.00 14.25 ? 137 PHE B CZ  1 
ATOM   1147 N N   . VAL A 1 132 ? -4.422  11.204  0.935   1.00 8.85  ? 138 VAL B N   1 
ATOM   1148 C CA  . VAL A 1 132 ? -3.581  11.703  2.043   1.00 9.02  ? 138 VAL B CA  1 
ATOM   1149 C C   . VAL A 1 132 ? -3.710  13.227  2.095   1.00 8.44  ? 138 VAL B C   1 
ATOM   1150 O O   . VAL A 1 132 ? -3.460  13.912  1.097   1.00 10.15 ? 138 VAL B O   1 
ATOM   1151 C CB  . VAL A 1 132 ? -2.126  11.278  1.915   1.00 9.60  ? 138 VAL B CB  1 
ATOM   1152 C CG1 . VAL A 1 132 ? -1.310  11.834  3.072   1.00 11.45 ? 138 VAL B CG1 1 
ATOM   1153 C CG2 . VAL A 1 132 ? -2.003  9.759   1.785   1.00 11.37 ? 138 VAL B CG2 1 
ATOM   1154 N N   . ASP A 1 133 ? -4.094  13.715  3.258   1.00 8.61  ? 139 ASP B N   1 
ATOM   1155 C CA  . ASP A 1 133 ? -4.036  15.180  3.560   1.00 10.36 ? 139 ASP B CA  1 
ATOM   1156 C C   . ASP A 1 133 ? -2.979  15.373  4.636   1.00 9.18  ? 139 ASP B C   1 
ATOM   1157 O O   . ASP A 1 133 ? -3.210  15.082  5.792   1.00 9.70  ? 139 ASP B O   1 
ATOM   1158 C CB  . ASP A 1 133 ? -5.393  15.730  3.935   1.00 11.83 ? 139 ASP B CB  1 
ATOM   1159 C CG  . ASP A 1 133 ? -5.421  17.243  4.217   1.00 12.95 ? 139 ASP B CG  1 
ATOM   1160 O OD1 . ASP A 1 133 ? -4.353  17.813  4.507   1.00 13.45 ? 139 ASP B OD1 1 
ATOM   1161 O OD2 . ASP A 1 133 ? -6.569  17.777  4.110   1.00 16.71 ? 139 ASP B OD2 1 
ATOM   1162 N N   . TYR A 1 134 ? -1.793  15.807  4.207   1.00 9.79  ? 140 TYR B N   1 
ATOM   1163 C CA  . TYR A 1 134 ? -0.648  15.852  5.136   1.00 9.98  ? 140 TYR B CA  1 
ATOM   1164 C C   . TYR A 1 134 ? -0.933  16.804  6.306   1.00 10.43 ? 140 TYR B C   1 
ATOM   1165 O O   . TYR A 1 134 ? -0.793  16.479  7.442   1.00 11.28 ? 140 TYR B O   1 
ATOM   1166 C CB  . TYR A 1 134 ? 0.657   16.220  4.410   1.00 10.65 ? 140 TYR B CB  1 
ATOM   1167 C CG  . TYR A 1 134 ? 1.875   15.883  5.245   1.00 10.66 ? 140 TYR B CG  1 
ATOM   1168 C CD1 . TYR A 1 134 ? 2.262   16.650  6.339   1.00 10.86 ? 140 TYR B CD1 1 
ATOM   1169 C CD2 . TYR A 1 134 ? 2.610   14.717  4.998   1.00 10.63 ? 140 TYR B CD2 1 
ATOM   1170 C CE1 . TYR A 1 134 ? 3.307   16.277  7.149   1.00 10.12 ? 140 TYR B CE1 1 
ATOM   1171 C CE2 . TYR A 1 134 ? 3.673   14.334  5.792   1.00 10.42 ? 140 TYR B CE2 1 
ATOM   1172 C CZ  . TYR A 1 134 ? 4.035   15.103  6.888   1.00 9.86  ? 140 TYR B CZ  1 
ATOM   1173 O OH  . TYR A 1 134 ? 5.054   14.735  7.716   1.00 11.00 ? 140 TYR B OH  1 
ATOM   1174 N N   . GLU A 1 135 ? -1.388  17.996  5.957   1.00 11.88 ? 141 GLU B N   1 
ATOM   1175 C CA  . GLU A 1 135 ? -1.578  19.063  6.978   1.00 12.60 ? 141 GLU B CA  1 
ATOM   1176 C C   . GLU A 1 135 ? -2.666  18.641  7.947   1.00 12.71 ? 141 GLU B C   1 
ATOM   1177 O O   . GLU A 1 135 ? -2.485  18.787  9.180   1.00 14.91 ? 141 GLU B O   1 
ATOM   1178 C CB  . GLU A 1 135 ? -1.882  20.407  6.336   1.00 15.34 ? 141 GLU B CB  1 
ATOM   1179 C CG  . GLU A 1 135 ? -0.555  21.104  5.970   1.00 21.29 ? 141 GLU B CG  1 
ATOM   1180 C CD  . GLU A 1 135 ? 0.170   20.469  4.846   1.00 24.79 ? 141 GLU B CD  1 
ATOM   1181 O OE1 . GLU A 1 135 ? 1.333   20.505  4.854   1.00 21.56 ? 141 GLU B OE1 1 
ATOM   1182 O OE2 . GLU A 1 135 ? -0.496  19.913  3.947   1.00 26.46 ? 141 GLU B OE2 1 
ATOM   1183 N N   . ALA A 1 136 ? -3.765  18.047  7.481   1.00 11.39 ? 142 ALA B N   1 
ATOM   1184 C CA  . ALA A 1 136 ? -4.884  17.666  8.341   1.00 12.21 ? 142 ALA B CA  1 
ATOM   1185 C C   . ALA A 1 136 ? -4.560  16.412  9.156   1.00 12.83 ? 142 ALA B C   1 
ATOM   1186 O O   . ALA A 1 136 ? -5.268  16.120  10.129  1.00 14.78 ? 142 ALA B O   1 
ATOM   1187 C CB  . ALA A 1 136 ? -6.136  17.442  7.541   1.00 13.83 ? 142 ALA B CB  1 
ATOM   1188 N N   . GLY A 1 137 ? -3.561  15.620  8.788   1.00 10.85 ? 143 GLY B N   1 
ATOM   1189 C CA  . GLY A 1 137 ? -3.274  14.340  9.436   1.00 10.19 ? 143 GLY B CA  1 
ATOM   1190 C C   . GLY A 1 137 ? -4.329  13.263  9.126   1.00 8.97  ? 143 GLY B C   1 
ATOM   1191 O O   . GLY A 1 137 ? -4.819  12.637  10.052  1.00 10.59 ? 143 GLY B O   1 
ATOM   1192 N N   . VAL A 1 138 ? -4.677  13.134  7.852   1.00 9.46  ? 144 VAL B N   1 
ATOM   1193 C CA  . VAL A 1 138 ? -5.746  12.188  7.398   1.00 9.49  ? 144 VAL B CA  1 
ATOM   1194 C C   . VAL A 1 138 ? -5.207  11.276  6.306   1.00 8.61  ? 144 VAL B C   1 
ATOM   1195 O O   . VAL A 1 138 ? -4.589  11.729  5.360   1.00 9.43  ? 144 VAL B O   1 
ATOM   1196 C CB  . VAL A 1 138 ? -6.935  13.005  6.869   1.00 10.52 ? 144 VAL B CB  1 
ATOM   1197 C CG1 . VAL A 1 138 ? -7.938  12.109  6.103   1.00 11.56 ? 144 VAL B CG1 1 
ATOM   1198 C CG2 . VAL A 1 138 ? -7.601  13.765  8.028   1.00 12.53 ? 144 VAL B CG2 1 
ATOM   1199 N N   . VAL A 1 139 ? -5.582  9.995   6.438   1.00 8.68  ? 145 VAL B N   1 
ATOM   1200 C CA  . VAL A 1 139 ? -5.415  8.983   5.345   1.00 8.51  ? 145 VAL B CA  1 
ATOM   1201 C C   . VAL A 1 139 ? -6.779  8.287   5.150   1.00 8.06  ? 145 VAL B C   1 
ATOM   1202 O O   . VAL A 1 139 ? -7.246  7.673   6.122   1.00 8.47  ? 145 VAL B O   1 
ATOM   1203 C CB  . VAL A 1 139 ? -4.319  7.957   5.676   1.00 8.08  ? 145 VAL B CB  1 
ATOM   1204 C CG1 . VAL A 1 139 ? -4.132  7.010   4.486   1.00 8.76  ? 145 VAL B CG1 1 
ATOM   1205 C CG2 . VAL A 1 139 ? -3.005  8.626   6.034   1.00 8.78  ? 145 VAL B CG2 1 
ATOM   1206 N N   . SER A 1 140 ? -7.349  8.390   3.976   1.00 7.58  ? 146 SER B N   1 
ATOM   1207 C CA  . SER A 1 140 ? -8.652  7.753   3.705   1.00 8.56  ? 146 SER B CA  1 
ATOM   1208 C C   . SER A 1 140 ? -8.557  6.816   2.503   1.00 7.91  ? 146 SER B C   1 
ATOM   1209 O O   . SER A 1 140 ? -7.777  7.020   1.589   1.00 8.67  ? 146 SER B O   1 
ATOM   1210 C CB  . SER A 1 140 ? -9.720  8.803   3.442   1.00 8.61  ? 146 SER B CB  1 
ATOM   1211 O OG  . SER A 1 140 ? -9.977  9.605   4.610   1.00 9.94  ? 146 SER B OG  1 
ATOM   1212 N N   . PHE A 1 141 ? -9.437  5.819   2.544   1.00 7.72  ? 147 PHE B N   1 
ATOM   1213 C CA  . PHE A 1 141 ? -9.495  4.720   1.574   1.00 8.12  ? 147 PHE B CA  1 
ATOM   1214 C C   . PHE A 1 141 ? -10.907 4.686   1.020   1.00 8.29  ? 147 PHE B C   1 
ATOM   1215 O O   . PHE A 1 141 ? -11.886 4.679   1.809   1.00 8.32  ? 147 PHE B O   1 
ATOM   1216 C CB  . PHE A 1 141 ? -9.111  3.370   2.223   1.00 8.19  ? 147 PHE B CB  1 
ATOM   1217 C CG  . PHE A 1 141 ? -7.695  3.327   2.743   1.00 7.69  ? 147 PHE B CG  1 
ATOM   1218 C CD1 . PHE A 1 141 ? -7.353  3.863   3.983   1.00 7.53  ? 147 PHE B CD1 1 
ATOM   1219 C CD2 . PHE A 1 141 ? -6.687  2.766   1.975   1.00 7.72  ? 147 PHE B CD2 1 
ATOM   1220 C CE1 . PHE A 1 141 ? -6.029  3.841   4.412   1.00 7.85  ? 147 PHE B CE1 1 
ATOM   1221 C CE2 . PHE A 1 141 ? -5.370  2.775   2.413   1.00 7.86  ? 147 PHE B CE2 1 
ATOM   1222 C CZ  . PHE A 1 141 ? -5.040  3.278   3.638   1.00 7.93  ? 147 PHE B CZ  1 
ATOM   1223 N N   . TYR A 1 142 ? -11.003 4.475   -0.281  1.00 8.35  ? 148 TYR B N   1 
ATOM   1224 C CA  . TYR A 1 142 ? -12.280 4.544   -1.039  1.00 9.68  ? 148 TYR B CA  1 
ATOM   1225 C C   . TYR A 1 142 ? -12.412 3.288   -1.902  1.00 9.28  ? 148 TYR B C   1 
ATOM   1226 O O   . TYR A 1 142 ? -11.445 2.787   -2.542  1.00 9.91  ? 148 TYR B O   1 
ATOM   1227 C CB  . TYR A 1 142 ? -12.395 5.819   -1.854  1.00 9.77  ? 148 TYR B CB  1 
ATOM   1228 C CG  . TYR A 1 142 ? -12.391 7.047   -0.992  1.00 10.34 ? 148 TYR B CG  1 
ATOM   1229 C CD1 . TYR A 1 142 ? -13.555 7.507   -0.384  1.00 11.15 ? 148 TYR B CD1 1 
ATOM   1230 C CD2 . TYR A 1 142 ? -11.210 7.730   -0.713  1.00 10.93 ? 148 TYR B CD2 1 
ATOM   1231 C CE1 . TYR A 1 142 ? -13.536 8.590   0.488   1.00 11.01 ? 148 TYR B CE1 1 
ATOM   1232 C CE2 . TYR A 1 142 ? -11.176 8.825   0.125   1.00 11.54 ? 148 TYR B CE2 1 
ATOM   1233 C CZ  . TYR A 1 142 ? -12.349 9.270   0.710   1.00 10.99 ? 148 TYR B CZ  1 
ATOM   1234 O OH  . TYR A 1 142 ? -12.321 10.365  1.574   1.00 13.00 ? 148 TYR B OH  1 
ATOM   1235 N N   . ASN A 1 143 ? -13.657 2.818   -2.032  1.00 10.58 ? 149 ASN B N   1 
ATOM   1236 C CA  . ASN A 1 143 ? -14.033 1.622   -2.838  1.00 10.44 ? 149 ASN B CA  1 
ATOM   1237 C C   . ASN A 1 143 ? -14.418 2.111   -4.229  1.00 10.47 ? 149 ASN B C   1 
ATOM   1238 O O   . ASN A 1 143 ? -15.604 2.538   -4.441  1.00 12.50 ? 149 ASN B O   1 
ATOM   1239 C CB  . ASN A 1 143 ? -15.157 0.880   -2.138  1.00 10.81 ? 149 ASN B CB  1 
ATOM   1240 C CG  . ASN A 1 143 ? -15.515 -0.423  -2.853  1.00 11.19 ? 149 ASN B CG  1 
ATOM   1241 O OD1 . ASN A 1 143 ? -15.161 -0.603  -4.034  1.00 12.38 ? 149 ASN B OD1 1 
ATOM   1242 N ND2 . ASN A 1 143 ? -16.117 -1.304  -2.128  1.00 12.47 ? 149 ASN B ND2 1 
ATOM   1243 N N   . ILE A 1 144 ? -13.516 2.079   -5.207  1.00 11.84 ? 150 ILE B N   1 
ATOM   1244 C CA  . ILE A 1 144 ? -13.805 2.648   -6.540  1.00 12.57 ? 150 ILE B CA  1 
ATOM   1245 C C   . ILE A 1 144 ? -14.866 1.777   -7.239  1.00 13.75 ? 150 ILE B C   1 
ATOM   1246 O O   . ILE A 1 144 ? -15.683 2.341   -8.003  1.00 15.60 ? 150 ILE B O   1 
ATOM   1247 C CB  . ILE A 1 144 ? -12.517 2.747   -7.371  1.00 13.16 ? 150 ILE B CB  1 
ATOM   1248 C CG1 . ILE A 1 144 ? -11.435 3.561   -6.649  1.00 14.01 ? 150 ILE B CG1 1 
ATOM   1249 C CG2 . ILE A 1 144 ? -12.775 3.282   -8.763  1.00 15.58 ? 150 ILE B CG2 1 
ATOM   1250 C CD1 . ILE A 1 144 ? -11.936 4.822   -6.026  1.00 17.52 ? 150 ILE B CD1 1 
ATOM   1251 N N   . THR A 1 145 ? -14.917 0.496   -6.981  1.00 13.25 ? 151 THR B N   1 
ATOM   1252 C CA  . THR A 1 145 ? -15.887 -0.467  -7.591  1.00 14.03 ? 151 THR B CA  1 
ATOM   1253 C C   . THR A 1 145 ? -17.281 -0.068  -7.115  1.00 16.53 ? 151 THR B C   1 
ATOM   1254 O O   . THR A 1 145 ? -18.235 -0.138  -7.950  1.00 19.36 ? 151 THR B O   1 
ATOM   1255 C CB  . THR A 1 145 ? -15.514 -1.894  -7.178  1.00 13.68 ? 151 THR B CB  1 
ATOM   1256 O OG1 . THR A 1 145 ? -14.153 -2.112  -7.531  1.00 14.06 ? 151 THR B OG1 1 
ATOM   1257 C CG2 . THR A 1 145 ? -16.393 -2.914  -7.878  1.00 15.03 ? 151 THR B CG2 1 
ATOM   1258 N N   . ASP A 1 146 ? -17.457 0.423   -5.890  1.00 15.53 ? 152 ASP B N   1 
ATOM   1259 C CA  . ASP A 1 146 ? -18.771 0.845   -5.344  1.00 17.05 ? 152 ASP B CA  1 
ATOM   1260 C C   . ASP A 1 146 ? -18.918 2.371   -5.337  1.00 17.13 ? 152 ASP B C   1 
ATOM   1261 O O   . ASP A 1 146 ? -19.213 2.934   -4.284  1.00 18.14 ? 152 ASP B O   1 
ATOM   1262 C CB  . ASP A 1 146 ? -18.923 0.208   -3.994  1.00 17.23 ? 152 ASP B CB  1 
ATOM   1263 C CG  . ASP A 1 146 ? -20.238 0.500   -3.323  1.00 20.05 ? 152 ASP B CG  1 
ATOM   1264 O OD1 . ASP A 1 146 ? -21.276 0.434   -4.028  1.00 21.58 ? 152 ASP B OD1 1 
ATOM   1265 O OD2 . ASP A 1 146 ? -20.207 0.766   -2.122  1.00 20.45 ? 152 ASP B OD2 1 
ATOM   1266 N N   . HIS A 1 147 ? -18.707 3.004   -6.468  1.00 19.04 ? 153 HIS B N   1 
ATOM   1267 C CA  . HIS A 1 147 ? -19.002 4.443   -6.679  1.00 21.68 ? 153 HIS B CA  1 
ATOM   1268 C C   . HIS A 1 147 ? -18.216 5.279   -5.657  1.00 19.36 ? 153 HIS B C   1 
ATOM   1269 O O   . HIS A 1 147 ? -18.716 6.319   -5.224  1.00 22.67 ? 153 HIS B O   1 
ATOM   1270 C CB  . HIS A 1 147 ? -20.505 4.766   -6.533  1.00 27.35 ? 153 HIS B CB  1 
ATOM   1271 C CG  . HIS A 1 147 ? -21.468 3.871   -7.253  1.00 35.38 ? 153 HIS B CG  1 
ATOM   1272 N ND1 . HIS A 1 147 ? -21.699 3.977   -8.612  1.00 41.43 ? 153 HIS B ND1 1 
ATOM   1273 C CD2 . HIS A 1 147 ? -22.298 2.906   -6.797  1.00 38.75 ? 153 HIS B CD2 1 
ATOM   1274 C CE1 . HIS A 1 147 ? -22.606 3.087   -8.976  1.00 44.62 ? 153 HIS B CE1 1 
ATOM   1275 N NE2 . HIS A 1 147 ? -22.999 2.419   -7.876  1.00 41.57 ? 153 HIS B NE2 1 
ATOM   1276 N N   . GLY A 1 148 ? -17.001 4.866   -5.278  1.00 16.03 ? 154 GLY B N   1 
ATOM   1277 C CA  . GLY A 1 148 ? -16.148 5.702   -4.410  1.00 14.33 ? 154 GLY B CA  1 
ATOM   1278 C C   . GLY A 1 148 ? -16.567 5.677   -2.965  1.00 13.45 ? 154 GLY B C   1 
ATOM   1279 O O   . GLY A 1 148 ? -16.171 6.622   -2.296  1.00 13.98 ? 154 GLY B O   1 
ATOM   1280 N N   . SER A 1 149 ? -17.322 4.727   -2.485  1.00 12.33 ? 155 SER B N   1 
ATOM   1281 C CA  . SER A 1 149 ? -17.787 4.740   -1.087  1.00 11.46 ? 155 SER B CA  1 
ATOM   1282 C C   . SER A 1 149 ? -16.597 4.680   -0.112  1.00 11.49 ? 155 SER B C   1 
ATOM   1283 O O   . SER A 1 149 ? -15.556 3.987   -0.371  1.00 11.18 ? 155 SER B O   1 
ATOM   1284 C CB  . SER A 1 149 ? -18.760 3.597   -0.836  1.00 13.10 ? 155 SER B CB  1 
ATOM   1285 O OG  . SER A 1 149 ? -18.206 2.320   -1.130  1.00 13.78 ? 155 SER B OG  1 
ATOM   1286 N N   . LEU A 1 150 ? -16.720 5.314   1.029   1.00 10.23 ? 156 LEU B N   1 
ATOM   1287 C CA  . LEU A 1 150 ? -15.649 5.314   2.054   1.00 9.76  ? 156 LEU B CA  1 
ATOM   1288 C C   . LEU A 1 150 ? -15.480 3.932   2.651   1.00 9.49  ? 156 LEU B C   1 
ATOM   1289 O O   . LEU A 1 150 ? -16.457 3.248   3.070   1.00 9.87  ? 156 LEU B O   1 
ATOM   1290 C CB  . LEU A 1 150 ? -16.036 6.316   3.147   1.00 10.27 ? 156 LEU B CB  1 
ATOM   1291 C CG  . LEU A 1 150 ? -14.993 6.425   4.289   1.00 10.10 ? 156 LEU B CG  1 
ATOM   1292 C CD1 . LEU A 1 150 ? -13.697 7.032   3.809   1.00 10.15 ? 156 LEU B CD1 1 
ATOM   1293 C CD2 . LEU A 1 150 ? -15.562 7.302   5.427   1.00 10.77 ? 156 LEU B CD2 1 
ATOM   1294 N N   . ILE A 1 151 ? -14.217 3.482   2.722   1.00 8.99  ? 157 ILE B N   1 
ATOM   1295 C CA  . ILE A 1 151 ? -13.824 2.265   3.430   1.00 9.21  ? 157 ILE B CA  1 
ATOM   1296 C C   . ILE A 1 151 ? -13.349 2.568   4.849   1.00 8.40  ? 157 ILE B C   1 
ATOM   1297 O O   . ILE A 1 151 ? -13.737 1.937   5.812   1.00 8.63  ? 157 ILE B O   1 
ATOM   1298 C CB  . ILE A 1 151 ? -12.755 1.489   2.626   1.00 9.27  ? 157 ILE B CB  1 
ATOM   1299 C CG1 . ILE A 1 151 ? -13.302 0.984   1.301   1.00 9.97  ? 157 ILE B CG1 1 
ATOM   1300 C CG2 . ILE A 1 151 ? -12.188 0.350   3.458   1.00 9.82  ? 157 ILE B CG2 1 
ATOM   1301 C CD1 . ILE A 1 151 ? -12.225 0.456   0.348   1.00 10.25 ? 157 ILE B CD1 1 
ATOM   1302 N N   . TYR A 1 152 ? -12.411 3.532   4.995   1.00 8.11  ? 158 TYR B N   1 
ATOM   1303 C CA  . TYR A 1 152 ? -11.809 3.805   6.317   1.00 8.18  ? 158 TYR B CA  1 
ATOM   1304 C C   . TYR A 1 152 ? -11.103 5.153   6.275   1.00 7.99  ? 158 TYR B C   1 
ATOM   1305 O O   . TYR A 1 152 ? -10.482 5.477   5.261   1.00 8.53  ? 158 TYR B O   1 
ATOM   1306 C CB  . TYR A 1 152 ? -10.757 2.712   6.699   1.00 8.08  ? 158 TYR B CB  1 
ATOM   1307 C CG  . TYR A 1 152 ? -10.354 2.790   8.135   1.00 8.42  ? 158 TYR B CG  1 
ATOM   1308 C CD1 . TYR A 1 152 ? -11.144 2.259   9.141   1.00 8.81  ? 158 TYR B CD1 1 
ATOM   1309 C CD2 . TYR A 1 152 ? -9.175  3.435   8.516   1.00 8.41  ? 158 TYR B CD2 1 
ATOM   1310 C CE1 . TYR A 1 152 ? -10.799 2.375   10.472  1.00 9.20  ? 158 TYR B CE1 1 
ATOM   1311 C CE2 . TYR A 1 152 ? -8.817  3.558   9.841   1.00 8.93  ? 158 TYR B CE2 1 
ATOM   1312 C CZ  . TYR A 1 152 ? -9.648  3.058   10.817  1.00 9.11  ? 158 TYR B CZ  1 
ATOM   1313 O OH  . TYR A 1 152 ? -9.327  3.233   12.145  1.00 11.44 ? 158 TYR B OH  1 
ATOM   1314 N N   . THR A 1 153 ? -11.153 5.886   7.389   1.00 7.51  ? 159 THR B N   1 
ATOM   1315 C CA  . THR A 1 153 ? -10.363 7.098   7.622   1.00 8.06  ? 159 THR B CA  1 
ATOM   1316 C C   . THR A 1 153 ? -9.546  6.974   8.880   1.00 7.97  ? 159 THR B C   1 
ATOM   1317 O O   . THR A 1 153 ? -10.099 6.827   9.960   1.00 8.70  ? 159 THR B O   1 
ATOM   1318 C CB  . THR A 1 153 ? -11.256 8.365   7.665   1.00 8.82  ? 159 THR B CB  1 
ATOM   1319 O OG1 . THR A 1 153 ? -11.833 8.540   6.372   1.00 9.38  ? 159 THR B OG1 1 
ATOM   1320 C CG2 . THR A 1 153 ? -10.477 9.592   8.131   1.00 9.53  ? 159 THR B CG2 1 
ATOM   1321 N N   . PHE A 1 154 ? -8.216  7.082   8.727   1.00 7.84  ? 160 PHE B N   1 
ATOM   1322 C CA  . PHE A 1 154 ? -7.310  7.374   9.854   1.00 7.90  ? 160 PHE B CA  1 
ATOM   1323 C C   . PHE A 1 154 ? -7.282  8.911   10.003  1.00 8.46  ? 160 PHE B C   1 
ATOM   1324 O O   . PHE A 1 154 ? -6.921  9.617   9.083   1.00 9.37  ? 160 PHE B O   1 
ATOM   1325 C CB  . PHE A 1 154 ? -5.879  6.928   9.567   1.00 8.68  ? 160 PHE B CB  1 
ATOM   1326 C CG  . PHE A 1 154 ? -5.630  5.439   9.479   1.00 7.52  ? 160 PHE B CG  1 
ATOM   1327 C CD1 . PHE A 1 154 ? -5.775  4.739   8.299   1.00 7.30  ? 160 PHE B CD1 1 
ATOM   1328 C CD2 . PHE A 1 154 ? -5.192  4.750   10.579  1.00 8.07  ? 160 PHE B CD2 1 
ATOM   1329 C CE1 . PHE A 1 154 ? -5.480  3.377   8.241   1.00 8.01  ? 160 PHE B CE1 1 
ATOM   1330 C CE2 . PHE A 1 154 ? -4.894  3.389   10.505  1.00 8.22  ? 160 PHE B CE2 1 
ATOM   1331 C CZ  . PHE A 1 154 ? -5.055  2.700   9.326   1.00 7.68  ? 160 PHE B CZ  1 
ATOM   1332 N N   . SER A 1 155 ? -7.644  9.374   11.205  1.00 10.16 ? 161 SER B N   1 
ATOM   1333 C CA  . SER A 1 155 ? -7.528  10.816  11.504  1.00 10.89 ? 161 SER B CA  1 
ATOM   1334 C C   . SER A 1 155 ? -6.644  10.953  12.722  1.00 10.59 ? 161 SER B C   1 
ATOM   1335 O O   . SER A 1 155 ? -6.264  9.998   13.377  1.00 12.22 ? 161 SER B O   1 
ATOM   1336 C CB  . SER A 1 155 ? -8.886  11.398  11.663  1.00 11.68 ? 161 SER B CB  1 
ATOM   1337 O OG  . SER A 1 155 ? -9.507  10.923  12.816  1.00 15.59 ? 161 SER B OG  1 
ATOM   1338 N N   . GLU A 1 156 ? -6.255  12.207  13.004  1.00 12.90 ? 162 GLU B N   1 
ATOM   1339 C CA  . GLU A 1 156 ? -5.275  12.508  14.087  1.00 14.08 ? 162 GLU B CA  1 
ATOM   1340 C C   . GLU A 1 156 ? -3.974  11.755  13.809  1.00 11.81 ? 162 GLU B C   1 
ATOM   1341 O O   . GLU A 1 156 ? -3.306  11.309  14.797  1.00 13.51 ? 162 GLU B O   1 
ATOM   1342 C CB  . GLU A 1 156 ? -5.834  12.152  15.470  1.00 16.62 ? 162 GLU B CB  1 
ATOM   1343 C CG  . GLU A 1 156 ? -7.240  12.658  15.751  1.00 21.33 ? 162 GLU B CG  1 
ATOM   1344 C CD  . GLU A 1 156 ? -7.498  12.477  17.224  1.00 32.07 ? 162 GLU B CD  1 
ATOM   1345 O OE1 . GLU A 1 156 ? -7.843  11.349  17.626  1.00 34.90 ? 162 GLU B OE1 1 
ATOM   1346 O OE2 . GLU A 1 156 ? -7.190  13.416  17.977  1.00 38.23 ? 162 GLU B OE2 1 
ATOM   1347 N N   . CYS A 1 157 ? -3.600  11.626  12.538  1.00 11.72 ? 163 CYS B N   1 
ATOM   1348 C CA  . CYS A 1 157 ? -2.347  10.913  12.217  1.00 10.70 ? 163 CYS B CA  1 
ATOM   1349 C C   . CYS A 1 157 ? -1.147  11.742  12.686  1.00 11.47 ? 163 CYS B C   1 
ATOM   1350 O O   . CYS A 1 157 ? -1.144  12.981  12.446  1.00 12.77 ? 163 CYS B O   1 
ATOM   1351 C CB  . CYS A 1 157 ? -2.194  10.590  10.719  1.00 10.40 ? 163 CYS B CB  1 
ATOM   1352 S SG  . CYS A 1 157 ? -3.488  9.512   10.065  1.00 10.26 ? 163 CYS B SG  1 
ATOM   1353 N N   . VAL A 1 158 ? -0.146  11.062  13.187  1.00 11.56 ? 164 VAL B N   1 
ATOM   1354 C CA  . VAL A 1 158 ? 1.133   11.727  13.560  1.00 12.15 ? 164 VAL B CA  1 
ATOM   1355 C C   . VAL A 1 158 ? 2.174   11.152  12.605  1.00 11.29 ? 164 VAL B C   1 
ATOM   1356 O O   . VAL A 1 158 ? 2.830   10.163  12.930  1.00 13.16 ? 164 VAL B O   1 
ATOM   1357 C CB  . VAL A 1 158 ? 1.393   11.580  15.090  1.00 14.66 ? 164 VAL B CB  1 
ATOM   1358 C CG1 . VAL A 1 158 ? 2.735   12.233  15.442  1.00 14.58 ? 164 VAL B CG1 1 
ATOM   1359 C CG2 . VAL A 1 158 ? 0.253   12.160  15.945  1.00 16.49 ? 164 VAL B CG2 1 
ATOM   1360 N N   . PHE A 1 159 ? 2.308   11.719  11.418  1.00 10.56 ? 165 PHE B N   1 
ATOM   1361 C CA  . PHE A 1 159 ? 3.154   11.177  10.342  1.00 11.14 ? 165 PHE B CA  1 
ATOM   1362 C C   . PHE A 1 159 ? 4.605   11.166  10.801  1.00 11.28 ? 165 PHE B C   1 
ATOM   1363 O O   . PHE A 1 159 ? 5.331   10.162  10.588  1.00 12.56 ? 165 PHE B O   1 
ATOM   1364 C CB  . PHE A 1 159 ? 2.928   11.905  9.040   1.00 10.20 ? 165 PHE B CB  1 
ATOM   1365 C CG  . PHE A 1 159 ? 1.523   11.779  8.478   1.00 9.54  ? 165 PHE B CG  1 
ATOM   1366 C CD1 . PHE A 1 159 ? 0.912   10.522  8.393   1.00 9.44  ? 165 PHE B CD1 1 
ATOM   1367 C CD2 . PHE A 1 159 ? 0.808   12.872  8.018   1.00 10.46 ? 165 PHE B CD2 1 
ATOM   1368 C CE1 . PHE A 1 159 ? -0.384  10.371  7.883   1.00 9.71  ? 165 PHE B CE1 1 
ATOM   1369 C CE2 . PHE A 1 159 ? -0.489  12.744  7.512   1.00 10.48 ? 165 PHE B CE2 1 
ATOM   1370 C CZ  . PHE A 1 159 ? -1.060  11.485  7.405   1.00 10.41 ? 165 PHE B CZ  1 
ATOM   1371 N N   . ALA A 1 160 ? 5.095   12.297  11.355  1.00 11.09 ? 166 ALA B N   1 
ATOM   1372 C CA  . ALA A 1 160 ? 6.425   12.425  11.988  1.00 11.26 ? 166 ALA B CA  1 
ATOM   1373 C C   . ALA A 1 160 ? 7.534   12.196  10.984  1.00 11.25 ? 166 ALA B C   1 
ATOM   1374 O O   . ALA A 1 160 ? 8.669   11.793  11.435  1.00 12.75 ? 166 ALA B O   1 
ATOM   1375 C CB  . ALA A 1 160 ? 6.533   11.519  13.153  1.00 12.54 ? 166 ALA B CB  1 
ATOM   1376 N N   . GLY A 1 161 ? 7.329   12.522  9.751   1.00 11.51 ? 167 GLY B N   1 
ATOM   1377 C CA  . GLY A 1 161 ? 8.341   12.354  8.705   1.00 12.47 ? 167 GLY B CA  1 
ATOM   1378 C C   . GLY A 1 161 ? 7.743   12.430  7.318   1.00 10.47 ? 167 GLY B C   1 
ATOM   1379 O O   . GLY A 1 161 ? 6.478   12.478  7.202   1.00 11.44 ? 167 GLY B O   1 
ATOM   1380 N N   . PRO A 1 162 ? 8.556   12.411  6.282   1.00 9.89  ? 168 PRO B N   1 
ATOM   1381 C CA  . PRO A 1 162 ? 8.056   12.248  4.928   1.00 10.35 ? 168 PRO B CA  1 
ATOM   1382 C C   . PRO A 1 162 ? 7.291   10.911  4.787   1.00 10.02 ? 168 PRO B C   1 
ATOM   1383 O O   . PRO A 1 162 ? 7.681   9.929   5.431   1.00 10.15 ? 168 PRO B O   1 
ATOM   1384 C CB  . PRO A 1 162 ? 9.303   12.247  4.019   1.00 10.92 ? 168 PRO B CB  1 
ATOM   1385 C CG  . PRO A 1 162 ? 10.398  12.808  4.957   1.00 11.56 ? 168 PRO B CG  1 
ATOM   1386 C CD  . PRO A 1 162 ? 10.036  12.374  6.317   1.00 10.79 ? 168 PRO B CD  1 
ATOM   1387 N N   . LEU A 1 163 ? 6.288   10.922  3.923   1.00 9.45  ? 169 LEU B N   1 
ATOM   1388 C CA  . LEU A 1 163 ? 5.476   9.703   3.629   1.00 8.96  ? 169 LEU B CA  1 
ATOM   1389 C C   . LEU A 1 163 ? 5.827   9.156   2.260   1.00 9.08  ? 169 LEU B C   1 
ATOM   1390 O O   . LEU A 1 163 ? 6.059   9.897   1.320   1.00 10.89 ? 169 LEU B O   1 
ATOM   1391 C CB  . LEU A 1 163 ? 3.982   10.026  3.671   1.00 9.87  ? 169 LEU B CB  1 
ATOM   1392 C CG  . LEU A 1 163 ? 3.393   10.376  5.036   1.00 11.14 ? 169 LEU B CG  1 
ATOM   1393 C CD1 . LEU A 1 163 ? 1.956   10.812  4.893   1.00 10.54 ? 169 LEU B CD1 1 
ATOM   1394 C CD2 . LEU A 1 163 ? 3.526   9.233   6.016   1.00 11.54 ? 169 LEU B CD2 1 
ATOM   1395 N N   . ARG A 1 164 ? 5.740   7.824   2.156   1.00 8.52  ? 170 ARG B N   1 
ATOM   1396 C CA  . ARG A 1 164 ? 5.866   7.110   0.876   1.00 8.94  ? 170 ARG B CA  1 
ATOM   1397 C C   . ARG A 1 164 ? 4.659   6.207   0.635   1.00 7.67  ? 170 ARG B C   1 
ATOM   1398 O O   . ARG A 1 164 ? 4.185   5.564   1.577   1.00 8.25  ? 170 ARG B O   1 
ATOM   1399 C CB  . ARG A 1 164 ? 7.164   6.293   0.864   1.00 10.00 ? 170 ARG B CB  1 
ATOM   1400 C CG  . ARG A 1 164 ? 8.387   7.220   0.958   1.00 12.40 ? 170 ARG B CG  1 
ATOM   1401 C CD  . ARG A 1 164 ? 9.741   6.548   0.885   1.00 12.91 ? 170 ARG B CD  1 
ATOM   1402 N NE  . ARG A 1 164 ? 9.917   6.045   -0.460  1.00 13.52 ? 170 ARG B NE  1 
ATOM   1403 C CZ  . ARG A 1 164 ? 11.027  5.441   -0.846  1.00 13.49 ? 170 ARG B CZ  1 
ATOM   1404 N NH1 . ARG A 1 164 ? 12.036  5.392   -0.008  1.00 14.13 ? 170 ARG B NH1 1 
ATOM   1405 N NH2 . ARG A 1 164 ? 11.084  4.928   -2.047  1.00 13.49 ? 170 ARG B NH2 1 
ATOM   1406 N N   . PRO A 1 165 ? 4.197   6.085   -0.611  1.00 7.42  ? 171 PRO B N   1 
ATOM   1407 C CA  . PRO A 1 165 ? 3.194   5.053   -0.911  1.00 7.84  ? 171 PRO B CA  1 
ATOM   1408 C C   . PRO A 1 165 ? 3.751   3.667   -0.545  1.00 7.41  ? 171 PRO B C   1 
ATOM   1409 O O   . PRO A 1 165 ? 4.918   3.379   -0.736  1.00 8.23  ? 171 PRO B O   1 
ATOM   1410 C CB  . PRO A 1 165 ? 2.969   5.168   -2.420  1.00 8.03  ? 171 PRO B CB  1 
ATOM   1411 C CG  . PRO A 1 165 ? 3.407   6.614   -2.721  1.00 9.57  ? 171 PRO B CG  1 
ATOM   1412 C CD  . PRO A 1 165 ? 4.579   6.854   -1.795  1.00 9.45  ? 171 PRO B CD  1 
ATOM   1413 N N   . PHE A 1 166 ? 2.880   2.831   0.035   1.00 7.18  ? 172 PHE B N   1 
ATOM   1414 C CA  . PHE A 1 166 ? 3.225   1.510   0.594   1.00 7.44  ? 172 PHE B CA  1 
ATOM   1415 C C   . PHE A 1 166 ? 2.362   0.420   -0.069  1.00 6.59  ? 172 PHE B C   1 
ATOM   1416 O O   . PHE A 1 166 ? 1.139   0.569   -0.200  1.00 7.33  ? 172 PHE B O   1 
ATOM   1417 C CB  . PHE A 1 166 ? 3.041   1.506   2.113   1.00 7.57  ? 172 PHE B CB  1 
ATOM   1418 C CG  . PHE A 1 166 ? 3.253   0.146   2.720   1.00 7.38  ? 172 PHE B CG  1 
ATOM   1419 C CD1 . PHE A 1 166 ? 4.535   -0.313  2.974   1.00 8.52  ? 172 PHE B CD1 1 
ATOM   1420 C CD2 . PHE A 1 166 ? 2.197   -0.691  3.025   1.00 8.48  ? 172 PHE B CD2 1 
ATOM   1421 C CE1 . PHE A 1 166 ? 4.749   -1.572  3.505   1.00 8.64  ? 172 PHE B CE1 1 
ATOM   1422 C CE2 . PHE A 1 166 ? 2.418   -1.968  3.504   1.00 9.14  ? 172 PHE B CE2 1 
ATOM   1423 C CZ  . PHE A 1 166 ? 3.688   -2.394  3.782   1.00 9.51  ? 172 PHE B CZ  1 
ATOM   1424 N N   . PHE A 1 167 ? 3.020   -0.724  -0.393  1.00 6.80  ? 173 PHE B N   1 
ATOM   1425 C CA  . PHE A 1 167 ? 2.361   -1.853  -1.081  1.00 6.97  ? 173 PHE B CA  1 
ATOM   1426 C C   . PHE A 1 167 ? 2.882   -3.176  -0.516  1.00 7.44  ? 173 PHE B C   1 
ATOM   1427 O O   . PHE A 1 167 ? 4.099   -3.326  -0.315  1.00 7.96  ? 173 PHE B O   1 
ATOM   1428 C CB  . PHE A 1 167 ? 2.668   -1.849  -2.593  1.00 7.71  ? 173 PHE B CB  1 
ATOM   1429 C CG  . PHE A 1 167 ? 2.404   -0.510  -3.260  1.00 7.30  ? 173 PHE B CG  1 
ATOM   1430 C CD1 . PHE A 1 167 ? 3.353   0.487   -3.268  1.00 7.94  ? 173 PHE B CD1 1 
ATOM   1431 C CD2 . PHE A 1 167 ? 1.218   -0.271  -3.936  1.00 8.52  ? 173 PHE B CD2 1 
ATOM   1432 C CE1 . PHE A 1 167 ? 3.104   1.726   -3.845  1.00 8.23  ? 173 PHE B CE1 1 
ATOM   1433 C CE2 . PHE A 1 167 ? 0.948   0.958   -4.523  1.00 9.12  ? 173 PHE B CE2 1 
ATOM   1434 C CZ  . PHE A 1 167 ? 1.908   1.940   -4.491  1.00 8.75  ? 173 PHE B CZ  1 
ATOM   1435 N N   . ASN A 1 168 ? 1.991   -4.159  -0.378  1.00 7.43  ? 174 ASN B N   1 
ATOM   1436 C CA  . ASN A 1 168 ? 2.363   -5.558  -0.097  1.00 7.34  ? 174 ASN B CA  1 
ATOM   1437 C C   . ASN A 1 168 ? 1.526   -6.408  -1.031  1.00 7.13  ? 174 ASN B C   1 
ATOM   1438 O O   . ASN A 1 168 ? 0.276   -6.385  -0.947  1.00 7.72  ? 174 ASN B O   1 
ATOM   1439 C CB  . ASN A 1 168 ? 2.085   -5.920  1.349   1.00 8.06  ? 174 ASN B CB  1 
ATOM   1440 C CG  . ASN A 1 168 ? 2.587   -7.304  1.689   1.00 8.26  ? 174 ASN B CG  1 
ATOM   1441 O OD1 . ASN A 1 168 ? 3.076   -8.075  0.863   1.00 9.51  ? 174 ASN B OD1 1 
ATOM   1442 N ND2 . ASN A 1 168 ? 2.494   -7.674  2.945   1.00 9.89  ? 174 ASN B ND2 1 
ATOM   1443 N N   . VAL A 1 169 ? 2.164   -7.148  -1.956  1.00 7.50  ? 175 VAL B N   1 
ATOM   1444 C CA  . VAL A 1 169 ? 1.421   -8.041  -2.879  1.00 8.22  ? 175 VAL B CA  1 
ATOM   1445 C C   . VAL A 1 169 ? 0.951   -9.321  -2.190  1.00 7.67  ? 175 VAL B C   1 
ATOM   1446 O O   . VAL A 1 169 ? 0.160   -10.049 -2.810  1.00 8.89  ? 175 VAL B O   1 
ATOM   1447 C CB  . VAL A 1 169 ? 2.229   -8.402  -4.152  1.00 8.42  ? 175 VAL B CB  1 
ATOM   1448 C CG1 . VAL A 1 169 ? 2.591   -7.180  -4.970  1.00 9.67  ? 175 VAL B CG1 1 
ATOM   1449 C CG2 . VAL A 1 169 ? 3.486   -9.204  -3.828  1.00 8.78  ? 175 VAL B CG2 1 
ATOM   1450 N N   . GLY A 1 170 ? 1.436   -9.579  -0.983  1.00 8.29  ? 176 GLY B N   1 
ATOM   1451 C CA  . GLY A 1 170 ? 1.102   -10.825 -0.252  1.00 8.60  ? 176 GLY B CA  1 
ATOM   1452 C C   . GLY A 1 170 ? 1.862   -12.030 -0.782  1.00 8.37  ? 176 GLY B C   1 
ATOM   1453 O O   . GLY A 1 170 ? 2.419   -12.050 -1.863  1.00 8.47  ? 176 GLY B O   1 
ATOM   1454 N N   . PHE A 1 171 ? 1.936   -13.024 0.093   1.00 9.41  ? 177 PHE B N   1 
ATOM   1455 C CA  . PHE A 1 171 ? 2.466   -14.359 -0.268  1.00 8.83  ? 177 PHE B CA  1 
ATOM   1456 C C   . PHE A 1 171 ? 1.514   -15.064 -1.215  1.00 8.82  ? 177 PHE B C   1 
ATOM   1457 O O   . PHE A 1 171 ? 0.365   -14.678 -1.375  1.00 8.68  ? 177 PHE B O   1 
ATOM   1458 C CB  . PHE A 1 171 ? 2.790   -15.203 0.972   1.00 10.07 ? 177 PHE B CB  1 
ATOM   1459 C CG  . PHE A 1 171 ? 3.946   -14.668 1.782   1.00 11.14 ? 177 PHE B CG  1 
ATOM   1460 C CD1 . PHE A 1 171 ? 5.244   -14.844 1.371   1.00 13.24 ? 177 PHE B CD1 1 
ATOM   1461 C CD2 . PHE A 1 171 ? 3.747   -13.947 2.950   1.00 13.19 ? 177 PHE B CD2 1 
ATOM   1462 C CE1 . PHE A 1 171 ? 6.304   -14.352 2.128   1.00 14.54 ? 177 PHE B CE1 1 
ATOM   1463 C CE2 . PHE A 1 171 ? 4.824   -13.459 3.700   1.00 13.45 ? 177 PHE B CE2 1 
ATOM   1464 C CZ  . PHE A 1 171 ? 6.072   -13.684 3.277   1.00 14.27 ? 177 PHE B CZ  1 
ATOM   1465 N N   . ASN A 1 172 ? 2.037   -16.119 -1.849  1.00 9.13  ? 178 ASN B N   1 
ATOM   1466 C CA  . ASN A 1 172 ? 1.219   -16.941 -2.755  1.00 8.75  ? 178 ASN B CA  1 
ATOM   1467 C C   . ASN A 1 172 ? 1.403   -18.409 -2.351  1.00 9.22  ? 178 ASN B C   1 
ATOM   1468 O O   . ASN A 1 172 ? 1.635   -19.273 -3.223  1.00 10.59 ? 178 ASN B O   1 
ATOM   1469 C CB  . ASN A 1 172 ? 1.547   -16.686 -4.209  1.00 9.48  ? 178 ASN B CB  1 
ATOM   1470 C CG  . ASN A 1 172 ? 0.587   -17.362 -5.152  1.00 9.17  ? 178 ASN B CG  1 
ATOM   1471 O OD1 . ASN A 1 172 ? -0.556  -17.644 -4.825  1.00 9.79  ? 178 ASN B OD1 1 
ATOM   1472 N ND2 . ASN A 1 172 ? 1.102   -17.617 -6.342  1.00 11.49 ? 178 ASN B ND2 1 
ATOM   1473 N N   . TYR A 1 173 ? 1.191   -18.736 -1.102  1.00 9.42  ? 179 TYR B N   1 
ATOM   1474 C CA  . TYR A 1 173 ? 1.177   -20.150 -0.634  1.00 9.46  ? 179 TYR B CA  1 
ATOM   1475 C C   . TYR A 1 173 ? 0.020   -20.894 -1.252  1.00 9.28  ? 179 TYR B C   1 
ATOM   1476 O O   . TYR A 1 173 ? 0.159   -22.154 -1.480  1.00 10.60 ? 179 TYR B O   1 
ATOM   1477 C CB  . TYR A 1 173 ? 1.083   -20.226 0.898   1.00 10.03 ? 179 TYR B CB  1 
ATOM   1478 C CG  . TYR A 1 173 ? 2.262   -19.660 1.651   1.00 11.77 ? 179 TYR B CG  1 
ATOM   1479 C CD1 . TYR A 1 173 ? 3.443   -20.386 1.777   1.00 15.89 ? 179 TYR B CD1 1 
ATOM   1480 C CD2 . TYR A 1 173 ? 2.128   -18.485 2.371   1.00 13.92 ? 179 TYR B CD2 1 
ATOM   1481 C CE1 . TYR A 1 173 ? 4.528   -19.833 2.459   1.00 16.46 ? 179 TYR B CE1 1 
ATOM   1482 C CE2 . TYR A 1 173 ? 3.208   -17.944 3.062   1.00 14.15 ? 179 TYR B CE2 1 
ATOM   1483 C CZ  . TYR A 1 173 ? 4.395   -18.609 3.081   1.00 16.24 ? 179 TYR B CZ  1 
ATOM   1484 O OH  . TYR A 1 173 ? 5.442   -18.094 3.816   1.00 21.93 ? 179 TYR B OH  1 
ATOM   1485 N N   . SER A 1 174 ? -1.111  -20.279 -1.520  1.00 9.56  ? 180 SER B N   1 
ATOM   1486 C CA  . SER A 1 174 ? -2.339  -20.947 -1.980  1.00 10.24 ? 180 SER B CA  1 
ATOM   1487 C C   . SER A 1 174 ? -2.327  -21.233 -3.489  1.00 10.08 ? 180 SER B C   1 
ATOM   1488 O O   . SER A 1 174 ? -3.155  -22.032 -3.973  1.00 12.16 ? 180 SER B O   1 
ATOM   1489 C CB  . SER A 1 174 ? -3.537  -20.127 -1.690  1.00 10.47 ? 180 SER B CB  1 
ATOM   1490 O OG  . SER A 1 174 ? -3.463  -18.908 -2.479  1.00 10.10 ? 180 SER B OG  1 
ATOM   1491 N N   . GLY A 1 175 ? -1.479  -20.571 -4.252  1.00 9.03  ? 181 GLY B N   1 
ATOM   1492 C CA  . GLY A 1 175 ? -1.596  -20.589 -5.712  1.00 9.52  ? 181 GLY B CA  1 
ATOM   1493 C C   . GLY A 1 175 ? -2.735  -19.748 -6.232  1.00 9.66  ? 181 GLY B C   1 
ATOM   1494 O O   . GLY A 1 175 ? -2.926  -19.754 -7.476  1.00 11.63 ? 181 GLY B O   1 
ATOM   1495 N N   . GLY A 1 176 ? -3.467  -19.014 -5.401  1.00 9.35  ? 182 GLY B N   1 
ATOM   1496 C CA  . GLY A 1 176 ? -4.573  -18.157 -5.832  1.00 9.71  ? 182 GLY B CA  1 
ATOM   1497 C C   . GLY A 1 176 ? -4.245  -16.670 -5.709  1.00 9.47  ? 182 GLY B C   1 
ATOM   1498 O O   . GLY A 1 176 ? -5.181  -15.871 -5.974  1.00 11.29 ? 182 GLY B O   1 
ATOM   1499 N N   . ASN A 1 177 ? -3.044  -16.282 -5.373  1.00 8.20  ? 183 ASN B N   1 
ATOM   1500 C CA  . ASN A 1 177 ? -2.721  -14.877 -5.090  1.00 8.07  ? 183 ASN B CA  1 
ATOM   1501 C C   . ASN A 1 177 ? -1.568  -14.387 -5.968  1.00 8.38  ? 183 ASN B C   1 
ATOM   1502 O O   . ASN A 1 177 ? -0.917  -13.407 -5.585  1.00 9.39  ? 183 ASN B O   1 
ATOM   1503 C CB  . ASN A 1 177 ? -2.381  -14.660 -3.617  1.00 7.98  ? 183 ASN B CB  1 
ATOM   1504 C CG  . ASN A 1 177 ? -2.473  -13.185 -3.236  1.00 7.88  ? 183 ASN B CG  1 
ATOM   1505 O OD1 . ASN A 1 177 ? -3.334  -12.470 -3.757  1.00 8.51  ? 183 ASN B OD1 1 
ATOM   1506 N ND2 . ASN A 1 177 ? -1.553  -12.730 -2.395  1.00 8.07  ? 183 ASN B ND2 1 
ATOM   1507 N N   . ALA A 1 178 ? -1.394  -14.920 -7.190  1.00 8.96  ? 184 ALA B N   1 
ATOM   1508 C CA  . ALA A 1 178 ? -0.275  -14.506 -8.059  1.00 10.25 ? 184 ALA B CA  1 
ATOM   1509 C C   . ALA A 1 178 ? -0.544  -13.157 -8.730  1.00 10.28 ? 184 ALA B C   1 
ATOM   1510 O O   . ALA A 1 178 ? 0.421   -12.550 -9.207  1.00 10.90 ? 184 ALA B O   1 
ATOM   1511 C CB  . ALA A 1 178 ? -0.033  -15.565 -9.158  1.00 10.68 ? 184 ALA B CB  1 
ATOM   1512 N N   . ALA A 1 179 ? -1.770  -12.716 -8.804  1.00 8.91  ? 185 ALA B N   1 
ATOM   1513 C CA  . ALA A 1 179 ? -2.062  -11.497 -9.596  1.00 9.23  ? 185 ALA B CA  1 
ATOM   1514 C C   . ALA A 1 179 ? -1.305  -10.280 -9.068  1.00 9.14  ? 185 ALA B C   1 
ATOM   1515 O O   . ALA A 1 179 ? -1.035  -10.142 -7.863  1.00 9.00  ? 185 ALA B O   1 
ATOM   1516 C CB  . ALA A 1 179 ? -3.538  -11.228 -9.605  1.00 9.95  ? 185 ALA B CB  1 
ATOM   1517 N N   . PRO A 1 180 ? -1.010  -9.316  -9.945  1.00 9.23  ? 186 PRO B N   1 
ATOM   1518 C CA  . PRO A 1 180 ? -0.287  -8.111  -9.541  1.00 9.26  ? 186 PRO B CA  1 
ATOM   1519 C C   . PRO A 1 180 ? -1.146  -7.058  -8.800  1.00 8.44  ? 186 PRO B C   1 
ATOM   1520 O O   . PRO A 1 180 ? -2.344  -7.056  -8.902  1.00 9.64  ? 186 PRO B O   1 
ATOM   1521 C CB  . PRO A 1 180 ? 0.171   -7.529  -10.907 1.00 10.12 ? 186 PRO B CB  1 
ATOM   1522 C CG  . PRO A 1 180 ? -0.928  -7.928  -11.837 1.00 12.08 ? 186 PRO B CG  1 
ATOM   1523 C CD  . PRO A 1 180 ? -1.268  -9.347  -11.401 1.00 10.84 ? 186 PRO B CD  1 
ATOM   1524 N N   . LEU A 1 181 ? -0.456  -6.151  -8.110  1.00 8.80  ? 187 LEU B N   1 
ATOM   1525 C CA  . LEU A 1 181 ? -0.998  -4.802  -7.810  1.00 8.85  ? 187 LEU B CA  1 
ATOM   1526 C C   . LEU A 1 181 ? -0.647  -3.889  -8.978  1.00 9.33  ? 187 LEU B C   1 
ATOM   1527 O O   . LEU A 1 181 ? 0.510   -3.912  -9.450  1.00 10.81 ? 187 LEU B O   1 
ATOM   1528 C CB  . LEU A 1 181 ? -0.391  -4.270  -6.530  1.00 8.89  ? 187 LEU B CB  1 
ATOM   1529 C CG  . LEU A 1 181 ? -0.792  -5.025  -5.258  1.00 9.48  ? 187 LEU B CG  1 
ATOM   1530 C CD1 . LEU A 1 181 ? -0.027  -4.529  -4.027  1.00 10.70 ? 187 LEU B CD1 1 
ATOM   1531 C CD2 . LEU A 1 181 ? -2.281  -4.953  -4.976  1.00 10.43 ? 187 LEU B CD2 1 
ATOM   1532 N N   . LYS A 1 182 ? -1.587  -3.071  -9.426  1.00 9.00  ? 188 LYS B N   1 
ATOM   1533 C CA  . LYS A 1 182 ? -1.315  -2.164  -10.565 1.00 10.09 ? 188 LYS B CA  1 
ATOM   1534 C C   . LYS A 1 182 ? -1.731  -0.751  -10.181 1.00 10.36 ? 188 LYS B C   1 
ATOM   1535 O O   . LYS A 1 182 ? -2.897  -0.537  -9.754  1.00 11.33 ? 188 LYS B O   1 
ATOM   1536 C CB  . LYS A 1 182 ? -2.056  -2.553  -11.852 1.00 11.72 ? 188 LYS B CB  1 
ATOM   1537 C CG  . LYS A 1 182 ? -1.907  -3.986  -12.325 1.00 13.77 ? 188 LYS B CG  1 
ATOM   1538 C CD  . LYS A 1 182 ? -2.597  -4.272  -13.669 1.00 16.95 ? 188 LYS B CD  1 
ATOM   1539 C CE  . LYS A 1 182 ? -2.675  -5.730  -14.044 1.00 19.93 ? 188 LYS B CE  1 
ATOM   1540 N NZ  . LYS A 1 182 ? -3.433  -5.874  -15.312 1.00 26.29 ? 188 LYS B NZ  1 
ATOM   1541 N N   . LEU A 1 183 ? -0.880  0.209   -10.429 1.00 9.86  ? 189 LEU B N   1 
ATOM   1542 C CA  . LEU A 1 183 ? -1.265  1.635   -10.278 1.00 10.14 ? 189 LEU B CA  1 
ATOM   1543 C C   . LEU A 1 183 ? -2.097  2.030   -11.485 1.00 11.71 ? 189 LEU B C   1 
ATOM   1544 O O   . LEU A 1 183 ? -1.577  1.915   -12.656 1.00 14.76 ? 189 LEU B O   1 
ATOM   1545 C CB  . LEU A 1 183 ? -0.007  2.487   -10.117 1.00 11.13 ? 189 LEU B CB  1 
ATOM   1546 C CG  . LEU A 1 183 ? 0.585   2.404   -8.709  1.00 12.50 ? 189 LEU B CG  1 
ATOM   1547 C CD1 . LEU A 1 183 ? 2.076   2.649   -8.662  1.00 15.30 ? 189 LEU B CD1 1 
ATOM   1548 C CD2 . LEU A 1 183 ? -0.202  3.273   -7.711  1.00 10.82 ? 189 LEU B CD2 1 
ATOM   1549 N N   . CYS A 1 184 ? -3.310  2.501   -11.246 1.00 13.31 ? 190 CYS B N   1 
ATOM   1550 C CA  . CYS A 1 184 ? -4.311  2.821   -12.310 1.00 15.85 ? 190 CYS B CA  1 
ATOM   1551 C C   . CYS A 1 184 ? -4.039  4.182   -12.895 1.00 17.28 ? 190 CYS B C   1 
ATOM   1552 O O   . CYS A 1 184 ? -3.654  5.106   -12.201 1.00 19.09 ? 190 CYS B O   1 
ATOM   1553 C CB  . CYS A 1 184 ? -5.698  2.994   -11.722 1.00 18.49 ? 190 CYS B CB  1 
ATOM   1554 S SG  . CYS A 1 184 ? -6.262  1.629   -10.718 1.00 19.17 ? 190 CYS B SG  1 
ATOM   1555 N N   . PRO A 1 185 ? -4.314  4.365   -14.205 1.00 22.19 ? 191 PRO B N   1 
ATOM   1556 C CA  . PRO A 1 185 ? -4.104  5.641   -14.860 1.00 27.86 ? 191 PRO B CA  1 
ATOM   1557 C C   . PRO A 1 185 ? -5.103  6.650   -14.295 1.00 27.03 ? 191 PRO B C   1 
ATOM   1558 O O   . PRO A 1 185 ? -6.234  6.273   -13.972 1.00 28.35 ? 191 PRO B O   1 
ATOM   1559 C CB  . PRO A 1 185 ? -4.300  5.317   -16.355 1.00 26.71 ? 191 PRO B CB  1 
ATOM   1560 C CG  . PRO A 1 185 ? -5.143  4.083   -16.384 1.00 27.12 ? 191 PRO B CG  1 
ATOM   1561 C CD  . PRO A 1 185 ? -4.766  3.319   -15.134 1.00 24.91 ? 191 PRO B CD  1 
ATOM   1562 N N   . LEU A 1 186 ? -4.618  7.892   -14.199 1.00 34.82 ? 192 LEU B N   1 
ATOM   1563 C CA  . LEU A 1 186 ? -5.353  9.172   -14.032 1.00 35.75 ? 192 LEU B CA  1 
ATOM   1564 C C   . LEU A 1 186 ? -6.356  9.356   -15.173 1.00 41.91 ? 192 LEU B C   1 
ATOM   1565 O O   . LEU A 1 186 ? -7.397  9.993   -14.961 1.00 48.81 ? 192 LEU B O   1 
ATOM   1566 C CB  . LEU A 1 186 ? -4.327  10.308  -14.047 1.00 35.56 ? 192 LEU B CB  1 
HETATM 1567 C C1  . EDO B 2 .   ? 4.770   -18.070 -1.161  1.00 25.82 ? 201 EDO B C1  1 
HETATM 1568 O O1  . EDO B 2 .   ? 4.715   -16.885 -1.952  1.00 17.82 ? 201 EDO B O1  1 
HETATM 1569 C C2  . EDO B 2 .   ? 6.051   -18.462 -0.497  1.00 32.22 ? 201 EDO B C2  1 
HETATM 1570 O O2  . EDO B 2 .   ? 7.220   -17.848 -1.005  1.00 38.60 ? 201 EDO B O2  1 
HETATM 1571 C C1  . EDO C 2 .   ? 15.239  -15.079 12.721  1.00 35.03 ? 202 EDO B C1  1 
HETATM 1572 O O1  . EDO C 2 .   ? 14.806  -14.044 11.860  1.00 29.95 ? 202 EDO B O1  1 
HETATM 1573 C C2  . EDO C 2 .   ? 14.150  -15.978 13.116  1.00 35.20 ? 202 EDO B C2  1 
HETATM 1574 O O2  . EDO C 2 .   ? 13.556  -16.564 11.991  1.00 43.28 ? 202 EDO B O2  1 
HETATM 1575 S S   . SO4 D 3 .   ? 5.617   -5.153  16.574  1.00 31.44 ? 203 SO4 B S   1 
HETATM 1576 O O1  . SO4 D 3 .   ? 6.194   -4.648  15.367  1.00 21.57 ? 203 SO4 B O1  1 
HETATM 1577 O O2  . SO4 D 3 .   ? 6.647   -5.513  17.511  1.00 41.14 ? 203 SO4 B O2  1 
HETATM 1578 O O3  . SO4 D 3 .   ? 4.779   -4.113  17.134  1.00 38.02 ? 203 SO4 B O3  1 
HETATM 1579 O O4  . SO4 D 3 .   ? 4.787   -6.314  16.304  1.00 34.56 ? 203 SO4 B O4  1 
HETATM 1580 O O   . HOH E 4 .   ? -11.992 -8.768  11.199  1.00 21.47 ? 301 HOH B O   1 
HETATM 1581 O O   . HOH E 4 .   ? 13.214  -12.348 11.341  1.00 21.02 ? 302 HOH B O   1 
HETATM 1582 O O   . HOH E 4 .   ? -13.911 -1.649  -10.132 1.00 24.01 ? 303 HOH B O   1 
HETATM 1583 O O   . HOH E 4 .   ? 3.333   8.788   15.362  1.00 19.70 ? 304 HOH B O   1 
HETATM 1584 O O   . HOH E 4 .   ? -8.566  -10.733 8.024   1.00 26.47 ? 305 HOH B O   1 
HETATM 1585 O O   . HOH E 4 .   ? -9.198  -17.493 -4.665  1.00 24.77 ? 306 HOH B O   1 
HETATM 1586 O O   . HOH E 4 .   ? 15.900  -17.706 -8.323  1.00 14.12 ? 307 HOH B O   1 
HETATM 1587 O O   . HOH E 4 .   ? 9.158   15.948  5.984   1.00 14.45 ? 308 HOH B O   1 
HETATM 1588 O O   . HOH E 4 .   ? -3.657  -12.054 -12.931 1.00 37.55 ? 309 HOH B O   1 
HETATM 1589 O O   . HOH E 4 .   ? -7.509  -16.128 -6.978  1.00 33.60 ? 310 HOH B O   1 
HETATM 1590 O O   . HOH E 4 .   ? 6.884   -21.045 -11.573 1.00 36.05 ? 311 HOH B O   1 
HETATM 1591 O O   . HOH E 4 .   ? 3.679   20.119  5.812   1.00 11.82 ? 312 HOH B O   1 
HETATM 1592 O O   . HOH E 4 .   ? 14.329  3.441   0.811   1.00 19.62 ? 313 HOH B O   1 
HETATM 1593 O O   . HOH E 4 .   ? -8.909  16.625  4.075   1.00 23.87 ? 314 HOH B O   1 
HETATM 1594 O O   . HOH E 4 .   ? 17.711  -1.402  6.893   1.00 23.91 ? 315 HOH B O   1 
HETATM 1595 O O   . HOH E 4 .   ? -5.782  -22.227 -3.974  1.00 14.73 ? 316 HOH B O   1 
HETATM 1596 O O   . HOH E 4 .   ? 2.946   -13.565 -9.725  1.00 16.02 ? 317 HOH B O   1 
HETATM 1597 O O   . HOH E 4 .   ? -3.096  10.141  17.166  1.00 28.73 ? 318 HOH B O   1 
HETATM 1598 O O   . HOH E 4 .   ? 8.676   -1.666  9.653   1.00 24.27 ? 319 HOH B O   1 
HETATM 1599 O O   . HOH E 4 .   ? -1.927  -3.637  13.335  1.00 22.99 ? 320 HOH B O   1 
HETATM 1600 O O   . HOH E 4 .   ? -12.294 7.021   -9.442  1.00 25.51 ? 321 HOH B O   1 
HETATM 1601 O O   . HOH E 4 .   ? 11.866  -5.558  -10.390 1.00 17.10 ? 322 HOH B O   1 
HETATM 1602 O O   . HOH E 4 .   ? -3.987  -14.809 -12.522 1.00 20.18 ? 323 HOH B O   1 
HETATM 1603 O O   . HOH E 4 .   ? -8.827  -14.917 9.654   1.00 18.64 ? 324 HOH B O   1 
HETATM 1604 O O   . HOH E 4 .   ? -10.490 12.820  14.431  1.00 26.63 ? 325 HOH B O   1 
HETATM 1605 O O   . HOH E 4 .   ? -10.480 -6.756  -2.818  1.00 12.03 ? 326 HOH B O   1 
HETATM 1606 O O   . HOH E 4 .   ? 2.140   -2.002  16.727  1.00 28.15 ? 327 HOH B O   1 
HETATM 1607 O O   . HOH E 4 .   ? 11.858  0.111   -15.069 1.00 27.58 ? 328 HOH B O   1 
HETATM 1608 O O   . HOH E 4 .   ? 2.586   -23.317 -1.202  1.00 20.55 ? 329 HOH B O   1 
HETATM 1609 O O   . HOH E 4 .   ? 0.787   -7.850  6.364   1.00 27.13 ? 330 HOH B O   1 
HETATM 1610 O O   . HOH E 4 .   ? -3.109  18.874  -4.792  1.00 26.91 ? 331 HOH B O   1 
HETATM 1611 O O   . HOH E 4 .   ? -13.645 10.541  6.153   1.00 14.58 ? 332 HOH B O   1 
HETATM 1612 O O   . HOH E 4 .   ? 10.413  5.819   11.973  1.00 20.44 ? 333 HOH B O   1 
HETATM 1613 O O   . HOH E 4 .   ? 7.639   -13.600 6.781   1.00 26.41 ? 334 HOH B O   1 
HETATM 1614 O O   . HOH E 4 .   ? 10.683  16.433  3.693   1.00 20.76 ? 335 HOH B O   1 
HETATM 1615 O O   . HOH E 4 .   ? -1.474  0.655   9.446   1.00 9.91  ? 336 HOH B O   1 
HETATM 1616 O O   . HOH E 4 .   ? 10.827  9.736   9.236   1.00 21.95 ? 337 HOH B O   1 
HETATM 1617 O O   . HOH E 4 .   ? -10.801 12.111  3.935   1.00 21.23 ? 338 HOH B O   1 
HETATM 1618 O O   . HOH E 4 .   ? -7.658  5.102   13.216  1.00 14.64 ? 339 HOH B O   1 
HETATM 1619 O O   . HOH E 4 .   ? 8.929   -1.065  13.635  1.00 27.48 ? 340 HOH B O   1 
HETATM 1620 O O   . HOH E 4 .   ? 14.465  2.282   7.460   1.00 29.22 ? 341 HOH B O   1 
HETATM 1621 O O   . HOH E 4 .   ? -9.041  -13.553 0.854   1.00 12.61 ? 342 HOH B O   1 
HETATM 1622 O O   . HOH E 4 .   ? 0.912   -0.419  -16.406 1.00 20.39 ? 343 HOH B O   1 
HETATM 1623 O O   . HOH E 4 .   ? -14.108 0.025   10.434  1.00 14.95 ? 344 HOH B O   1 
HETATM 1624 O O   . HOH E 4 .   ? -21.861 -0.798  -6.406  1.00 42.91 ? 345 HOH B O   1 
HETATM 1625 O O   . HOH E 4 .   ? 1.478   -12.758 -4.417  1.00 11.59 ? 346 HOH B O   1 
HETATM 1626 O O   . HOH E 4 .   ? 8.942   0.959   11.671  1.00 15.78 ? 347 HOH B O   1 
HETATM 1627 O O   . HOH E 4 .   ? 7.949   -20.493 -5.069  1.00 33.60 ? 348 HOH B O   1 
HETATM 1628 O O   . HOH E 4 .   ? -0.728  7.074   -9.711  1.00 14.53 ? 349 HOH B O   1 
HETATM 1629 O O   . HOH E 4 .   ? -12.509 -3.451  -12.567 1.00 31.80 ? 350 HOH B O   1 
HETATM 1630 O O   . HOH E 4 .   ? 1.537   21.548  -0.142  1.00 38.00 ? 351 HOH B O   1 
HETATM 1631 O O   . HOH E 4 .   ? -6.980  14.653  11.715  1.00 15.05 ? 352 HOH B O   1 
HETATM 1632 O O   . HOH E 4 .   ? -9.676  -5.871  17.191  1.00 33.77 ? 353 HOH B O   1 
HETATM 1633 O O   . HOH E 4 .   ? 16.503  -8.221  1.993   1.00 21.01 ? 354 HOH B O   1 
HETATM 1634 O O   . HOH E 4 .   ? -10.980 -13.640 8.118   1.00 25.55 ? 355 HOH B O   1 
HETATM 1635 O O   . HOH E 4 .   ? -4.572  -7.970  -10.477 1.00 19.33 ? 356 HOH B O   1 
HETATM 1636 O O   . HOH E 4 .   ? -16.112 4.987   -8.695  1.00 28.45 ? 357 HOH B O   1 
HETATM 1637 O O   . HOH E 4 .   ? -11.460 -6.071  -12.379 1.00 24.11 ? 358 HOH B O   1 
HETATM 1638 O O   . HOH E 4 .   ? -2.997  5.505   -9.534  1.00 12.24 ? 359 HOH B O   1 
HETATM 1639 O O   . HOH E 4 .   ? 12.818  -7.438  -6.526  1.00 15.45 ? 360 HOH B O   1 
HETATM 1640 O O   . HOH E 4 .   ? 10.962  -7.245  6.720   1.00 12.26 ? 361 HOH B O   1 
HETATM 1641 O O   . HOH E 4 .   ? -3.127  19.843  3.024   1.00 25.60 ? 362 HOH B O   1 
HETATM 1642 O O   . HOH E 4 .   ? -2.936  14.816  13.552  1.00 21.01 ? 363 HOH B O   1 
HETATM 1643 O O   . HOH E 4 .   ? -15.522 -0.175  6.217   1.00 13.26 ? 364 HOH B O   1 
HETATM 1644 O O   . HOH E 4 .   ? 3.600   -16.527 -7.118  1.00 30.66 ? 365 HOH B O   1 
HETATM 1645 O O   . HOH E 4 .   ? -19.165 3.968   3.068   1.00 14.94 ? 366 HOH B O   1 
HETATM 1646 O O   . HOH E 4 .   ? -16.272 0.171   8.844   1.00 14.76 ? 367 HOH B O   1 
HETATM 1647 O O   . HOH E 4 .   ? 1.690   -11.040 -6.647  1.00 10.95 ? 368 HOH B O   1 
HETATM 1648 O O   . HOH E 4 .   ? -6.427  -17.369 0.450   1.00 14.31 ? 369 HOH B O   1 
HETATM 1649 O O   . HOH E 4 .   ? 19.794  -10.585 -2.697  1.00 17.44 ? 370 HOH B O   1 
HETATM 1650 O O   . HOH E 4 .   ? 1.681   7.125   14.863  1.00 24.14 ? 371 HOH B O   1 
HETATM 1651 O O   . HOH E 4 .   ? 16.570  -3.731  -7.694  1.00 24.26 ? 372 HOH B O   1 
HETATM 1652 O O   . HOH E 4 .   ? -20.116 -1.738  2.847   1.00 24.97 ? 373 HOH B O   1 
HETATM 1653 O O   . HOH E 4 .   ? -8.454  -8.245  -3.980  1.00 10.10 ? 374 HOH B O   1 
HETATM 1654 O O   . HOH E 4 .   ? 21.912  -9.221  -11.346 1.00 21.76 ? 375 HOH B O   1 
HETATM 1655 O O   . HOH E 4 .   ? 7.174   20.175  3.282   1.00 27.87 ? 376 HOH B O   1 
HETATM 1656 O O   . HOH E 4 .   ? 23.500  -6.804  2.336   1.00 27.11 ? 377 HOH B O   1 
HETATM 1657 O O   . HOH E 4 .   ? -0.764  -0.186  -14.381 1.00 22.57 ? 378 HOH B O   1 
HETATM 1658 O O   . HOH E 4 .   ? -4.399  -13.851 -7.809  1.00 13.83 ? 379 HOH B O   1 
HETATM 1659 O O   . HOH E 4 .   ? 20.578  -3.568  -4.584  1.00 19.10 ? 380 HOH B O   1 
HETATM 1660 O O   . HOH E 4 .   ? -6.522  20.391  5.228   1.00 25.99 ? 381 HOH B O   1 
HETATM 1661 O O   . HOH E 4 .   ? -18.928 2.539   -9.280  1.00 35.49 ? 382 HOH B O   1 
HETATM 1662 O O   . HOH E 4 .   ? 13.579  11.910  6.693   1.00 19.02 ? 383 HOH B O   1 
HETATM 1663 O O   . HOH E 4 .   ? 18.003  -9.121  -1.156  1.00 21.63 ? 384 HOH B O   1 
HETATM 1664 O O   . HOH E 4 .   ? -17.318 -7.102  8.083   1.00 18.11 ? 385 HOH B O   1 
HETATM 1665 O O   . HOH E 4 .   ? -12.744 -8.217  8.717   1.00 28.36 ? 386 HOH B O   1 
HETATM 1666 O O   . HOH E 4 .   ? 5.745   -17.143 -4.619  1.00 22.50 ? 387 HOH B O   1 
HETATM 1667 O O   . HOH E 4 .   ? 5.434   5.243   -15.566 1.00 27.13 ? 388 HOH B O   1 
HETATM 1668 O O   . HOH E 4 .   ? 9.804   14.790  1.492   1.00 22.80 ? 389 HOH B O   1 
HETATM 1669 O O   . HOH E 4 .   ? 21.166  -6.004  -8.259  1.00 33.74 ? 390 HOH B O   1 
HETATM 1670 O O   . HOH E 4 .   ? 13.897  2.372   11.286  1.00 35.47 ? 391 HOH B O   1 
HETATM 1671 O O   . HOH E 4 .   ? 8.746   -13.085 9.163   1.00 33.52 ? 392 HOH B O   1 
HETATM 1672 O O   . HOH E 4 .   ? -17.166 0.060   0.344   1.00 15.14 ? 393 HOH B O   1 
HETATM 1673 O O   . HOH E 4 .   ? 15.386  -15.208 -0.812  1.00 16.47 ? 394 HOH B O   1 
HETATM 1674 O O   . HOH E 4 .   ? -0.326  2.740   -1.826  1.00 10.07 ? 395 HOH B O   1 
HETATM 1675 O O   . HOH E 4 .   ? 12.401  -10.161 13.575  1.00 22.86 ? 396 HOH B O   1 
HETATM 1676 O O   . HOH E 4 .   ? 6.895   -15.548 -12.484 1.00 35.58 ? 397 HOH B O   1 
HETATM 1677 O O   . HOH E 4 .   ? -16.788 0.353   3.084   1.00 12.70 ? 398 HOH B O   1 
HETATM 1678 O O   . HOH E 4 .   ? -14.412 -7.293  5.953   1.00 18.27 ? 399 HOH B O   1 
HETATM 1679 O O   . HOH E 4 .   ? 13.772  -14.542 -12.447 1.00 23.92 ? 400 HOH B O   1 
HETATM 1680 O O   . HOH E 4 .   ? -0.776  8.260   13.739  1.00 14.38 ? 401 HOH B O   1 
HETATM 1681 O O   . HOH E 4 .   ? 9.310   -15.905 -11.114 1.00 23.88 ? 402 HOH B O   1 
HETATM 1682 O O   . HOH E 4 .   ? -1.994  19.844  -2.379  1.00 23.53 ? 403 HOH B O   1 
HETATM 1683 O O   . HOH E 4 .   ? -19.266 6.575   1.751   1.00 19.00 ? 404 HOH B O   1 
HETATM 1684 O O   . HOH E 4 .   ? 0.073   22.127  1.954   1.00 25.97 ? 405 HOH B O   1 
HETATM 1685 O O   . HOH E 4 .   ? 9.970   18.977  2.580   1.00 20.72 ? 406 HOH B O   1 
HETATM 1686 O O   . HOH E 4 .   ? 6.700   19.847  0.649   1.00 32.26 ? 407 HOH B O   1 
HETATM 1687 O O   . HOH E 4 .   ? -5.862  -15.225 2.605   1.00 15.67 ? 408 HOH B O   1 
HETATM 1688 O O   . HOH E 4 .   ? -19.156 -1.846  -0.426  1.00 20.25 ? 409 HOH B O   1 
HETATM 1689 O O   . HOH E 4 .   ? 5.083   -6.825  -12.742 1.00 20.46 ? 410 HOH B O   1 
HETATM 1690 O O   . HOH E 4 .   ? 19.307  5.301   5.710   1.00 30.26 ? 411 HOH B O   1 
HETATM 1691 O O   . HOH E 4 .   ? -17.354 8.580   -0.417  1.00 28.73 ? 412 HOH B O   1 
HETATM 1692 O O   . HOH E 4 .   ? -3.006  -17.013 -8.600  1.00 13.20 ? 413 HOH B O   1 
HETATM 1693 O O   . HOH E 4 .   ? 2.120   13.569  -10.302 1.00 27.95 ? 414 HOH B O   1 
HETATM 1694 O O   . HOH E 4 .   ? 23.844  -9.173  -1.819  1.00 18.78 ? 415 HOH B O   1 
HETATM 1695 O O   . HOH E 4 .   ? 2.599   -7.289  -13.424 1.00 20.68 ? 416 HOH B O   1 
HETATM 1696 O O   . HOH E 4 .   ? 2.714   -10.258 4.414   1.00 30.08 ? 417 HOH B O   1 
HETATM 1697 O O   . HOH E 4 .   ? 5.560   17.155  -0.542  1.00 25.38 ? 418 HOH B O   1 
HETATM 1698 O O   . HOH E 4 .   ? 12.564  4.973   -8.599  1.00 32.82 ? 419 HOH B O   1 
HETATM 1699 O O   . HOH E 4 .   ? 7.715   -5.165  -18.054 1.00 27.19 ? 420 HOH B O   1 
HETATM 1700 O O   . HOH E 4 .   ? 9.316   12.804  -4.385  1.00 23.04 ? 421 HOH B O   1 
HETATM 1701 O O   . HOH E 4 .   ? 11.810  -18.841 11.051  1.00 40.08 ? 422 HOH B O   1 
HETATM 1702 O O   . HOH E 4 .   ? 14.521  -8.889  0.166   1.00 19.26 ? 423 HOH B O   1 
HETATM 1703 O O   . HOH E 4 .   ? -12.826 -10.605 -0.929  1.00 25.19 ? 424 HOH B O   1 
HETATM 1704 O O   . HOH E 4 .   ? 5.645   -1.795  -18.573 1.00 23.71 ? 425 HOH B O   1 
HETATM 1705 O O   . HOH E 4 .   ? -0.086  -13.131 2.361   1.00 12.34 ? 426 HOH B O   1 
HETATM 1706 O O   . HOH E 4 .   ? 0.608   -19.730 -8.484  1.00 17.95 ? 427 HOH B O   1 
HETATM 1707 O O   . HOH E 4 .   ? -5.601  -17.005 -10.010 1.00 30.08 ? 428 HOH B O   1 
HETATM 1708 O O   . HOH E 4 .   ? -20.216 6.992   -2.640  1.00 41.07 ? 429 HOH B O   1 
HETATM 1709 O O   . HOH E 4 .   ? -10.351 -12.881 -4.351  1.00 46.98 ? 430 HOH B O   1 
HETATM 1710 O O   . HOH E 4 .   ? -0.681  3.202   -15.623 1.00 33.65 ? 431 HOH B O   1 
HETATM 1711 O O   . HOH E 4 .   ? -14.585 -10.803 0.949   1.00 38.44 ? 432 HOH B O   1 
HETATM 1712 O O   . HOH E 4 .   ? -14.426 6.738   -7.290  1.00 24.67 ? 433 HOH B O   1 
HETATM 1713 O O   . HOH E 4 .   ? 10.478  3.257   12.628  1.00 31.80 ? 434 HOH B O   1 
HETATM 1714 O O   . HOH E 4 .   ? 15.070  -18.614 -4.084  0.50 20.92 ? 435 HOH B O   1 
HETATM 1715 O O   . HOH E 4 .   ? 1.206   24.001  3.592   1.00 23.24 ? 436 HOH B O   1 
HETATM 1716 O O   . HOH E 4 .   ? -11.209 -12.692 -0.704  1.00 25.81 ? 437 HOH B O   1 
HETATM 1717 O O   . HOH E 4 .   ? 7.977   2.201   -19.749 1.00 25.03 ? 438 HOH B O   1 
HETATM 1718 O O   . HOH E 4 .   ? -2.951  7.585   15.259  1.00 29.86 ? 439 HOH B O   1 
HETATM 1719 O O   . HOH E 4 .   ? -1.933  -11.626 8.862   1.00 43.90 ? 440 HOH B O   1 
HETATM 1720 O O   . HOH E 4 .   ? 2.924   -16.554 -11.034 1.00 24.90 ? 441 HOH B O   1 
HETATM 1721 O O   . HOH E 4 .   ? -3.147  -0.717  -15.480 1.00 35.74 ? 442 HOH B O   1 
HETATM 1722 O O   . HOH E 4 .   ? -12.095 12.942  6.349   1.00 25.01 ? 443 HOH B O   1 
HETATM 1723 O O   . HOH E 4 .   ? 22.335  -6.798  -10.535 1.00 34.99 ? 444 HOH B O   1 
HETATM 1724 O O   . HOH E 4 .   ? 19.657  -2.642  7.865   1.00 32.75 ? 445 HOH B O   1 
HETATM 1725 O O   . HOH E 4 .   ? -6.793  4.295   15.678  1.00 20.23 ? 446 HOH B O   1 
HETATM 1726 O O   . HOH E 4 .   ? -9.646  15.155  10.619  1.00 30.66 ? 447 HOH B O   1 
HETATM 1727 O O   . HOH E 4 .   ? -0.722  9.117   17.840  1.00 23.34 ? 448 HOH B O   1 
HETATM 1728 O O   . HOH E 4 .   ? 2.868   -11.874 6.583   1.00 25.10 ? 449 HOH B O   1 
# 
